data_4PHC
#
_entry.id   4PHC
#
_cell.length_a   89.087
_cell.length_b   92.993
_cell.length_c   261.083
_cell.angle_alpha   90.000
_cell.angle_beta   90.000
_cell.angle_gamma   90.000
#
_symmetry.space_group_name_H-M   'P 21 21 21'
#
loop_
_entity.id
_entity.type
_entity.pdbx_description
1 polymer 'Histidine--tRNA ligase, cytoplasmic'
2 non-polymer HISTIDINE
3 non-polymer GLYCEROL
4 water water
#
_entity_poly.entity_id   1
_entity_poly.type   'polypeptide(L)'
_entity_poly.pdbx_seq_one_letter_code
;MAERAALEELVKLQGERVRGLKQQKASAELIEEEVAKLLKLKAQLGPDESKQKFVLKTPKGTRDYSPRQMAVREKVFDVI
IRCFKRHGAEVIDTPVFELKETLMGKYGEDSKLIYDLKDQGGELLSLRYDLTVPFARYLAMNKLTNIKRYHIAKVYRRDN
PAMTRGRYREFYQCDFDIAGNFDPMIPDAECLKIMCEILSSLQIGDFLVKVNDRRILDGMFAICGVSDSKFRTICSSVDK
LDKVSWEEVKNEMVGEKGLAPEVADRIGDYVQQHGGVSLVEQLLQDPKLSQNKQALEGLGDLKLLFEYLTLFGIDDKISF
DLSLARGLDYYTGVIYEAVLLQTPAQAGEEPLGVGSVAAGGRYDGLVGMFDPKGRKVPCVGLSIGVERIFSIVEQRLEAL
EEKIRTTETQVLVASAQKKLLEERLKLVSELWDAGIKAELLYKKNPKLLNQLQYCEEAGIPLVAIIGEQELKDGVIKLRS
VTSREEVDVRREDLVEEIKRRTGQPLCIC
;
_entity_poly.pdbx_strand_id   A,B,C,D
#
loop_
_chem_comp.id
_chem_comp.type
_chem_comp.name
_chem_comp.formula
GOL non-polymer GLYCEROL 'C3 H8 O3'
#
# COMPACT_ATOMS: atom_id res chain seq x y z
N LYS A 53 -29.16 -9.12 -16.05
CA LYS A 53 -27.87 -8.93 -16.77
C LYS A 53 -26.86 -9.98 -16.35
N PHE A 54 -26.24 -10.64 -17.33
CA PHE A 54 -25.08 -11.50 -17.08
C PHE A 54 -23.80 -10.69 -17.25
N VAL A 55 -22.91 -10.80 -16.28
CA VAL A 55 -21.64 -10.03 -16.28
C VAL A 55 -20.38 -10.75 -16.84
N LEU A 56 -19.83 -10.25 -17.95
CA LEU A 56 -18.53 -10.73 -18.45
C LEU A 56 -17.40 -10.24 -17.57
N LYS A 57 -16.68 -11.18 -16.99
CA LYS A 57 -15.76 -10.85 -15.93
C LYS A 57 -14.82 -12.03 -15.64
N THR A 58 -13.55 -11.74 -15.31
CA THR A 58 -12.67 -12.77 -14.75
C THR A 58 -12.98 -12.85 -13.26
N PRO A 59 -12.73 -14.01 -12.65
CA PRO A 59 -13.02 -14.13 -11.22
C PRO A 59 -12.25 -13.11 -10.38
N LYS A 60 -12.86 -12.68 -9.27
CA LYS A 60 -12.27 -11.69 -8.35
C LYS A 60 -10.79 -11.98 -8.09
N GLY A 61 -9.96 -10.96 -8.26
CA GLY A 61 -8.52 -11.08 -8.02
C GLY A 61 -7.72 -11.86 -9.05
N THR A 62 -8.29 -12.02 -10.24
CA THR A 62 -7.56 -12.67 -11.32
C THR A 62 -7.65 -11.82 -12.56
N ARG A 63 -6.62 -11.87 -13.39
CA ARG A 63 -6.63 -11.17 -14.69
C ARG A 63 -6.12 -12.07 -15.82
N ASP A 64 -6.60 -11.76 -17.03
CA ASP A 64 -6.01 -12.29 -18.25
C ASP A 64 -4.62 -11.67 -18.41
N TYR A 65 -3.85 -12.17 -19.37
CA TYR A 65 -2.64 -11.50 -19.80
C TYR A 65 -2.84 -11.15 -21.26
N SER A 66 -2.81 -9.86 -21.58
CA SER A 66 -2.89 -9.42 -22.97
C SER A 66 -1.59 -9.78 -23.70
N PRO A 67 -1.60 -9.72 -25.04
CA PRO A 67 -0.35 -9.95 -25.77
C PRO A 67 0.79 -9.05 -25.29
N ARG A 68 0.49 -7.79 -25.03
CA ARG A 68 1.47 -6.84 -24.55
C ARG A 68 2.02 -7.26 -23.19
N GLN A 69 1.13 -7.71 -22.30
CA GLN A 69 1.54 -8.19 -20.98
C GLN A 69 2.34 -9.48 -21.04
N MET A 70 2.02 -10.34 -22.02
CA MET A 70 2.76 -11.56 -22.25
C MET A 70 4.19 -11.28 -22.74
N ALA A 71 4.34 -10.26 -23.57
CA ALA A 71 5.68 -9.86 -24.01
C ALA A 71 6.56 -9.51 -22.83
N VAL A 72 6.01 -8.73 -21.90
CA VAL A 72 6.70 -8.38 -20.65
C VAL A 72 6.97 -9.61 -19.79
N ARG A 73 5.97 -10.47 -19.66
CA ARG A 73 6.12 -11.69 -18.89
C ARG A 73 7.29 -12.53 -19.41
N GLU A 74 7.33 -12.77 -20.72
CA GLU A 74 8.41 -13.54 -21.35
C GLU A 74 9.76 -12.92 -21.04
N LYS A 75 9.85 -11.60 -21.05
CA LYS A 75 11.11 -10.91 -20.83
C LYS A 75 11.60 -11.09 -19.41
N VAL A 76 10.68 -11.05 -18.44
CA VAL A 76 11.04 -11.22 -17.04
C VAL A 76 11.40 -12.68 -16.75
N PHE A 77 10.55 -13.60 -17.18
CA PHE A 77 10.82 -15.02 -17.02
C PHE A 77 12.13 -15.43 -17.67
N ASP A 78 12.47 -14.81 -18.79
CA ASP A 78 13.70 -15.14 -19.49
C ASP A 78 14.94 -14.82 -18.65
N VAL A 79 14.93 -13.68 -17.98
CA VAL A 79 16.01 -13.32 -17.08
C VAL A 79 16.06 -14.30 -15.91
N ILE A 80 14.90 -14.59 -15.32
CA ILE A 80 14.83 -15.48 -14.16
C ILE A 80 15.31 -16.90 -14.50
N ILE A 81 14.78 -17.46 -15.58
CA ILE A 81 15.13 -18.82 -15.96
C ILE A 81 16.61 -18.93 -16.35
N ARG A 82 17.14 -17.94 -17.07
CA ARG A 82 18.57 -17.94 -17.40
C ARG A 82 19.44 -18.07 -16.17
N CYS A 83 19.01 -17.48 -15.06
CA CYS A 83 19.71 -17.57 -13.78
C CYS A 83 19.54 -18.93 -13.09
N PHE A 84 18.31 -19.45 -13.04
CA PHE A 84 18.07 -20.75 -12.44
C PHE A 84 18.89 -21.85 -13.13
N LYS A 85 18.99 -21.79 -14.45
CA LYS A 85 19.76 -22.74 -15.24
C LYS A 85 21.26 -22.61 -15.02
N ARG A 86 21.72 -21.38 -14.90
CA ARG A 86 23.10 -21.07 -14.60
C ARG A 86 23.59 -21.75 -13.31
N HIS A 87 22.65 -22.05 -12.41
CA HIS A 87 22.96 -22.68 -11.12
C HIS A 87 22.68 -24.19 -11.12
N GLY A 88 22.48 -24.75 -12.31
CA GLY A 88 22.35 -26.19 -12.48
C GLY A 88 21.07 -26.82 -11.99
N ALA A 89 19.97 -26.09 -12.02
CA ALA A 89 18.69 -26.62 -11.54
C ALA A 89 17.94 -27.40 -12.59
N GLU A 90 17.34 -28.50 -12.16
CA GLU A 90 16.33 -29.19 -12.96
C GLU A 90 15.02 -28.42 -12.87
N VAL A 91 14.08 -28.73 -13.74
CA VAL A 91 12.79 -28.10 -13.71
C VAL A 91 11.75 -29.19 -13.51
N ILE A 92 10.71 -28.88 -12.74
CA ILE A 92 9.54 -29.78 -12.65
C ILE A 92 8.26 -28.97 -12.81
N ASP A 93 7.15 -29.69 -12.86
CA ASP A 93 5.83 -29.09 -12.82
C ASP A 93 4.92 -30.07 -12.13
N THR A 94 3.91 -29.53 -11.44
CA THR A 94 2.99 -30.34 -10.67
C THR A 94 1.59 -29.95 -11.07
N PRO A 95 0.58 -30.75 -10.70
CA PRO A 95 -0.77 -30.36 -11.02
C PRO A 95 -1.20 -29.09 -10.27
N VAL A 96 -2.23 -28.42 -10.79
CA VAL A 96 -2.69 -27.14 -10.20
C VAL A 96 -3.35 -27.37 -8.86
N PHE A 97 -3.95 -28.55 -8.67
CA PHE A 97 -4.48 -28.93 -7.37
C PHE A 97 -3.74 -30.11 -6.74
N GLU A 98 -3.84 -30.20 -5.42
CA GLU A 98 -3.36 -31.33 -4.66
C GLU A 98 -4.55 -31.92 -3.94
N LEU A 99 -4.37 -33.04 -3.25
CA LEU A 99 -5.40 -33.54 -2.33
C LEU A 99 -5.55 -32.51 -1.23
N LYS A 100 -6.76 -32.33 -0.73
CA LYS A 100 -7.01 -31.35 0.32
C LYS A 100 -6.10 -31.58 1.53
N GLU A 101 -5.94 -32.84 1.90
CA GLU A 101 -5.15 -33.19 3.08
C GLU A 101 -3.66 -32.86 2.93
N THR A 102 -3.16 -32.87 1.70
CA THR A 102 -1.78 -32.52 1.41
C THR A 102 -1.41 -31.12 1.92
N LEU A 103 -2.31 -30.16 1.75
CA LEU A 103 -2.03 -28.76 2.08
C LEU A 103 -2.42 -28.33 3.49
N MET A 104 -3.29 -29.11 4.14
CA MET A 104 -3.70 -28.78 5.49
C MET A 104 -2.59 -29.03 6.50
N GLY A 105 -2.54 -28.20 7.55
CA GLY A 105 -1.61 -28.35 8.66
C GLY A 105 -0.15 -28.01 8.36
N LYS A 106 0.09 -27.19 7.33
CA LYS A 106 1.46 -26.85 6.90
C LYS A 106 1.79 -25.36 7.00
N TYR A 107 0.85 -24.53 6.52
CA TYR A 107 1.08 -23.08 6.40
C TYR A 107 0.88 -22.27 7.67
N GLY A 108 -0.03 -22.71 8.56
CA GLY A 108 -0.36 -21.96 9.77
C GLY A 108 -1.71 -21.32 9.63
N GLU A 109 -1.87 -20.12 10.22
CA GLU A 109 -3.14 -19.38 10.16
C GLU A 109 -3.58 -19.04 8.72
N ASP A 110 -2.60 -18.94 7.81
CA ASP A 110 -2.88 -18.70 6.39
C ASP A 110 -3.64 -19.85 5.70
N SER A 111 -3.68 -21.02 6.32
CA SER A 111 -4.47 -22.16 5.81
C SER A 111 -5.96 -21.82 5.57
N LYS A 112 -6.46 -20.77 6.23
CA LYS A 112 -7.84 -20.32 6.05
C LYS A 112 -8.12 -19.68 4.67
N LEU A 113 -7.08 -19.50 3.85
CA LEU A 113 -7.20 -18.82 2.55
C LEU A 113 -7.03 -19.76 1.35
N ILE A 114 -7.24 -21.05 1.54
CA ILE A 114 -7.05 -22.03 0.49
C ILE A 114 -8.34 -22.24 -0.31
N TYR A 115 -8.22 -22.35 -1.63
CA TYR A 115 -9.36 -22.65 -2.51
C TYR A 115 -9.63 -24.14 -2.53
N ASP A 116 -10.82 -24.55 -2.12
CA ASP A 116 -11.22 -25.96 -2.18
C ASP A 116 -12.06 -26.22 -3.41
N LEU A 117 -11.92 -27.42 -3.98
CA LEU A 117 -12.79 -27.83 -5.07
C LEU A 117 -14.05 -28.42 -4.50
N LYS A 118 -15.10 -28.44 -5.30
CA LYS A 118 -16.37 -28.97 -4.87
C LYS A 118 -16.24 -30.47 -4.64
N ASP A 119 -16.94 -30.96 -3.62
CA ASP A 119 -17.08 -32.40 -3.39
C ASP A 119 -18.05 -32.91 -4.44
N GLN A 120 -17.51 -33.52 -5.47
CA GLN A 120 -18.31 -34.02 -6.58
C GLN A 120 -18.39 -35.56 -6.58
N GLY A 121 -18.26 -36.16 -5.39
CA GLY A 121 -18.35 -37.60 -5.24
C GLY A 121 -17.00 -38.29 -5.08
N GLY A 122 -15.94 -37.67 -5.60
CA GLY A 122 -14.62 -38.29 -5.59
C GLY A 122 -13.74 -37.85 -4.43
N GLU A 123 -12.53 -37.41 -4.74
CA GLU A 123 -11.56 -36.99 -3.74
C GLU A 123 -11.82 -35.54 -3.36
N LEU A 124 -11.38 -35.14 -2.19
CA LEU A 124 -11.41 -33.73 -1.81
C LEU A 124 -10.11 -33.08 -2.26
N LEU A 125 -10.23 -32.07 -3.11
CA LEU A 125 -9.05 -31.41 -3.69
C LEU A 125 -8.99 -29.92 -3.35
N SER A 126 -7.79 -29.35 -3.49
CA SER A 126 -7.54 -27.94 -3.19
C SER A 126 -6.52 -27.37 -4.18
N LEU A 127 -6.70 -26.12 -4.58
CA LEU A 127 -5.72 -25.44 -5.42
C LEU A 127 -4.46 -25.12 -4.61
N ARG A 128 -3.30 -25.29 -5.22
CA ARG A 128 -2.05 -25.10 -4.51
C ARG A 128 -1.88 -23.66 -4.03
N TYR A 129 -1.51 -23.52 -2.77
CA TYR A 129 -1.35 -22.21 -2.14
C TYR A 129 0.05 -21.69 -2.39
N ASP A 130 1.00 -22.60 -2.58
CA ASP A 130 2.36 -22.23 -2.99
C ASP A 130 2.99 -23.39 -3.72
N LEU A 131 4.28 -23.28 -4.02
CA LEU A 131 4.97 -24.33 -4.77
C LEU A 131 5.82 -25.25 -3.89
N THR A 132 6.10 -24.80 -2.66
CA THR A 132 6.98 -25.51 -1.74
C THR A 132 6.34 -26.77 -1.17
N VAL A 133 5.09 -26.69 -0.75
CA VAL A 133 4.42 -27.87 -0.21
C VAL A 133 4.26 -28.97 -1.28
N PRO A 134 3.79 -28.63 -2.49
CA PRO A 134 3.88 -29.60 -3.58
C PRO A 134 5.28 -30.18 -3.79
N PHE A 135 6.33 -29.37 -3.66
CA PHE A 135 7.71 -29.84 -3.80
C PHE A 135 8.01 -30.90 -2.75
N ALA A 136 7.68 -30.62 -1.49
CA ALA A 136 7.89 -31.56 -0.41
C ALA A 136 7.14 -32.87 -0.63
N ARG A 137 5.95 -32.76 -1.22
CA ARG A 137 5.14 -33.94 -1.54
C ARG A 137 5.78 -34.74 -2.68
N TYR A 138 6.28 -34.04 -3.68
CA TYR A 138 7.00 -34.66 -4.79
C TYR A 138 8.21 -35.45 -4.29
N LEU A 139 8.99 -34.84 -3.40
CA LEU A 139 10.13 -35.50 -2.82
C LEU A 139 9.73 -36.79 -2.10
N ALA A 140 8.80 -36.68 -1.16
CA ALA A 140 8.43 -37.77 -0.28
C ALA A 140 7.80 -38.92 -1.05
N MET A 141 6.90 -38.60 -1.96
CA MET A 141 6.24 -39.58 -2.82
C MET A 141 7.24 -40.37 -3.67
N ASN A 142 8.23 -39.70 -4.22
CA ASN A 142 9.25 -40.35 -5.04
C ASN A 142 10.46 -40.84 -4.25
N LYS A 143 10.43 -40.65 -2.93
CA LYS A 143 11.50 -41.11 -2.03
C LYS A 143 12.87 -40.51 -2.37
N LEU A 144 12.89 -39.23 -2.74
CA LEU A 144 14.13 -38.53 -3.08
C LEU A 144 14.72 -37.80 -1.88
N THR A 145 16.04 -37.77 -1.81
CA THR A 145 16.74 -37.06 -0.73
C THR A 145 17.55 -35.88 -1.24
N ASN A 146 17.80 -35.82 -2.53
CA ASN A 146 18.70 -34.84 -3.10
C ASN A 146 18.21 -34.40 -4.46
N ILE A 147 17.82 -33.14 -4.56
CA ILE A 147 17.37 -32.56 -5.82
C ILE A 147 17.40 -31.05 -5.73
N LYS A 148 17.73 -30.42 -6.86
CA LYS A 148 17.81 -28.98 -6.95
C LYS A 148 16.96 -28.59 -8.15
N ARG A 149 15.79 -28.02 -7.89
CA ARG A 149 14.82 -27.76 -8.96
C ARG A 149 14.31 -26.35 -8.95
N TYR A 150 13.88 -25.86 -10.12
CA TYR A 150 13.14 -24.61 -10.20
C TYR A 150 11.77 -24.90 -10.75
N HIS A 151 10.80 -24.06 -10.37
CA HIS A 151 9.40 -24.27 -10.73
C HIS A 151 8.73 -22.90 -10.89
N ILE A 152 8.16 -22.66 -12.06
CA ILE A 152 7.52 -21.39 -12.34
C ILE A 152 6.09 -21.67 -12.71
N ALA A 153 5.17 -21.24 -11.84
CA ALA A 153 3.77 -21.58 -11.99
C ALA A 153 2.89 -20.67 -11.13
N LYS A 154 1.60 -20.69 -11.43
CA LYS A 154 0.63 -19.88 -10.70
C LYS A 154 0.24 -20.55 -9.39
N VAL A 155 -0.07 -19.73 -8.39
CA VAL A 155 -0.57 -20.20 -7.09
C VAL A 155 -1.86 -19.46 -6.72
N TYR A 156 -2.57 -19.99 -5.73
CA TYR A 156 -3.97 -19.65 -5.50
C TYR A 156 -4.26 -19.37 -4.04
N ARG A 157 -4.66 -18.14 -3.74
CA ARG A 157 -4.90 -17.69 -2.38
C ARG A 157 -6.11 -16.79 -2.33
N ARG A 158 -7.06 -17.09 -1.44
CA ARG A 158 -8.25 -16.27 -1.25
C ARG A 158 -7.95 -15.06 -0.38
N ASP A 159 -7.11 -14.15 -0.89
CA ASP A 159 -6.75 -12.95 -0.13
C ASP A 159 -7.85 -11.90 -0.19
N ASN A 160 -7.75 -10.91 0.68
CA ASN A 160 -8.66 -9.76 0.68
C ASN A 160 -7.93 -8.48 1.02
N PRO A 161 -6.99 -8.06 0.16
CA PRO A 161 -6.21 -6.86 0.48
C PRO A 161 -6.99 -5.59 0.18
N ALA A 162 -6.54 -4.49 0.76
CA ALA A 162 -7.17 -3.18 0.56
C ALA A 162 -7.07 -2.73 -0.89
N MET A 163 -5.95 -3.05 -1.53
CA MET A 163 -5.75 -2.76 -2.93
C MET A 163 -6.22 -3.93 -3.80
N THR A 164 -7.24 -3.64 -4.62
CA THR A 164 -7.87 -4.63 -5.48
C THR A 164 -7.37 -4.60 -6.93
N ARG A 165 -6.44 -3.70 -7.25
CA ARG A 165 -5.83 -3.67 -8.59
C ARG A 165 -4.93 -4.89 -8.76
N GLY A 166 -4.92 -5.46 -9.96
CA GLY A 166 -3.99 -6.53 -10.32
C GLY A 166 -4.40 -7.93 -9.89
N ARG A 167 -3.43 -8.85 -9.97
CA ARG A 167 -3.68 -10.27 -9.75
C ARG A 167 -3.28 -10.67 -8.34
N TYR A 168 -4.23 -10.60 -7.40
CA TYR A 168 -3.91 -10.84 -6.00
C TYR A 168 -4.38 -12.20 -5.45
N ARG A 169 -5.18 -12.92 -6.22
CA ARG A 169 -5.60 -14.27 -5.85
C ARG A 169 -5.02 -15.37 -6.73
N GLU A 170 -4.69 -15.06 -7.97
CA GLU A 170 -3.95 -15.96 -8.84
C GLU A 170 -2.75 -15.22 -9.35
N PHE A 171 -1.56 -15.64 -8.93
CA PHE A 171 -0.33 -14.99 -9.34
C PHE A 171 0.81 -15.98 -9.48
N TYR A 172 1.77 -15.65 -10.33
CA TYR A 172 2.94 -16.48 -10.53
C TYR A 172 3.93 -16.39 -9.38
N GLN A 173 4.54 -17.53 -9.08
CA GLN A 173 5.74 -17.60 -8.24
C GLN A 173 6.83 -18.26 -9.07
N CYS A 174 8.07 -17.79 -8.89
CA CYS A 174 9.23 -18.39 -9.53
C CYS A 174 10.14 -18.92 -8.44
N ASP A 175 10.08 -20.24 -8.22
CA ASP A 175 10.77 -20.87 -7.12
C ASP A 175 12.04 -21.60 -7.52
N PHE A 176 12.99 -21.59 -6.60
CA PHE A 176 14.23 -22.35 -6.72
C PHE A 176 14.47 -22.94 -5.32
N ASP A 177 14.75 -24.23 -5.26
CA ASP A 177 14.86 -24.92 -3.99
C ASP A 177 15.95 -26.00 -4.06
N ILE A 178 16.76 -26.09 -3.00
CA ILE A 178 17.80 -27.12 -2.90
C ILE A 178 17.49 -28.05 -1.73
N ALA A 179 17.27 -29.34 -2.04
CA ALA A 179 16.97 -30.35 -1.02
C ALA A 179 18.14 -31.30 -0.88
N GLY A 180 18.53 -31.60 0.36
CA GLY A 180 19.65 -32.52 0.62
C GLY A 180 20.46 -32.27 1.87
N ASN A 181 21.16 -33.30 2.32
CA ASN A 181 22.07 -33.20 3.46
C ASN A 181 23.42 -32.78 2.95
N PHE A 182 23.73 -31.52 3.17
CA PHE A 182 24.96 -30.96 2.69
C PHE A 182 25.69 -30.30 3.86
N ASP A 183 26.85 -29.74 3.59
CA ASP A 183 27.55 -29.03 4.64
C ASP A 183 26.82 -27.73 4.94
N PRO A 184 27.01 -27.18 6.15
CA PRO A 184 26.23 -26.04 6.58
C PRO A 184 26.35 -24.78 5.71
N MET A 185 25.20 -24.17 5.41
CA MET A 185 25.09 -22.80 4.90
C MET A 185 25.53 -22.55 3.47
N ILE A 186 26.04 -23.56 2.78
CA ILE A 186 26.52 -23.33 1.40
C ILE A 186 25.33 -23.15 0.47
N PRO A 187 24.36 -24.08 0.50
CA PRO A 187 23.17 -23.89 -0.35
C PRO A 187 22.35 -22.67 0.06
N ASP A 188 22.32 -22.40 1.37
CA ASP A 188 21.62 -21.23 1.90
C ASP A 188 22.20 -19.97 1.28
N ALA A 189 23.53 -19.89 1.25
CA ALA A 189 24.23 -18.75 0.63
C ALA A 189 24.00 -18.64 -0.88
N GLU A 190 23.88 -19.77 -1.56
CA GLU A 190 23.65 -19.75 -3.00
C GLU A 190 22.28 -19.18 -3.33
N CYS A 191 21.27 -19.50 -2.51
CA CYS A 191 19.93 -18.96 -2.70
C CYS A 191 19.93 -17.43 -2.65
N LEU A 192 20.64 -16.88 -1.68
CA LEU A 192 20.77 -15.44 -1.58
C LEU A 192 21.51 -14.82 -2.79
N LYS A 193 22.49 -15.54 -3.33
CA LYS A 193 23.21 -15.12 -4.52
C LYS A 193 22.28 -15.10 -5.72
N ILE A 194 21.43 -16.10 -5.83
CA ILE A 194 20.44 -16.15 -6.90
C ILE A 194 19.45 -14.97 -6.86
N MET A 195 18.96 -14.64 -5.66
CA MET A 195 18.08 -13.48 -5.50
C MET A 195 18.74 -12.18 -5.98
N CYS A 196 20.00 -11.98 -5.59
CA CYS A 196 20.73 -10.76 -5.95
C CYS A 196 21.10 -10.71 -7.44
N GLU A 197 21.42 -11.87 -8.04
CA GLU A 197 21.67 -11.92 -9.48
C GLU A 197 20.42 -11.48 -10.24
N ILE A 198 19.29 -12.06 -9.88
CA ILE A 198 18.04 -11.81 -10.56
C ILE A 198 17.57 -10.37 -10.43
N LEU A 199 17.52 -9.87 -9.20
CA LEU A 199 17.00 -8.52 -8.97
C LEU A 199 17.87 -7.47 -9.63
N SER A 200 19.18 -7.68 -9.62
CA SER A 200 20.10 -6.83 -10.39
C SER A 200 19.85 -6.88 -11.89
N SER A 201 19.66 -8.08 -12.44
CA SER A 201 19.54 -8.25 -13.89
C SER A 201 18.24 -7.69 -14.45
N LEU A 202 17.17 -7.74 -13.66
CA LEU A 202 15.88 -7.20 -14.07
C LEU A 202 15.90 -5.69 -14.19
N GLN A 203 16.85 -5.06 -13.50
CA GLN A 203 17.05 -3.60 -13.56
C GLN A 203 15.78 -2.89 -13.16
N ILE A 204 15.39 -3.10 -11.90
CA ILE A 204 14.17 -2.56 -11.36
C ILE A 204 14.49 -1.65 -10.19
N GLY A 205 15.67 -1.04 -10.24
CA GLY A 205 16.12 -0.16 -9.19
C GLY A 205 16.81 -0.91 -8.08
N ASP A 206 17.30 -0.17 -7.11
CA ASP A 206 18.10 -0.74 -6.06
C ASP A 206 17.22 -1.51 -5.05
N PHE A 207 17.82 -2.51 -4.42
CA PHE A 207 17.12 -3.40 -3.51
C PHE A 207 17.99 -3.77 -2.33
N LEU A 208 17.37 -4.41 -1.35
CA LEU A 208 18.02 -4.84 -0.12
C LEU A 208 17.41 -6.16 0.31
N VAL A 209 18.21 -7.07 0.86
CA VAL A 209 17.71 -8.35 1.31
C VAL A 209 17.86 -8.50 2.81
N LYS A 210 16.73 -8.55 3.50
CA LYS A 210 16.70 -8.70 4.96
C LYS A 210 16.85 -10.18 5.31
N VAL A 211 17.59 -10.48 6.37
CA VAL A 211 17.93 -11.86 6.76
C VAL A 211 17.80 -12.05 8.26
N ASN A 212 17.32 -13.23 8.65
CA ASN A 212 17.19 -13.60 10.04
C ASN A 212 17.16 -15.12 10.13
N ASP A 213 17.08 -15.66 11.35
CA ASP A 213 16.95 -17.08 11.56
C ASP A 213 15.85 -17.30 12.59
N ARG A 214 14.99 -18.31 12.36
CA ARG A 214 13.86 -18.58 13.26
C ARG A 214 14.31 -18.98 14.67
N ARG A 215 15.52 -19.55 14.77
CA ARG A 215 16.08 -19.94 16.06
C ARG A 215 16.48 -18.73 16.89
N ILE A 216 17.03 -17.72 16.22
CA ILE A 216 17.40 -16.46 16.86
C ILE A 216 16.14 -15.78 17.40
N LEU A 217 15.12 -15.73 16.55
CA LEU A 217 13.85 -15.09 16.85
C LEU A 217 13.15 -15.74 18.03
N ASP A 218 13.06 -17.06 18.02
CA ASP A 218 12.36 -17.80 19.08
C ASP A 218 13.17 -17.86 20.38
N GLY A 219 14.50 -17.87 20.26
CA GLY A 219 15.37 -17.76 21.44
C GLY A 219 15.32 -16.38 22.10
N MET A 220 15.15 -15.37 21.28
CA MET A 220 15.06 -14.00 21.75
C MET A 220 13.77 -13.71 22.55
N PHE A 221 12.63 -14.27 22.12
CA PHE A 221 11.40 -14.13 22.93
C PHE A 221 11.55 -14.76 24.30
N ALA A 222 12.25 -15.90 24.34
CA ALA A 222 12.43 -16.66 25.57
C ALA A 222 13.20 -15.87 26.60
N ILE A 223 14.34 -15.31 26.20
CA ILE A 223 15.13 -14.49 27.12
C ILE A 223 14.38 -13.22 27.55
N CYS A 224 13.55 -12.64 26.67
CA CYS A 224 12.76 -11.44 27.01
C CYS A 224 11.60 -11.76 27.95
N GLY A 225 11.24 -13.03 28.01
CA GLY A 225 10.31 -13.52 29.02
C GLY A 225 8.94 -13.85 28.47
N VAL A 226 8.86 -14.17 27.18
CA VAL A 226 7.60 -14.55 26.58
C VAL A 226 7.45 -16.04 26.78
N SER A 227 6.28 -16.47 27.25
CA SER A 227 6.03 -17.89 27.44
C SER A 227 5.94 -18.62 26.10
N ASP A 228 6.34 -19.89 26.08
CA ASP A 228 6.34 -20.70 24.84
C ASP A 228 4.95 -20.69 24.14
N SER A 229 3.88 -20.59 24.94
CA SER A 229 2.45 -20.38 24.55
C SER A 229 2.22 -19.28 23.51
N LYS A 230 2.96 -18.19 23.66
CA LYS A 230 2.72 -16.99 22.88
C LYS A 230 3.70 -16.76 21.72
N PHE A 231 4.64 -17.67 21.50
CA PHE A 231 5.63 -17.50 20.43
C PHE A 231 4.98 -17.19 19.09
N ARG A 232 3.89 -17.87 18.76
CA ARG A 232 3.22 -17.69 17.45
C ARG A 232 2.50 -16.33 17.34
N THR A 233 1.82 -15.90 18.40
CA THR A 233 1.03 -14.65 18.36
C THR A 233 1.93 -13.41 18.45
N ILE A 234 3.03 -13.52 19.20
CA ILE A 234 4.00 -12.43 19.33
C ILE A 234 4.86 -12.33 18.07
N CYS A 235 5.23 -13.48 17.51
CA CYS A 235 5.94 -13.54 16.24
C CYS A 235 5.10 -12.89 15.14
N SER A 236 3.78 -13.05 15.25
CA SER A 236 2.81 -12.45 14.32
C SER A 236 2.76 -10.92 14.40
N SER A 237 2.87 -10.39 15.61
CA SER A 237 2.94 -8.93 15.82
C SER A 237 4.24 -8.33 15.29
N VAL A 238 5.35 -9.05 15.46
CA VAL A 238 6.64 -8.61 14.98
C VAL A 238 6.72 -8.60 13.44
N ASP A 239 5.96 -9.49 12.79
CA ASP A 239 5.89 -9.54 11.32
C ASP A 239 5.28 -8.25 10.74
N LYS A 240 4.48 -7.53 11.54
CA LYS A 240 3.87 -6.27 11.12
C LYS A 240 4.85 -5.07 11.05
N LEU A 241 6.06 -5.23 11.58
CA LEU A 241 7.03 -4.11 11.65
C LEU A 241 7.54 -3.58 10.32
N ASP A 242 7.31 -4.33 9.25
CA ASP A 242 7.60 -3.80 7.91
C ASP A 242 6.54 -2.80 7.42
N LYS A 243 5.36 -2.79 8.04
CA LYS A 243 4.28 -1.85 7.68
C LYS A 243 3.93 -0.80 8.74
N VAL A 244 4.14 -1.12 10.03
CA VAL A 244 3.75 -0.20 11.11
C VAL A 244 4.92 0.16 12.03
N SER A 245 4.71 1.20 12.84
CA SER A 245 5.71 1.66 13.80
C SER A 245 5.94 0.62 14.91
N TRP A 246 7.05 0.78 15.63
CA TRP A 246 7.34 -0.04 16.80
C TRP A 246 6.32 0.24 17.92
N GLU A 247 6.01 1.50 18.11
CA GLU A 247 5.03 1.90 19.12
C GLU A 247 3.68 1.23 18.90
N GLU A 248 3.24 1.13 17.64
CA GLU A 248 1.92 0.55 17.38
C GLU A 248 1.92 -0.94 17.67
N VAL A 249 3.01 -1.60 17.29
CA VAL A 249 3.21 -3.01 17.59
C VAL A 249 3.28 -3.24 19.09
N LYS A 250 4.18 -2.51 19.75
CA LYS A 250 4.31 -2.56 21.23
C LYS A 250 2.97 -2.39 21.95
N ASN A 251 2.13 -1.50 21.42
CA ASN A 251 0.80 -1.29 22.00
C ASN A 251 -0.15 -2.47 21.74
N GLU A 252 -0.01 -3.09 20.58
CA GLU A 252 -0.74 -4.31 20.28
C GLU A 252 -0.33 -5.47 21.21
N MET A 253 0.97 -5.61 21.47
CA MET A 253 1.48 -6.71 22.32
C MET A 253 1.03 -6.53 23.78
N VAL A 254 1.04 -5.29 24.27
CA VAL A 254 0.69 -4.99 25.66
C VAL A 254 -0.82 -4.97 25.90
N GLY A 255 -1.51 -4.14 25.13
CA GLY A 255 -2.94 -3.90 25.34
C GLY A 255 -3.85 -5.02 24.86
N GLU A 256 -3.55 -5.57 23.68
CA GLU A 256 -4.43 -6.54 23.03
C GLU A 256 -3.99 -8.00 23.27
N LYS A 257 -2.70 -8.29 23.16
CA LYS A 257 -2.19 -9.67 23.33
C LYS A 257 -1.68 -9.98 24.76
N GLY A 258 -1.83 -9.00 25.66
CA GLY A 258 -1.63 -9.25 27.10
C GLY A 258 -0.22 -9.33 27.64
N LEU A 259 0.76 -8.86 26.88
CA LEU A 259 2.14 -8.84 27.33
C LEU A 259 2.38 -7.76 28.41
N ALA A 260 3.43 -7.95 29.21
CA ALA A 260 3.82 -6.95 30.19
C ALA A 260 4.58 -5.85 29.45
N PRO A 261 4.55 -4.60 29.98
CA PRO A 261 5.30 -3.54 29.31
C PRO A 261 6.80 -3.82 29.29
N GLU A 262 7.33 -4.25 30.43
CA GLU A 262 8.77 -4.48 30.62
C GLU A 262 9.37 -5.47 29.59
N VAL A 263 8.62 -6.52 29.22
CA VAL A 263 9.14 -7.55 28.30
C VAL A 263 9.01 -7.09 26.86
N ALA A 264 7.99 -6.30 26.56
CA ALA A 264 7.83 -5.71 25.23
C ALA A 264 8.98 -4.74 24.96
N ASP A 265 9.35 -3.97 25.98
CA ASP A 265 10.52 -3.10 25.90
C ASP A 265 11.76 -3.91 25.57
N ARG A 266 11.95 -5.03 26.27
CA ARG A 266 13.12 -5.91 26.05
C ARG A 266 13.14 -6.45 24.62
N ILE A 267 11.97 -6.81 24.10
CA ILE A 267 11.85 -7.26 22.71
C ILE A 267 12.28 -6.15 21.75
N GLY A 268 11.93 -4.91 22.05
CA GLY A 268 12.35 -3.76 21.25
C GLY A 268 13.84 -3.57 21.15
N ASP A 269 14.57 -3.83 22.23
CA ASP A 269 16.01 -3.68 22.25
C ASP A 269 16.67 -4.58 21.22
N TYR A 270 16.04 -5.72 20.92
CA TYR A 270 16.54 -6.61 19.87
C TYR A 270 15.92 -6.30 18.51
N VAL A 271 14.61 -6.27 18.46
CA VAL A 271 13.86 -6.12 17.21
C VAL A 271 14.21 -4.86 16.37
N GLN A 272 14.44 -3.73 17.04
CA GLN A 272 14.79 -2.47 16.38
C GLN A 272 16.15 -2.54 15.75
N GLN A 273 16.95 -3.55 16.12
CA GLN A 273 18.30 -3.64 15.60
C GLN A 273 18.33 -4.28 14.23
N HIS A 274 19.16 -3.68 13.41
CA HIS A 274 19.50 -4.25 12.13
C HIS A 274 20.87 -3.74 11.71
N GLY A 275 21.58 -4.56 10.95
CA GLY A 275 22.88 -4.17 10.44
C GLY A 275 23.48 -5.28 9.60
N GLY A 276 24.80 -5.34 9.56
CA GLY A 276 25.52 -6.40 8.87
C GLY A 276 26.19 -7.36 9.84
N VAL A 277 27.27 -7.98 9.39
CA VAL A 277 28.00 -8.98 10.18
C VAL A 277 28.43 -8.51 11.59
N SER A 278 28.71 -7.21 11.76
CA SER A 278 29.12 -6.73 13.08
C SER A 278 28.03 -6.93 14.12
N LEU A 279 26.78 -6.84 13.69
CA LEU A 279 25.65 -7.09 14.59
C LEU A 279 25.61 -8.54 15.06
N VAL A 280 25.98 -9.47 14.18
CA VAL A 280 26.00 -10.87 14.53
C VAL A 280 27.04 -11.09 15.63
N GLU A 281 28.23 -10.52 15.44
CA GLU A 281 29.31 -10.62 16.43
C GLU A 281 28.88 -9.97 17.74
N GLN A 282 28.21 -8.83 17.64
CA GLN A 282 27.69 -8.14 18.82
C GLN A 282 26.79 -9.08 19.63
N LEU A 283 25.80 -9.66 18.98
CA LEU A 283 24.84 -10.55 19.66
C LEU A 283 25.48 -11.84 20.20
N LEU A 284 26.54 -12.32 19.56
CA LEU A 284 27.30 -13.46 20.09
C LEU A 284 27.95 -13.13 21.43
N GLN A 285 28.42 -11.88 21.57
CA GLN A 285 28.98 -11.40 22.83
C GLN A 285 27.92 -10.87 23.79
N ASP A 286 26.64 -11.12 23.50
CA ASP A 286 25.55 -10.67 24.36
C ASP A 286 25.47 -11.60 25.55
N PRO A 287 25.48 -11.03 26.79
CA PRO A 287 25.53 -11.91 27.96
C PRO A 287 24.28 -12.79 28.13
N LYS A 288 23.09 -12.25 27.87
CA LYS A 288 21.82 -12.97 28.09
C LYS A 288 21.50 -13.96 26.98
N LEU A 289 21.60 -13.48 25.75
CA LEU A 289 21.25 -14.26 24.57
C LEU A 289 22.21 -15.42 24.29
N SER A 290 23.48 -15.25 24.69
CA SER A 290 24.48 -16.31 24.53
C SER A 290 24.19 -17.56 25.36
N GLN A 291 23.34 -17.44 26.37
CA GLN A 291 22.99 -18.57 27.23
C GLN A 291 21.87 -19.44 26.63
N ASN A 292 21.23 -18.96 25.57
CA ASN A 292 20.21 -19.73 24.85
C ASN A 292 20.88 -20.52 23.73
N LYS A 293 20.88 -21.84 23.83
CA LYS A 293 21.59 -22.68 22.87
C LYS A 293 21.00 -22.56 21.46
N GLN A 294 19.68 -22.50 21.39
CA GLN A 294 18.96 -22.39 20.12
C GLN A 294 19.41 -21.15 19.34
N ALA A 295 19.36 -19.99 19.99
CA ALA A 295 19.77 -18.73 19.37
C ALA A 295 21.25 -18.72 19.02
N LEU A 296 22.07 -19.26 19.92
CA LEU A 296 23.51 -19.34 19.71
C LEU A 296 23.88 -20.08 18.41
N GLU A 297 23.17 -21.17 18.12
CA GLU A 297 23.41 -21.92 16.88
C GLU A 297 23.02 -21.13 15.64
N GLY A 298 21.88 -20.46 15.72
CA GLY A 298 21.41 -19.62 14.61
C GLY A 298 22.34 -18.47 14.29
N LEU A 299 22.86 -17.81 15.32
CA LEU A 299 23.86 -16.76 15.15
C LEU A 299 25.16 -17.31 14.56
N GLY A 300 25.59 -18.48 15.03
CA GLY A 300 26.77 -19.13 14.50
C GLY A 300 26.63 -19.43 13.03
N ASP A 301 25.45 -19.86 12.62
CA ASP A 301 25.19 -20.15 11.22
C ASP A 301 25.14 -18.88 10.38
N LEU A 302 24.62 -17.79 10.92
CA LEU A 302 24.64 -16.52 10.19
C LEU A 302 26.06 -15.98 10.04
N LYS A 303 26.89 -16.13 11.07
CA LYS A 303 28.32 -15.80 10.97
C LYS A 303 28.96 -16.50 9.77
N LEU A 304 28.65 -17.79 9.63
CA LEU A 304 29.16 -18.56 8.52
C LEU A 304 28.56 -18.12 7.18
N LEU A 305 27.27 -17.78 7.20
CA LEU A 305 26.59 -17.27 6.02
C LEU A 305 27.28 -16.01 5.47
N PHE A 306 27.58 -15.05 6.34
CA PHE A 306 28.21 -13.81 5.91
C PHE A 306 29.61 -14.01 5.31
N GLU A 307 30.34 -15.01 5.79
CA GLU A 307 31.61 -15.38 5.20
C GLU A 307 31.43 -15.80 3.72
N TYR A 308 30.45 -16.66 3.46
CA TYR A 308 30.17 -17.12 2.12
C TYR A 308 29.54 -16.02 1.25
N LEU A 309 28.71 -15.17 1.83
CA LEU A 309 28.12 -14.06 1.07
C LEU A 309 29.18 -13.09 0.59
N THR A 310 30.18 -12.84 1.43
CA THR A 310 31.30 -11.98 1.05
C THR A 310 32.05 -12.56 -0.15
N LEU A 311 32.28 -13.86 -0.14
CA LEU A 311 32.97 -14.53 -1.24
C LEU A 311 32.16 -14.50 -2.53
N PHE A 312 30.84 -14.48 -2.40
CA PHE A 312 29.95 -14.35 -3.54
C PHE A 312 29.82 -12.89 -3.98
N GLY A 313 30.43 -11.97 -3.24
CA GLY A 313 30.42 -10.55 -3.59
C GLY A 313 29.08 -9.86 -3.39
N ILE A 314 28.32 -10.28 -2.39
CA ILE A 314 27.02 -9.68 -2.13
C ILE A 314 26.76 -9.38 -0.66
N ASP A 315 27.80 -9.43 0.17
CA ASP A 315 27.63 -9.12 1.59
C ASP A 315 27.08 -7.69 1.78
N ASP A 316 27.43 -6.78 0.88
CA ASP A 316 26.92 -5.40 0.92
C ASP A 316 25.41 -5.27 0.70
N LYS A 317 24.78 -6.28 0.11
CA LYS A 317 23.34 -6.25 -0.18
C LYS A 317 22.46 -6.85 0.91
N ILE A 318 23.06 -7.30 2.01
CA ILE A 318 22.32 -8.05 3.04
C ILE A 318 22.22 -7.28 4.35
N SER A 319 21.00 -7.24 4.89
CA SER A 319 20.76 -6.65 6.19
C SER A 319 20.28 -7.72 7.19
N PHE A 320 21.08 -7.98 8.21
CA PHE A 320 20.67 -8.84 9.29
C PHE A 320 19.70 -8.00 10.10
N ASP A 321 18.42 -8.36 10.01
CA ASP A 321 17.33 -7.58 10.58
C ASP A 321 16.53 -8.46 11.53
N LEU A 322 16.46 -8.06 12.79
CA LEU A 322 15.80 -8.90 13.80
C LEU A 322 14.30 -8.77 13.78
N SER A 323 13.81 -7.76 13.08
CA SER A 323 12.39 -7.54 12.98
C SER A 323 11.78 -8.50 11.94
N LEU A 324 12.57 -9.11 11.06
CA LEU A 324 12.09 -10.09 10.05
C LEU A 324 11.68 -11.44 10.67
N ALA A 325 10.40 -11.76 10.52
CA ALA A 325 9.87 -13.11 10.74
C ALA A 325 8.89 -13.35 9.60
N ARG A 326 8.98 -14.48 8.92
CA ARG A 326 8.13 -14.72 7.75
C ARG A 326 6.70 -15.12 8.15
N GLY A 327 5.79 -15.26 7.18
CA GLY A 327 4.37 -15.58 7.44
C GLY A 327 3.97 -17.06 7.53
N LEU A 328 4.92 -17.95 7.24
CA LEU A 328 4.62 -19.38 7.11
C LEU A 328 5.28 -20.15 8.24
N ASP A 329 4.57 -21.17 8.73
CA ASP A 329 5.00 -21.92 9.90
C ASP A 329 6.20 -22.83 9.66
N TYR A 330 6.46 -23.21 8.42
CA TYR A 330 7.40 -24.31 8.17
C TYR A 330 8.91 -23.97 8.19
N TYR A 331 9.27 -22.70 8.37
CA TYR A 331 10.69 -22.32 8.37
C TYR A 331 11.38 -22.69 9.69
N THR A 332 12.60 -23.20 9.59
CA THR A 332 13.35 -23.70 10.73
C THR A 332 14.72 -23.02 10.95
N GLY A 333 15.36 -22.63 9.85
CA GLY A 333 16.65 -21.94 9.91
C GLY A 333 16.56 -20.52 9.36
N VAL A 334 17.39 -20.23 8.36
CA VAL A 334 17.42 -18.86 7.82
C VAL A 334 16.10 -18.52 7.17
N ILE A 335 15.82 -17.23 7.15
CA ILE A 335 14.68 -16.69 6.46
C ILE A 335 15.12 -15.35 5.87
N TYR A 336 14.50 -14.94 4.77
CA TYR A 336 14.85 -13.70 4.09
C TYR A 336 13.74 -13.15 3.23
N GLU A 337 13.68 -11.82 3.16
CA GLU A 337 12.83 -11.10 2.19
C GLU A 337 13.67 -10.04 1.51
N ALA A 338 13.51 -9.91 0.20
CA ALA A 338 14.09 -8.78 -0.52
C ALA A 338 13.05 -7.69 -0.64
N VAL A 339 13.49 -6.45 -0.49
CA VAL A 339 12.61 -5.29 -0.65
C VAL A 339 13.28 -4.31 -1.60
N LEU A 340 12.48 -3.68 -2.45
CA LEU A 340 12.98 -2.63 -3.30
C LEU A 340 13.12 -1.38 -2.44
N LEU A 341 14.18 -0.61 -2.66
CA LEU A 341 14.39 0.66 -1.97
C LEU A 341 13.87 1.77 -2.87
N GLN A 342 13.59 2.94 -2.29
CA GLN A 342 13.20 4.10 -3.10
C GLN A 342 14.41 4.95 -3.57
N THR A 343 14.20 5.67 -4.67
CA THR A 343 15.23 6.50 -5.30
C THR A 343 15.34 7.87 -4.62
N GLU A 350 19.73 6.99 4.38
CA GLU A 350 19.20 5.67 4.15
C GLU A 350 17.91 5.75 3.30
N PRO A 351 17.89 5.06 2.12
CA PRO A 351 16.68 4.82 1.31
C PRO A 351 15.65 4.03 2.10
N LEU A 352 14.37 4.32 1.89
CA LEU A 352 13.37 3.85 2.83
C LEU A 352 12.99 2.38 2.64
N GLY A 353 12.19 2.05 1.62
CA GLY A 353 11.79 0.66 1.47
C GLY A 353 10.34 0.54 1.06
N VAL A 354 10.13 0.05 -0.16
CA VAL A 354 8.88 0.18 -0.87
C VAL A 354 7.95 -1.02 -0.64
N GLY A 355 8.51 -2.19 -0.35
CA GLY A 355 7.72 -3.43 -0.21
C GLY A 355 8.43 -4.62 -0.84
N SER A 356 7.98 -5.84 -0.52
CA SER A 356 8.82 -7.00 -0.80
C SER A 356 8.51 -7.61 -2.16
N VAL A 357 9.55 -8.17 -2.78
CA VAL A 357 9.55 -8.69 -4.14
C VAL A 357 10.14 -10.12 -4.31
N ALA A 358 10.79 -10.64 -3.25
CA ALA A 358 11.27 -12.03 -3.22
C ALA A 358 11.39 -12.48 -1.75
N ALA A 359 11.28 -13.78 -1.50
CA ALA A 359 11.29 -14.30 -0.14
C ALA A 359 11.52 -15.81 -0.10
N GLY A 360 11.97 -16.30 1.05
CA GLY A 360 12.20 -17.73 1.26
C GLY A 360 12.92 -18.04 2.56
N GLY A 361 13.52 -19.22 2.63
CA GLY A 361 14.20 -19.65 3.85
C GLY A 361 14.44 -21.15 3.89
N ARG A 362 14.95 -21.63 5.02
CA ARG A 362 15.22 -23.06 5.21
C ARG A 362 14.07 -23.70 5.94
N TYR A 363 13.67 -24.90 5.48
CA TYR A 363 12.52 -25.62 6.01
C TYR A 363 12.81 -27.12 6.13
N ASP A 364 13.46 -27.49 7.24
CA ASP A 364 14.01 -28.84 7.39
C ASP A 364 13.01 -29.88 7.87
N GLY A 365 11.83 -29.46 8.28
CA GLY A 365 10.82 -30.39 8.80
C GLY A 365 9.75 -30.87 7.84
N LEU A 366 9.56 -30.15 6.73
CA LEU A 366 8.38 -30.32 5.88
C LEU A 366 8.27 -31.67 5.18
N VAL A 367 9.34 -32.13 4.54
CA VAL A 367 9.34 -33.45 3.90
C VAL A 367 9.10 -34.56 4.94
N GLY A 368 9.58 -34.33 6.16
CA GLY A 368 9.36 -35.27 7.26
C GLY A 368 7.91 -35.49 7.61
N MET A 369 7.08 -34.45 7.44
CA MET A 369 5.65 -34.55 7.70
C MET A 369 4.94 -35.44 6.69
N PHE A 370 5.50 -35.54 5.49
CA PHE A 370 4.94 -36.35 4.44
C PHE A 370 5.46 -37.79 4.44
N ASP A 371 6.74 -37.98 4.76
CA ASP A 371 7.30 -39.33 4.73
C ASP A 371 6.59 -40.24 5.73
N PRO A 372 6.21 -41.46 5.30
CA PRO A 372 5.57 -42.46 6.16
C PRO A 372 6.33 -42.69 7.46
N LYS A 373 7.64 -42.82 7.36
CA LYS A 373 8.48 -43.13 8.50
C LYS A 373 9.19 -41.88 9.11
N GLY A 374 8.69 -40.69 8.77
CA GLY A 374 9.17 -39.44 9.36
C GLY A 374 10.55 -38.96 8.93
N ARG A 375 11.18 -39.62 7.96
CA ARG A 375 12.56 -39.30 7.56
C ARG A 375 12.61 -37.90 6.97
N LYS A 376 13.52 -37.09 7.51
CA LYS A 376 13.63 -35.69 7.13
C LYS A 376 14.56 -35.50 5.95
N VAL A 377 14.31 -34.44 5.20
CA VAL A 377 15.16 -34.03 4.10
C VAL A 377 15.31 -32.52 4.18
N PRO A 378 16.49 -32.05 4.62
CA PRO A 378 16.70 -30.60 4.69
C PRO A 378 16.47 -29.92 3.35
N CYS A 379 15.81 -28.77 3.36
CA CYS A 379 15.53 -27.99 2.16
C CYS A 379 15.72 -26.51 2.44
N VAL A 380 16.25 -25.79 1.46
CA VAL A 380 16.32 -24.33 1.52
C VAL A 380 15.91 -23.77 0.16
N GLY A 381 15.25 -22.61 0.16
CA GLY A 381 14.73 -22.06 -1.09
C GLY A 381 14.36 -20.61 -1.11
N LEU A 382 13.85 -20.19 -2.26
CA LEU A 382 13.44 -18.82 -2.49
C LEU A 382 12.34 -18.79 -3.54
N SER A 383 11.61 -17.69 -3.56
CA SER A 383 10.51 -17.49 -4.49
C SER A 383 10.52 -16.03 -4.86
N ILE A 384 10.31 -15.75 -6.14
CA ILE A 384 10.35 -14.39 -6.64
C ILE A 384 8.94 -13.97 -7.05
N GLY A 385 8.44 -12.90 -6.44
CA GLY A 385 7.11 -12.40 -6.74
C GLY A 385 7.18 -11.49 -7.95
N VAL A 386 6.68 -11.98 -9.08
CA VAL A 386 6.87 -11.25 -10.34
C VAL A 386 5.76 -10.26 -10.66
N GLU A 387 4.67 -10.26 -9.89
CA GLU A 387 3.52 -9.42 -10.22
C GLU A 387 3.85 -7.92 -10.07
N ARG A 388 4.59 -7.55 -9.03
CA ARG A 388 5.06 -6.17 -8.87
C ARG A 388 6.08 -5.83 -9.95
N ILE A 389 6.92 -6.79 -10.29
CA ILE A 389 7.97 -6.58 -11.28
C ILE A 389 7.40 -6.31 -12.68
N PHE A 390 6.30 -6.99 -13.05
CA PHE A 390 5.67 -6.74 -14.35
C PHE A 390 5.24 -5.28 -14.50
N SER A 391 4.72 -4.67 -13.42
CA SER A 391 4.27 -3.28 -13.47
C SER A 391 5.42 -2.34 -13.72
N ILE A 392 6.52 -2.59 -13.01
CA ILE A 392 7.72 -1.78 -13.11
C ILE A 392 8.32 -1.89 -14.49
N VAL A 393 8.43 -3.10 -15.01
CA VAL A 393 9.03 -3.32 -16.31
C VAL A 393 8.16 -2.73 -17.41
N GLU A 394 6.83 -2.77 -17.25
CA GLU A 394 5.96 -2.16 -18.25
C GLU A 394 6.12 -0.65 -18.24
N GLN A 395 6.18 -0.07 -17.04
CA GLN A 395 6.37 1.38 -16.88
C GLN A 395 7.71 1.87 -17.45
N ARG A 396 8.73 1.00 -17.45
CA ARG A 396 10.01 1.34 -18.08
C ARG A 396 9.89 1.43 -19.59
N LEU A 397 9.13 0.50 -20.18
CA LEU A 397 8.97 0.46 -21.63
C LEU A 397 8.03 1.56 -22.15
N GLU A 398 7.00 1.90 -21.38
CA GLU A 398 6.17 3.08 -21.68
C GLU A 398 6.99 4.37 -21.68
N ALA A 399 8.02 4.42 -20.82
CA ALA A 399 8.91 5.59 -20.73
C ALA A 399 9.77 5.75 -22.00
N LEU A 400 10.25 4.64 -22.55
CA LEU A 400 10.94 4.64 -23.85
C LEU A 400 9.91 4.35 -24.95
N LYS A 403 7.59 1.09 -28.48
CA LYS A 403 6.55 0.33 -29.17
C LYS A 403 6.97 -1.14 -29.37
N ILE A 404 6.64 -1.99 -28.39
CA ILE A 404 6.97 -3.42 -28.49
C ILE A 404 5.97 -4.24 -29.31
N ARG A 405 6.50 -5.14 -30.12
CA ARG A 405 5.67 -5.95 -31.00
C ARG A 405 5.08 -7.09 -30.22
N THR A 406 3.98 -7.63 -30.73
CA THR A 406 3.34 -8.80 -30.16
C THR A 406 3.31 -9.98 -31.15
N THR A 407 3.94 -9.81 -32.32
CA THR A 407 4.13 -10.86 -33.31
C THR A 407 5.54 -10.77 -33.87
N GLU A 408 5.97 -11.80 -34.58
CA GLU A 408 7.33 -11.83 -35.13
C GLU A 408 7.35 -11.92 -36.66
N THR A 409 6.18 -11.68 -37.27
CA THR A 409 6.05 -11.73 -38.72
C THR A 409 7.12 -10.88 -39.40
N GLN A 410 7.84 -11.47 -40.33
CA GLN A 410 8.92 -10.78 -41.03
C GLN A 410 8.41 -10.12 -42.33
N VAL A 411 7.34 -10.65 -42.90
CA VAL A 411 6.89 -10.19 -44.19
C VAL A 411 5.38 -10.39 -44.37
N LEU A 412 4.76 -9.47 -45.10
CA LEU A 412 3.38 -9.60 -45.54
C LEU A 412 3.36 -9.77 -47.06
N VAL A 413 2.75 -10.84 -47.53
CA VAL A 413 2.58 -11.05 -48.95
C VAL A 413 1.37 -10.23 -49.37
N ALA A 414 1.55 -9.43 -50.42
CA ALA A 414 0.59 -8.37 -50.77
C ALA A 414 0.47 -8.19 -52.26
N SER A 415 -0.62 -7.55 -52.67
CA SER A 415 -0.76 -7.11 -54.06
C SER A 415 -1.73 -5.94 -54.19
N ALA A 416 -1.46 -5.12 -55.19
CA ALA A 416 -2.26 -3.92 -55.44
C ALA A 416 -3.37 -4.22 -56.44
N GLN A 417 -3.12 -5.16 -57.36
CA GLN A 417 -4.07 -5.51 -58.42
C GLN A 417 -5.10 -6.54 -57.95
N LYS A 418 -6.05 -6.87 -58.83
CA LYS A 418 -7.08 -7.85 -58.54
C LYS A 418 -6.76 -9.23 -59.15
N LYS A 419 -7.56 -10.23 -58.78
CA LYS A 419 -7.41 -11.61 -59.25
C LYS A 419 -6.08 -12.31 -58.91
N LEU A 420 -5.48 -11.97 -57.78
CA LEU A 420 -4.16 -12.53 -57.43
C LEU A 420 -4.10 -13.24 -56.08
N LEU A 421 -5.26 -13.59 -55.53
CA LEU A 421 -5.30 -14.28 -54.24
C LEU A 421 -4.60 -15.62 -54.33
N GLU A 422 -4.81 -16.34 -55.44
CA GLU A 422 -4.24 -17.68 -55.62
C GLU A 422 -2.72 -17.62 -55.56
N GLU A 423 -2.15 -16.67 -56.31
CA GLU A 423 -0.71 -16.48 -56.35
C GLU A 423 -0.15 -16.05 -55.00
N ARG A 424 -0.91 -15.26 -54.24
CA ARG A 424 -0.49 -14.89 -52.89
C ARG A 424 -0.48 -16.08 -51.92
N LEU A 425 -1.47 -16.97 -52.05
CA LEU A 425 -1.52 -18.16 -51.22
C LEU A 425 -0.37 -19.10 -51.54
N LYS A 426 -0.02 -19.23 -52.82
CA LYS A 426 1.17 -19.98 -53.22
C LYS A 426 2.42 -19.44 -52.56
N LEU A 427 2.59 -18.12 -52.60
CA LEU A 427 3.82 -17.50 -52.14
C LEU A 427 3.96 -17.58 -50.63
N VAL A 428 2.89 -17.26 -49.91
CA VAL A 428 2.93 -17.27 -48.44
C VAL A 428 3.19 -18.69 -47.91
N SER A 429 2.70 -19.69 -48.63
CA SER A 429 2.91 -21.11 -48.29
C SER A 429 4.35 -21.54 -48.58
N GLU A 430 4.88 -21.14 -49.73
CA GLU A 430 6.33 -21.25 -50.05
C GLU A 430 7.18 -20.74 -48.90
N LEU A 431 6.84 -19.55 -48.40
CA LEU A 431 7.59 -18.91 -47.34
C LEU A 431 7.47 -19.66 -46.01
N TRP A 432 6.25 -20.07 -45.67
CA TRP A 432 6.04 -20.89 -44.49
C TRP A 432 6.93 -22.11 -44.53
N ASP A 433 7.02 -22.75 -45.70
CA ASP A 433 7.80 -23.98 -45.85
C ASP A 433 9.30 -23.74 -45.75
N ALA A 434 9.72 -22.51 -46.01
CA ALA A 434 11.12 -22.11 -45.85
C ALA A 434 11.44 -21.58 -44.44
N GLY A 435 10.44 -21.57 -43.55
CA GLY A 435 10.64 -21.17 -42.15
C GLY A 435 10.48 -19.68 -41.91
N ILE A 436 10.04 -18.96 -42.93
CA ILE A 436 9.87 -17.52 -42.84
C ILE A 436 8.53 -17.22 -42.23
N LYS A 437 8.48 -16.21 -41.37
CA LYS A 437 7.27 -15.86 -40.64
C LYS A 437 6.48 -14.86 -41.48
N ALA A 438 5.38 -15.34 -42.07
CA ALA A 438 4.71 -14.61 -43.13
C ALA A 438 3.22 -14.56 -42.91
N GLU A 439 2.58 -13.51 -43.37
CA GLU A 439 1.14 -13.36 -43.30
C GLU A 439 0.60 -12.85 -44.62
N LEU A 440 -0.72 -12.92 -44.75
CA LEU A 440 -1.44 -12.16 -45.78
C LEU A 440 -2.78 -11.73 -45.24
N LEU A 441 -3.37 -10.69 -45.84
CA LEU A 441 -4.71 -10.29 -45.47
C LEU A 441 -5.68 -11.31 -46.07
N TYR A 442 -6.72 -11.64 -45.32
CA TYR A 442 -7.72 -12.62 -45.74
C TYR A 442 -8.75 -11.94 -46.64
N LYS A 443 -8.29 -11.46 -47.79
CA LYS A 443 -9.10 -10.68 -48.72
C LYS A 443 -8.80 -11.11 -50.16
N LYS A 444 -9.83 -11.23 -50.99
CA LYS A 444 -9.65 -11.51 -52.40
C LYS A 444 -8.83 -10.41 -53.07
N ASN A 445 -9.26 -9.17 -52.94
CA ASN A 445 -8.60 -8.02 -53.59
C ASN A 445 -8.38 -6.88 -52.62
N PRO A 446 -7.39 -7.01 -51.74
CA PRO A 446 -7.13 -5.97 -50.74
C PRO A 446 -6.48 -4.73 -51.36
N LYS A 447 -6.70 -3.57 -50.76
CA LYS A 447 -6.03 -2.34 -51.15
C LYS A 447 -4.63 -2.32 -50.56
N LEU A 448 -3.67 -1.83 -51.33
CA LEU A 448 -2.27 -1.77 -50.90
C LEU A 448 -2.09 -0.87 -49.68
N LEU A 449 -2.83 0.23 -49.63
CA LEU A 449 -2.76 1.15 -48.50
C LEU A 449 -3.09 0.45 -47.17
N ASN A 450 -4.13 -0.37 -47.18
CA ASN A 450 -4.54 -1.13 -46.00
C ASN A 450 -3.50 -2.15 -45.61
N GLN A 451 -2.88 -2.75 -46.61
CA GLN A 451 -1.84 -3.74 -46.36
C GLN A 451 -0.61 -3.13 -45.72
N LEU A 452 -0.27 -1.90 -46.11
CA LEU A 452 0.85 -1.19 -45.48
C LEU A 452 0.47 -0.73 -44.07
N GLN A 453 -0.78 -0.34 -43.87
CA GLN A 453 -1.24 0.07 -42.53
C GLN A 453 -1.24 -1.10 -41.55
N TYR A 454 -1.62 -2.29 -42.03
CA TYR A 454 -1.55 -3.50 -41.20
C TYR A 454 -0.13 -3.75 -40.72
N CYS A 455 0.84 -3.51 -41.60
CA CYS A 455 2.25 -3.69 -41.24
C CYS A 455 2.75 -2.62 -40.27
N GLU A 456 2.42 -1.35 -40.52
CA GLU A 456 2.83 -0.27 -39.64
C GLU A 456 2.41 -0.55 -38.20
N GLU A 457 1.15 -0.97 -38.01
CA GLU A 457 0.64 -1.26 -36.68
C GLU A 457 1.25 -2.47 -36.01
N ALA A 458 1.47 -3.52 -36.79
CA ALA A 458 2.00 -4.77 -36.27
C ALA A 458 3.52 -4.71 -36.05
N GLY A 459 4.19 -3.78 -36.72
CA GLY A 459 5.65 -3.70 -36.71
C GLY A 459 6.29 -4.61 -37.75
N ILE A 460 5.55 -5.00 -38.77
CA ILE A 460 6.09 -5.87 -39.80
C ILE A 460 7.01 -5.06 -40.71
N PRO A 461 8.29 -5.49 -40.84
CA PRO A 461 9.28 -4.68 -41.55
C PRO A 461 9.24 -4.76 -43.08
N LEU A 462 8.70 -5.84 -43.65
CA LEU A 462 8.73 -6.02 -45.09
C LEU A 462 7.37 -6.36 -45.70
N VAL A 463 7.21 -5.99 -46.97
CA VAL A 463 6.05 -6.34 -47.76
C VAL A 463 6.53 -6.84 -49.10
N ALA A 464 6.07 -8.04 -49.48
CA ALA A 464 6.41 -8.64 -50.75
C ALA A 464 5.22 -8.46 -51.69
N ILE A 465 5.37 -7.61 -52.70
CA ILE A 465 4.26 -7.26 -53.56
C ILE A 465 4.30 -8.04 -54.87
N ILE A 466 3.18 -8.67 -55.22
CA ILE A 466 3.02 -9.40 -56.47
C ILE A 466 2.15 -8.62 -57.45
N GLY A 467 2.53 -8.66 -58.72
CA GLY A 467 1.73 -8.10 -59.82
C GLY A 467 1.84 -9.03 -61.02
N GLU A 468 0.91 -8.90 -61.97
CA GLU A 468 0.95 -9.73 -63.18
C GLU A 468 2.31 -9.71 -63.87
N GLN A 469 2.90 -8.52 -64.04
CA GLN A 469 4.19 -8.39 -64.70
C GLN A 469 5.33 -9.03 -63.92
N GLU A 470 5.27 -8.94 -62.60
CA GLU A 470 6.32 -9.49 -61.73
C GLU A 470 6.36 -11.01 -61.77
N LEU A 471 5.19 -11.65 -61.89
CA LEU A 471 5.11 -13.11 -62.04
C LEU A 471 5.70 -13.54 -63.38
N LYS A 472 5.31 -12.86 -64.45
CA LYS A 472 5.91 -13.07 -65.77
C LYS A 472 7.44 -13.02 -65.70
N ASP A 473 7.97 -11.98 -65.05
CA ASP A 473 9.42 -11.75 -64.98
C ASP A 473 10.13 -12.60 -63.93
N GLY A 474 9.38 -13.25 -63.03
CA GLY A 474 9.99 -14.11 -62.02
C GLY A 474 10.59 -13.34 -60.86
N VAL A 475 10.05 -12.15 -60.60
CA VAL A 475 10.55 -11.30 -59.52
C VAL A 475 9.41 -10.94 -58.56
N ILE A 476 9.77 -10.27 -57.48
CA ILE A 476 8.84 -9.79 -56.48
C ILE A 476 9.28 -8.40 -56.10
N LYS A 477 8.35 -7.45 -55.98
CA LYS A 477 8.67 -6.13 -55.45
C LYS A 477 8.71 -6.23 -53.93
N LEU A 478 9.88 -5.98 -53.35
CA LEU A 478 10.05 -6.06 -51.90
C LEU A 478 10.18 -4.65 -51.35
N ARG A 479 9.23 -4.24 -50.51
CA ARG A 479 9.23 -2.89 -49.95
C ARG A 479 9.40 -2.88 -48.45
N SER A 480 10.27 -2.00 -47.97
CA SER A 480 10.52 -1.83 -46.55
C SER A 480 9.45 -0.94 -45.98
N VAL A 481 8.79 -1.41 -44.94
CA VAL A 481 7.68 -0.69 -44.36
C VAL A 481 8.17 0.57 -43.65
N THR A 482 9.36 0.52 -43.07
CA THR A 482 9.87 1.65 -42.27
C THR A 482 10.60 2.70 -43.10
N SER A 483 11.36 2.29 -44.12
CA SER A 483 12.02 3.24 -45.02
C SER A 483 11.22 3.57 -46.29
N ARG A 484 10.27 2.70 -46.65
CA ARG A 484 9.42 2.88 -47.85
C ARG A 484 10.14 2.68 -49.19
N GLU A 485 11.38 2.18 -49.15
CA GLU A 485 12.14 1.93 -50.38
C GLU A 485 11.74 0.56 -50.92
N GLU A 486 11.64 0.47 -52.24
CA GLU A 486 11.16 -0.73 -52.91
C GLU A 486 12.24 -1.22 -53.86
N VAL A 487 12.50 -2.52 -53.83
CA VAL A 487 13.51 -3.12 -54.69
C VAL A 487 12.89 -4.35 -55.34
N ASP A 488 13.21 -4.58 -56.61
CA ASP A 488 12.87 -5.82 -57.29
C ASP A 488 13.83 -6.93 -56.82
N VAL A 489 13.28 -8.10 -56.53
CA VAL A 489 14.04 -9.22 -56.02
C VAL A 489 13.59 -10.49 -56.74
N ARG A 490 14.56 -11.24 -57.25
CA ARG A 490 14.30 -12.44 -58.01
C ARG A 490 13.67 -13.46 -57.05
N ARG A 491 12.62 -14.15 -57.49
CA ARG A 491 11.84 -15.03 -56.61
C ARG A 491 12.68 -16.13 -55.93
N GLU A 492 13.70 -16.63 -56.63
CA GLU A 492 14.65 -17.58 -56.07
C GLU A 492 15.41 -17.00 -54.86
N ASP A 493 15.71 -15.70 -54.92
CA ASP A 493 16.50 -15.03 -53.89
C ASP A 493 15.66 -14.52 -52.71
N LEU A 494 14.34 -14.53 -52.86
CA LEU A 494 13.44 -13.92 -51.88
C LEU A 494 13.63 -14.39 -50.44
N VAL A 495 13.71 -15.70 -50.22
CA VAL A 495 13.88 -16.22 -48.86
C VAL A 495 15.18 -15.71 -48.25
N GLU A 496 16.29 -15.85 -48.97
CA GLU A 496 17.58 -15.40 -48.46
C GLU A 496 17.57 -13.90 -48.17
N GLU A 497 16.96 -13.14 -49.08
CA GLU A 497 16.91 -11.68 -48.95
C GLU A 497 16.11 -11.25 -47.73
N ILE A 498 15.02 -11.95 -47.45
CA ILE A 498 14.21 -11.67 -46.25
C ILE A 498 15.01 -11.96 -44.98
N LYS A 499 15.71 -13.10 -44.96
CA LYS A 499 16.53 -13.49 -43.81
C LYS A 499 17.65 -12.50 -43.57
N ARG A 500 18.28 -12.06 -44.65
CA ARG A 500 19.41 -11.16 -44.57
C ARG A 500 19.00 -9.82 -43.99
N ARG A 501 17.77 -9.40 -44.24
CA ARG A 501 17.25 -8.12 -43.74
C ARG A 501 16.66 -8.15 -42.34
N THR A 502 16.20 -9.31 -41.87
CA THR A 502 15.52 -9.39 -40.57
C THR A 502 16.32 -10.28 -39.60
N GLY A 503 17.63 -10.10 -39.56
CA GLY A 503 18.49 -10.94 -38.72
C GLY A 503 18.68 -12.37 -39.22
N GLN A 504 19.96 -12.76 -39.30
CA GLN A 504 20.37 -14.13 -39.65
C GLN A 504 19.89 -14.59 -41.04
N LYS B 53 -4.94 -43.77 5.79
CA LYS B 53 -5.46 -43.62 4.40
C LYS B 53 -5.19 -42.22 3.78
N PHE B 54 -4.27 -41.46 4.38
CA PHE B 54 -3.58 -40.40 3.64
C PHE B 54 -2.40 -41.10 2.96
N VAL B 55 -2.29 -40.88 1.65
CA VAL B 55 -1.31 -41.53 0.81
C VAL B 55 -0.77 -40.44 -0.09
N LEU B 56 0.53 -40.50 -0.34
CA LEU B 56 1.18 -39.54 -1.21
C LEU B 56 0.84 -39.86 -2.66
N LYS B 57 0.17 -38.91 -3.30
CA LYS B 57 -0.47 -39.19 -4.56
C LYS B 57 -0.91 -37.88 -5.22
N THR B 58 -0.79 -37.82 -6.54
CA THR B 58 -1.43 -36.73 -7.29
C THR B 58 -2.89 -37.11 -7.51
N PRO B 59 -3.78 -36.12 -7.66
CA PRO B 59 -5.19 -36.43 -7.87
C PRO B 59 -5.43 -37.33 -9.07
N LYS B 60 -6.45 -38.20 -8.98
CA LYS B 60 -6.83 -39.12 -10.07
C LYS B 60 -6.81 -38.44 -11.44
N GLY B 61 -6.12 -39.07 -12.39
CA GLY B 61 -6.03 -38.55 -13.75
C GLY B 61 -5.11 -37.36 -13.94
N THR B 62 -4.22 -37.11 -12.98
CA THR B 62 -3.23 -36.05 -13.11
C THR B 62 -1.85 -36.58 -12.77
N ARG B 63 -0.83 -36.01 -13.41
CA ARG B 63 0.54 -36.39 -13.11
C ARG B 63 1.48 -35.19 -12.99
N ASP B 64 2.55 -35.35 -12.22
CA ASP B 64 3.67 -34.42 -12.22
C ASP B 64 4.37 -34.51 -13.56
N TYR B 65 5.31 -33.61 -13.82
CA TYR B 65 6.23 -33.77 -14.93
C TYR B 65 7.63 -33.83 -14.33
N SER B 66 8.32 -34.95 -14.52
CA SER B 66 9.70 -35.09 -14.09
C SER B 66 10.61 -34.20 -14.95
N PRO B 67 11.85 -33.97 -14.50
CA PRO B 67 12.78 -33.23 -15.34
C PRO B 67 12.90 -33.81 -16.75
N ARG B 68 12.98 -35.13 -16.83
CA ARG B 68 13.08 -35.82 -18.11
C ARG B 68 11.86 -35.53 -18.97
N GLN B 69 10.67 -35.57 -18.36
CA GLN B 69 9.42 -35.29 -19.07
C GLN B 69 9.30 -33.83 -19.49
N MET B 70 9.83 -32.94 -18.67
CA MET B 70 9.89 -31.52 -19.00
C MET B 70 10.81 -31.24 -20.19
N ALA B 71 11.91 -31.98 -20.29
CA ALA B 71 12.80 -31.85 -21.44
C ALA B 71 12.04 -32.13 -22.73
N VAL B 72 11.27 -33.22 -22.71
CA VAL B 72 10.44 -33.60 -23.85
C VAL B 72 9.35 -32.57 -24.11
N ARG B 73 8.72 -32.10 -23.05
CA ARG B 73 7.69 -31.09 -23.16
C ARG B 73 8.22 -29.84 -23.88
N GLU B 74 9.35 -29.32 -23.41
CA GLU B 74 9.96 -28.16 -24.06
C GLU B 74 10.25 -28.39 -25.53
N LYS B 75 10.68 -29.59 -25.89
CA LYS B 75 11.01 -29.89 -27.26
C LYS B 75 9.78 -29.88 -28.15
N VAL B 76 8.68 -30.42 -27.65
CA VAL B 76 7.43 -30.46 -28.40
C VAL B 76 6.82 -29.07 -28.51
N PHE B 77 6.71 -28.38 -27.39
CA PHE B 77 6.21 -27.00 -27.39
C PHE B 77 7.03 -26.07 -28.28
N ASP B 78 8.34 -26.31 -28.36
CA ASP B 78 9.20 -25.49 -29.18
C ASP B 78 8.86 -25.62 -30.66
N VAL B 79 8.57 -26.84 -31.12
CA VAL B 79 8.14 -27.05 -32.50
C VAL B 79 6.79 -26.38 -32.73
N ILE B 80 5.86 -26.57 -31.80
CA ILE B 80 4.51 -25.99 -31.93
C ILE B 80 4.55 -24.47 -31.94
N ILE B 81 5.23 -23.88 -30.98
CA ILE B 81 5.29 -22.43 -30.88
C ILE B 81 5.99 -21.79 -32.09
N ARG B 82 7.08 -22.41 -32.56
CA ARG B 82 7.75 -21.92 -33.76
C ARG B 82 6.81 -21.81 -34.93
N CYS B 83 5.86 -22.72 -35.02
CA CYS B 83 4.86 -22.70 -36.08
C CYS B 83 3.78 -21.64 -35.86
N PHE B 84 3.26 -21.53 -34.65
CA PHE B 84 2.26 -20.52 -34.35
C PHE B 84 2.79 -19.11 -34.65
N LYS B 85 4.05 -18.86 -34.30
CA LYS B 85 4.68 -17.58 -34.52
C LYS B 85 4.92 -17.30 -36.00
N ARG B 86 5.28 -18.34 -36.72
CA ARG B 86 5.46 -18.28 -38.17
C ARG B 86 4.20 -17.79 -38.91
N HIS B 87 3.04 -17.98 -38.28
CA HIS B 87 1.76 -17.55 -38.85
C HIS B 87 1.23 -16.24 -38.23
N GLY B 88 2.11 -15.53 -37.52
CA GLY B 88 1.82 -14.18 -37.03
C GLY B 88 0.84 -14.07 -35.88
N ALA B 89 0.79 -15.08 -35.01
CA ALA B 89 -0.15 -15.07 -33.88
C ALA B 89 0.39 -14.37 -32.66
N GLU B 90 -0.48 -13.60 -32.01
CA GLU B 90 -0.22 -13.09 -30.66
C GLU B 90 -0.44 -14.22 -29.67
N VAL B 91 0.02 -14.02 -28.44
CA VAL B 91 -0.19 -15.01 -27.40
C VAL B 91 -0.97 -14.35 -26.27
N ILE B 92 -1.86 -15.11 -25.64
CA ILE B 92 -2.51 -14.66 -24.40
C ILE B 92 -2.48 -15.76 -23.37
N ASP B 93 -2.96 -15.43 -22.17
CA ASP B 93 -3.20 -16.40 -21.12
C ASP B 93 -4.39 -15.91 -20.31
N THR B 94 -5.11 -16.85 -19.74
CA THR B 94 -6.32 -16.57 -18.96
C THR B 94 -6.21 -17.29 -17.61
N PRO B 95 -7.09 -16.96 -16.66
CA PRO B 95 -7.02 -17.65 -15.39
C PRO B 95 -7.43 -19.10 -15.54
N VAL B 96 -7.04 -19.94 -14.58
CA VAL B 96 -7.32 -21.37 -14.63
C VAL B 96 -8.81 -21.65 -14.45
N PHE B 97 -9.49 -20.79 -13.69
CA PHE B 97 -10.94 -20.88 -13.55
C PHE B 97 -11.67 -19.69 -14.17
N GLU B 98 -12.94 -19.92 -14.50
CA GLU B 98 -13.84 -18.88 -14.96
C GLU B 98 -15.00 -18.87 -13.98
N LEU B 99 -15.92 -17.91 -14.14
CA LEU B 99 -17.18 -17.96 -13.40
C LEU B 99 -17.92 -19.20 -13.87
N LYS B 100 -18.66 -19.85 -12.98
CA LYS B 100 -19.39 -21.06 -13.34
C LYS B 100 -20.33 -20.82 -14.52
N GLU B 101 -21.02 -19.68 -14.51
CA GLU B 101 -21.98 -19.35 -15.56
C GLU B 101 -21.32 -19.14 -16.93
N THR B 102 -20.06 -18.71 -16.95
CA THR B 102 -19.32 -18.54 -18.19
C THR B 102 -19.28 -19.84 -19.03
N LEU B 103 -19.08 -20.98 -18.37
CA LEU B 103 -18.86 -22.27 -19.06
C LEU B 103 -20.13 -23.07 -19.28
N MET B 104 -21.19 -22.76 -18.53
CA MET B 104 -22.45 -23.48 -18.69
C MET B 104 -23.14 -23.12 -20.00
N GLY B 105 -23.84 -24.10 -20.59
CA GLY B 105 -24.65 -23.90 -21.79
C GLY B 105 -23.87 -23.72 -23.09
N LYS B 106 -22.63 -24.17 -23.11
CA LYS B 106 -21.76 -23.97 -24.29
C LYS B 106 -21.34 -25.28 -24.94
N TYR B 107 -20.91 -26.24 -24.11
CA TYR B 107 -20.29 -27.47 -24.58
C TYR B 107 -21.26 -28.57 -25.02
N GLY B 108 -22.44 -28.63 -24.41
CA GLY B 108 -23.40 -29.69 -24.69
C GLY B 108 -23.41 -30.69 -23.55
N GLU B 109 -23.65 -31.96 -23.88
CA GLU B 109 -23.72 -33.04 -22.87
C GLU B 109 -22.42 -33.17 -22.06
N ASP B 110 -21.30 -32.78 -22.66
CA ASP B 110 -20.00 -32.78 -21.98
C ASP B 110 -19.92 -31.80 -20.79
N SER B 111 -20.84 -30.86 -20.71
CA SER B 111 -20.93 -29.94 -19.55
C SER B 111 -20.99 -30.67 -18.20
N LYS B 112 -21.41 -31.94 -18.21
CA LYS B 112 -21.48 -32.74 -16.97
C LYS B 112 -20.11 -33.15 -16.41
N LEU B 113 -19.03 -32.82 -17.13
CA LEU B 113 -17.67 -33.21 -16.74
C LEU B 113 -16.80 -32.03 -16.29
N ILE B 114 -17.43 -30.93 -15.88
CA ILE B 114 -16.70 -29.74 -15.47
C ILE B 114 -16.39 -29.78 -13.97
N TYR B 115 -15.18 -29.35 -13.60
CA TYR B 115 -14.78 -29.25 -12.20
C TYR B 115 -15.31 -27.96 -11.62
N ASP B 116 -16.14 -28.02 -10.57
CA ASP B 116 -16.61 -26.83 -9.88
C ASP B 116 -15.78 -26.58 -8.64
N LEU B 117 -15.58 -25.31 -8.30
CA LEU B 117 -14.95 -24.97 -7.03
C LEU B 117 -15.99 -24.93 -5.94
N LYS B 118 -15.55 -25.08 -4.70
CA LYS B 118 -16.46 -25.09 -3.57
C LYS B 118 -17.09 -23.72 -3.41
N ASP B 119 -18.35 -23.70 -3.01
CA ASP B 119 -19.03 -22.46 -2.64
C ASP B 119 -18.50 -22.06 -1.27
N GLN B 120 -17.58 -21.09 -1.28
CA GLN B 120 -16.93 -20.65 -0.06
C GLN B 120 -17.42 -19.25 0.35
N GLY B 121 -18.64 -18.91 -0.04
CA GLY B 121 -19.24 -17.62 0.31
C GLY B 121 -19.20 -16.61 -0.82
N GLY B 122 -18.26 -16.75 -1.74
CA GLY B 122 -18.08 -15.78 -2.81
C GLY B 122 -18.80 -16.14 -4.10
N GLU B 123 -18.06 -16.09 -5.19
CA GLU B 123 -18.59 -16.41 -6.52
C GLU B 123 -18.54 -17.91 -6.76
N LEU B 124 -19.39 -18.41 -7.64
CA LEU B 124 -19.33 -19.80 -8.06
C LEU B 124 -18.39 -19.90 -9.23
N LEU B 125 -17.33 -20.68 -9.08
CA LEU B 125 -16.29 -20.79 -10.09
C LEU B 125 -16.14 -22.22 -10.61
N SER B 126 -15.52 -22.34 -11.78
CA SER B 126 -15.30 -23.64 -12.42
C SER B 126 -13.96 -23.65 -13.14
N LEU B 127 -13.26 -24.79 -13.12
CA LEU B 127 -12.01 -24.92 -13.88
C LEU B 127 -12.30 -24.99 -15.36
N ARG B 128 -11.47 -24.34 -16.17
CA ARG B 128 -11.72 -24.27 -17.62
C ARG B 128 -11.68 -25.66 -18.26
N TYR B 129 -12.70 -25.96 -19.05
CA TYR B 129 -12.82 -27.25 -19.71
C TYR B 129 -12.07 -27.25 -21.03
N ASP B 130 -11.91 -26.07 -21.61
CA ASP B 130 -11.06 -25.90 -22.79
C ASP B 130 -10.57 -24.46 -22.86
N LEU B 131 -9.92 -24.10 -23.96
CA LEU B 131 -9.37 -22.75 -24.10
C LEU B 131 -10.21 -21.84 -24.97
N THR B 132 -11.12 -22.43 -25.75
CA THR B 132 -11.94 -21.70 -26.69
C THR B 132 -13.00 -20.83 -26.01
N VAL B 133 -13.71 -21.37 -25.03
CA VAL B 133 -14.73 -20.59 -24.35
C VAL B 133 -14.10 -19.40 -23.63
N PRO B 134 -13.00 -19.60 -22.87
CA PRO B 134 -12.30 -18.45 -22.34
C PRO B 134 -11.88 -17.44 -23.40
N PHE B 135 -11.48 -17.91 -24.58
CA PHE B 135 -11.14 -17.02 -25.71
C PHE B 135 -12.34 -16.16 -26.13
N ALA B 136 -13.49 -16.78 -26.30
CA ALA B 136 -14.72 -16.07 -26.65
C ALA B 136 -15.11 -15.04 -25.59
N ARG B 137 -14.88 -15.38 -24.33
CA ARG B 137 -15.14 -14.49 -23.21
C ARG B 137 -14.15 -13.30 -23.24
N TYR B 138 -12.88 -13.59 -23.51
CA TYR B 138 -11.86 -12.55 -23.66
C TYR B 138 -12.23 -11.55 -24.75
N LEU B 139 -12.65 -12.06 -25.91
CA LEU B 139 -13.09 -11.22 -27.01
C LEU B 139 -14.24 -10.31 -26.62
N ALA B 140 -15.31 -10.91 -26.12
CA ALA B 140 -16.54 -10.18 -25.81
C ALA B 140 -16.34 -9.14 -24.72
N MET B 141 -15.66 -9.52 -23.65
CA MET B 141 -15.36 -8.64 -22.53
C MET B 141 -14.56 -7.42 -22.97
N ASN B 142 -13.59 -7.63 -23.86
CA ASN B 142 -12.77 -6.54 -24.38
C ASN B 142 -13.31 -5.90 -25.65
N LYS B 143 -14.46 -6.37 -26.13
CA LYS B 143 -15.13 -5.83 -27.32
C LYS B 143 -14.27 -5.89 -28.58
N LEU B 144 -13.54 -6.99 -28.75
CA LEU B 144 -12.66 -7.17 -29.90
C LEU B 144 -13.35 -7.95 -31.00
N THR B 145 -13.02 -7.60 -32.24
CA THR B 145 -13.61 -8.22 -33.41
C THR B 145 -12.62 -8.99 -34.24
N ASN B 146 -11.35 -8.67 -34.06
CA ASN B 146 -10.31 -9.18 -34.91
C ASN B 146 -9.06 -9.45 -34.08
N ILE B 147 -8.70 -10.72 -33.97
CA ILE B 147 -7.51 -11.13 -33.27
C ILE B 147 -7.13 -12.54 -33.67
N LYS B 148 -5.83 -12.78 -33.74
CA LYS B 148 -5.29 -14.08 -34.08
C LYS B 148 -4.30 -14.43 -32.99
N ARG B 149 -4.67 -15.37 -32.12
CA ARG B 149 -3.88 -15.68 -30.94
C ARG B 149 -3.62 -17.16 -30.78
N TYR B 150 -2.52 -17.50 -30.11
CA TYR B 150 -2.28 -18.87 -29.67
C TYR B 150 -2.25 -18.88 -28.17
N HIS B 151 -2.59 -20.03 -27.60
CA HIS B 151 -2.68 -20.20 -26.15
C HIS B 151 -2.32 -21.62 -25.78
N ILE B 152 -1.32 -21.77 -24.92
CA ILE B 152 -0.85 -23.09 -24.52
C ILE B 152 -1.00 -23.19 -23.03
N ALA B 153 -1.90 -24.05 -22.59
CA ALA B 153 -2.26 -24.15 -21.17
C ALA B 153 -3.00 -25.44 -20.87
N LYS B 154 -3.09 -25.75 -19.59
CA LYS B 154 -3.78 -26.98 -19.14
C LYS B 154 -5.27 -26.75 -19.07
N VAL B 155 -6.02 -27.83 -19.30
CA VAL B 155 -7.47 -27.82 -19.19
C VAL B 155 -7.95 -28.98 -18.32
N TYR B 156 -9.21 -28.91 -17.89
CA TYR B 156 -9.70 -29.71 -16.78
C TYR B 156 -11.02 -30.36 -17.09
N ARG B 157 -11.03 -31.70 -17.09
CA ARG B 157 -12.21 -32.49 -17.43
C ARG B 157 -12.31 -33.71 -16.55
N ARG B 158 -13.46 -33.91 -15.92
CA ARG B 158 -13.70 -35.09 -15.08
C ARG B 158 -14.04 -36.33 -15.93
N ASP B 159 -13.08 -36.79 -16.73
CA ASP B 159 -13.32 -37.93 -17.61
C ASP B 159 -13.23 -39.24 -16.85
N ASN B 160 -13.72 -40.30 -17.49
CA ASN B 160 -13.62 -41.66 -16.95
C ASN B 160 -13.36 -42.68 -18.06
N PRO B 161 -12.21 -42.56 -18.74
CA PRO B 161 -11.94 -43.46 -19.86
C PRO B 161 -11.49 -44.84 -19.39
N ALA B 162 -11.58 -45.83 -20.29
CA ALA B 162 -11.17 -47.21 -20.01
C ALA B 162 -9.67 -47.30 -19.72
N MET B 163 -8.87 -46.51 -20.44
CA MET B 163 -7.43 -46.44 -20.18
C MET B 163 -7.10 -45.32 -19.16
N THR B 164 -6.60 -45.73 -17.99
CA THR B 164 -6.30 -44.83 -16.86
C THR B 164 -4.82 -44.42 -16.75
N ARG B 165 -3.99 -44.89 -17.68
CA ARG B 165 -2.59 -44.44 -17.75
C ARG B 165 -2.53 -43.00 -18.20
N GLY B 166 -1.60 -42.23 -17.64
CA GLY B 166 -1.33 -40.87 -18.09
C GLY B 166 -2.25 -39.79 -17.54
N ARG B 167 -2.19 -38.62 -18.17
CA ARG B 167 -2.90 -37.43 -17.69
C ARG B 167 -4.18 -37.23 -18.47
N TYR B 168 -5.28 -37.78 -17.96
CA TYR B 168 -6.55 -37.74 -18.69
C TYR B 168 -7.58 -36.74 -18.15
N ARG B 169 -7.31 -36.16 -16.98
CA ARG B 169 -8.18 -35.13 -16.41
C ARG B 169 -7.56 -33.74 -16.41
N GLU B 170 -6.24 -33.67 -16.35
CA GLU B 170 -5.53 -32.41 -16.50
C GLU B 170 -4.49 -32.61 -17.57
N PHE B 171 -4.70 -31.95 -18.71
CA PHE B 171 -3.79 -32.09 -19.82
C PHE B 171 -3.67 -30.80 -20.61
N TYR B 172 -2.53 -30.63 -21.26
CA TYR B 172 -2.27 -29.44 -22.06
C TYR B 172 -3.02 -29.45 -23.38
N GLN B 173 -3.46 -28.27 -23.79
CA GLN B 173 -3.93 -28.02 -25.13
C GLN B 173 -3.07 -26.90 -25.69
N CYS B 174 -2.77 -26.99 -26.98
CA CYS B 174 -2.06 -25.95 -27.70
C CYS B 174 -2.97 -25.40 -28.79
N ASP B 175 -3.57 -24.26 -28.51
CA ASP B 175 -4.59 -23.70 -29.38
C ASP B 175 -4.10 -22.56 -30.25
N PHE B 176 -4.70 -22.46 -31.44
CA PHE B 176 -4.48 -21.35 -32.37
C PHE B 176 -5.85 -21.03 -32.93
N ASP B 177 -6.23 -19.77 -32.91
CA ASP B 177 -7.59 -19.36 -33.29
C ASP B 177 -7.56 -18.03 -34.01
N ILE B 178 -8.34 -17.91 -35.09
CA ILE B 178 -8.45 -16.67 -35.87
C ILE B 178 -9.88 -16.14 -35.77
N ALA B 179 -10.05 -14.95 -35.18
CA ALA B 179 -11.34 -14.34 -35.03
C ALA B 179 -11.44 -13.13 -35.95
N GLY B 180 -12.55 -12.99 -36.67
CA GLY B 180 -12.77 -11.85 -37.56
C GLY B 180 -13.63 -12.12 -38.77
N ASN B 181 -14.15 -11.05 -39.34
CA ASN B 181 -14.91 -11.11 -40.58
C ASN B 181 -13.95 -11.00 -41.75
N PHE B 182 -13.70 -12.12 -42.41
CA PHE B 182 -12.75 -12.18 -43.51
C PHE B 182 -13.44 -12.84 -44.70
N ASP B 183 -12.73 -12.96 -45.80
CA ASP B 183 -13.28 -13.63 -46.96
C ASP B 183 -13.35 -15.14 -46.69
N PRO B 184 -14.22 -15.85 -47.43
CA PRO B 184 -14.55 -17.24 -47.06
C PRO B 184 -13.40 -18.20 -47.15
N MET B 185 -13.27 -19.03 -46.12
CA MET B 185 -12.41 -20.23 -46.12
C MET B 185 -10.89 -20.02 -46.10
N ILE B 186 -10.42 -18.78 -46.14
CA ILE B 186 -8.97 -18.58 -46.16
C ILE B 186 -8.38 -18.90 -44.78
N PRO B 187 -8.94 -18.31 -43.70
CA PRO B 187 -8.39 -18.64 -42.37
C PRO B 187 -8.65 -20.10 -42.00
N ASP B 188 -9.77 -20.64 -42.45
CA ASP B 188 -10.08 -22.05 -42.25
C ASP B 188 -8.98 -22.93 -42.84
N ALA B 189 -8.59 -22.62 -44.08
CA ALA B 189 -7.53 -23.35 -44.77
C ALA B 189 -6.18 -23.19 -44.10
N GLU B 190 -5.92 -22.03 -43.51
CA GLU B 190 -4.65 -21.81 -42.84
C GLU B 190 -4.54 -22.68 -41.58
N CYS B 191 -5.64 -22.84 -40.86
CA CYS B 191 -5.65 -23.70 -39.67
C CYS B 191 -5.26 -25.12 -40.02
N LEU B 192 -5.79 -25.64 -41.12
CA LEU B 192 -5.44 -26.97 -41.58
C LEU B 192 -3.97 -27.08 -42.00
N LYS B 193 -3.43 -26.01 -42.58
CA LYS B 193 -2.02 -25.93 -42.94
C LYS B 193 -1.15 -25.98 -41.67
N ILE B 194 -1.56 -25.26 -40.63
CA ILE B 194 -0.84 -25.26 -39.36
C ILE B 194 -0.80 -26.67 -38.73
N MET B 195 -1.93 -27.37 -38.74
CA MET B 195 -1.98 -28.76 -38.24
C MET B 195 -0.99 -29.66 -38.95
N CYS B 196 -0.95 -29.57 -40.27
CA CYS B 196 -0.08 -30.41 -41.08
C CYS B 196 1.39 -30.02 -40.91
N GLU B 197 1.68 -28.74 -40.76
CA GLU B 197 3.06 -28.32 -40.53
C GLU B 197 3.58 -28.93 -39.24
N ILE B 198 2.77 -28.79 -38.18
CA ILE B 198 3.14 -29.24 -36.87
C ILE B 198 3.32 -30.74 -36.77
N LEU B 199 2.32 -31.49 -37.23
CA LEU B 199 2.37 -32.95 -37.13
C LEU B 199 3.52 -33.53 -37.95
N SER B 200 3.79 -32.95 -39.11
CA SER B 200 4.95 -33.30 -39.90
C SER B 200 6.28 -32.99 -39.18
N SER B 201 6.40 -31.81 -38.58
CA SER B 201 7.63 -31.38 -37.92
C SER B 201 7.96 -32.17 -36.69
N LEU B 202 6.95 -32.62 -35.96
CA LEU B 202 7.17 -33.40 -34.75
C LEU B 202 7.72 -34.78 -35.06
N GLN B 203 7.52 -35.23 -36.30
CA GLN B 203 8.05 -36.50 -36.77
C GLN B 203 7.56 -37.62 -35.87
N ILE B 204 6.25 -37.82 -35.89
CA ILE B 204 5.59 -38.81 -35.06
C ILE B 204 4.87 -39.81 -35.96
N GLY B 205 5.41 -40.01 -37.16
CA GLY B 205 4.82 -40.92 -38.11
C GLY B 205 3.76 -40.26 -38.95
N ASP B 206 3.20 -41.03 -39.88
CA ASP B 206 2.25 -40.50 -40.84
C ASP B 206 0.88 -40.27 -40.19
N PHE B 207 0.15 -39.30 -40.74
CA PHE B 207 -1.13 -38.88 -40.18
C PHE B 207 -2.11 -38.53 -41.29
N LEU B 208 -3.35 -38.35 -40.89
CA LEU B 208 -4.44 -38.00 -41.79
C LEU B 208 -5.37 -37.04 -41.08
N VAL B 209 -5.92 -36.08 -41.81
CA VAL B 209 -6.86 -35.12 -41.22
C VAL B 209 -8.26 -35.26 -41.82
N LYS B 210 -9.20 -35.68 -40.97
CA LYS B 210 -10.59 -35.85 -41.37
C LYS B 210 -11.31 -34.50 -41.30
N VAL B 211 -12.19 -34.23 -42.27
CA VAL B 211 -12.83 -32.92 -42.44
C VAL B 211 -14.31 -33.08 -42.76
N ASN B 212 -15.13 -32.21 -42.19
CA ASN B 212 -16.56 -32.16 -42.45
C ASN B 212 -17.06 -30.74 -42.14
N ASP B 213 -18.35 -30.51 -42.34
CA ASP B 213 -18.97 -29.25 -42.01
C ASP B 213 -20.27 -29.56 -41.27
N ARG B 214 -20.56 -28.81 -40.21
CA ARG B 214 -21.75 -29.06 -39.41
C ARG B 214 -23.05 -28.83 -40.18
N ARG B 215 -22.99 -27.98 -41.21
CA ARG B 215 -24.14 -27.71 -42.05
C ARG B 215 -24.46 -28.89 -42.94
N ILE B 216 -23.42 -29.55 -43.43
CA ILE B 216 -23.57 -30.78 -44.22
C ILE B 216 -24.21 -31.86 -43.36
N LEU B 217 -23.65 -32.03 -42.16
CA LEU B 217 -24.08 -33.04 -41.21
C LEU B 217 -25.53 -32.85 -40.79
N ASP B 218 -25.90 -31.63 -40.43
CA ASP B 218 -27.26 -31.34 -39.98
C ASP B 218 -28.26 -31.33 -41.14
N GLY B 219 -27.81 -30.94 -42.33
CA GLY B 219 -28.66 -31.00 -43.52
C GLY B 219 -28.88 -32.44 -43.98
N MET B 220 -27.89 -33.28 -43.76
CA MET B 220 -27.97 -34.69 -44.06
C MET B 220 -28.95 -35.36 -43.10
N PHE B 221 -28.95 -34.94 -41.84
CA PHE B 221 -29.93 -35.43 -40.87
C PHE B 221 -31.35 -35.07 -41.32
N ALA B 222 -31.53 -33.86 -41.84
CA ALA B 222 -32.85 -33.39 -42.25
C ALA B 222 -33.41 -34.23 -43.41
N ILE B 223 -32.58 -34.45 -44.43
CA ILE B 223 -32.92 -35.29 -45.57
C ILE B 223 -33.28 -36.72 -45.14
N CYS B 224 -32.56 -37.23 -44.15
CA CYS B 224 -32.81 -38.57 -43.60
C CYS B 224 -34.06 -38.61 -42.73
N GLY B 225 -34.51 -37.45 -42.26
CA GLY B 225 -35.77 -37.31 -41.54
C GLY B 225 -35.66 -37.06 -40.04
N VAL B 226 -34.52 -36.52 -39.62
CA VAL B 226 -34.32 -36.19 -38.21
C VAL B 226 -34.86 -34.77 -37.99
N SER B 227 -35.67 -34.59 -36.96
CA SER B 227 -36.19 -33.26 -36.64
C SER B 227 -35.07 -32.35 -36.12
N ASP B 228 -35.19 -31.05 -36.36
CA ASP B 228 -34.18 -30.06 -35.93
C ASP B 228 -33.85 -30.14 -34.44
N SER B 229 -34.83 -30.49 -33.62
CA SER B 229 -34.61 -30.64 -32.18
C SER B 229 -33.60 -31.73 -31.79
N LYS B 230 -33.39 -32.73 -32.64
CA LYS B 230 -32.49 -33.83 -32.32
C LYS B 230 -31.11 -33.75 -32.96
N PHE B 231 -30.83 -32.69 -33.72
CA PHE B 231 -29.55 -32.55 -34.40
C PHE B 231 -28.38 -32.71 -33.44
N ARG B 232 -28.46 -32.14 -32.24
CA ARG B 232 -27.34 -32.20 -31.28
C ARG B 232 -27.14 -33.60 -30.71
N THR B 233 -28.22 -34.28 -30.37
CA THR B 233 -28.11 -35.58 -29.71
C THR B 233 -27.78 -36.70 -30.71
N ILE B 234 -28.24 -36.56 -31.95
CA ILE B 234 -27.90 -37.52 -33.02
C ILE B 234 -26.47 -37.28 -33.51
N CYS B 235 -26.07 -36.03 -33.60
CA CYS B 235 -24.69 -35.67 -33.93
C CYS B 235 -23.73 -36.23 -32.88
N SER B 236 -24.20 -36.26 -31.63
CA SER B 236 -23.43 -36.80 -30.52
C SER B 236 -23.23 -38.33 -30.62
N SER B 237 -24.25 -39.04 -31.10
CA SER B 237 -24.15 -40.48 -31.33
C SER B 237 -23.20 -40.81 -32.48
N VAL B 238 -23.22 -39.99 -33.53
CA VAL B 238 -22.32 -40.19 -34.68
C VAL B 238 -20.84 -39.94 -34.31
N ASP B 239 -20.60 -39.09 -33.31
CA ASP B 239 -19.24 -38.81 -32.81
C ASP B 239 -18.61 -40.04 -32.15
N LYS B 240 -19.45 -40.97 -31.68
CA LYS B 240 -18.97 -42.22 -31.08
C LYS B 240 -18.45 -43.26 -32.08
N LEU B 241 -18.65 -43.05 -33.39
CA LEU B 241 -18.24 -44.02 -34.42
C LEU B 241 -16.74 -44.29 -34.52
N ASP B 242 -15.92 -43.44 -33.93
CA ASP B 242 -14.48 -43.70 -33.86
C ASP B 242 -14.12 -44.74 -32.77
N LYS B 243 -15.03 -45.00 -31.84
CA LYS B 243 -14.81 -46.00 -30.77
C LYS B 243 -15.74 -47.21 -30.81
N VAL B 244 -16.94 -47.07 -31.36
CA VAL B 244 -17.90 -48.18 -31.38
C VAL B 244 -18.40 -48.53 -32.78
N SER B 245 -19.05 -49.69 -32.87
CA SER B 245 -19.62 -50.19 -34.11
C SER B 245 -20.73 -49.29 -34.65
N TRP B 246 -21.05 -49.42 -35.94
CA TRP B 246 -22.22 -48.77 -36.52
C TRP B 246 -23.50 -49.35 -35.89
N GLU B 247 -23.53 -50.67 -35.73
CA GLU B 247 -24.66 -51.36 -35.10
C GLU B 247 -24.92 -50.83 -33.69
N GLU B 248 -23.87 -50.58 -32.92
CA GLU B 248 -24.03 -50.14 -31.54
C GLU B 248 -24.57 -48.70 -31.48
N VAL B 249 -24.09 -47.86 -32.39
CA VAL B 249 -24.60 -46.50 -32.56
C VAL B 249 -26.05 -46.53 -33.04
N LYS B 250 -26.31 -47.24 -34.14
CA LYS B 250 -27.65 -47.41 -34.69
C LYS B 250 -28.65 -47.86 -33.62
N ASN B 251 -28.23 -48.74 -32.73
CA ASN B 251 -29.08 -49.22 -31.65
C ASN B 251 -29.32 -48.14 -30.60
N GLU B 252 -28.30 -47.33 -30.32
CA GLU B 252 -28.44 -46.18 -29.44
C GLU B 252 -29.43 -45.15 -29.99
N MET B 253 -29.37 -44.89 -31.31
CA MET B 253 -30.24 -43.90 -31.94
C MET B 253 -31.70 -44.36 -31.96
N VAL B 254 -31.92 -45.65 -32.20
CA VAL B 254 -33.28 -46.22 -32.31
C VAL B 254 -33.89 -46.48 -30.92
N GLY B 255 -33.19 -47.26 -30.11
CA GLY B 255 -33.72 -47.70 -28.82
C GLY B 255 -33.73 -46.66 -27.73
N GLU B 256 -32.64 -45.89 -27.61
CA GLU B 256 -32.47 -44.95 -26.51
C GLU B 256 -32.85 -43.51 -26.87
N LYS B 257 -32.47 -43.05 -28.06
CA LYS B 257 -32.76 -41.68 -28.49
C LYS B 257 -34.04 -41.55 -29.34
N GLY B 258 -34.73 -42.65 -29.57
CA GLY B 258 -36.06 -42.62 -30.15
C GLY B 258 -36.21 -42.39 -31.65
N LEU B 259 -35.15 -42.58 -32.42
CA LEU B 259 -35.27 -42.54 -33.89
C LEU B 259 -36.01 -43.74 -34.46
N ALA B 260 -36.52 -43.58 -35.67
CA ALA B 260 -37.11 -44.71 -36.41
C ALA B 260 -36.00 -45.56 -37.00
N PRO B 261 -36.25 -46.87 -37.20
CA PRO B 261 -35.20 -47.68 -37.82
C PRO B 261 -34.84 -47.20 -39.22
N GLU B 262 -35.86 -46.91 -40.02
CA GLU B 262 -35.71 -46.53 -41.42
C GLU B 262 -34.79 -45.31 -41.64
N VAL B 263 -34.86 -44.34 -40.73
CA VAL B 263 -34.08 -43.10 -40.87
C VAL B 263 -32.65 -43.29 -40.39
N ALA B 264 -32.46 -44.16 -39.40
CA ALA B 264 -31.11 -44.51 -38.94
C ALA B 264 -30.36 -45.25 -40.05
N ASP B 265 -31.06 -46.13 -40.76
CA ASP B 265 -30.50 -46.80 -41.94
C ASP B 265 -30.03 -45.76 -42.96
N ARG B 266 -30.87 -44.77 -43.24
CA ARG B 266 -30.55 -43.71 -44.21
C ARG B 266 -29.32 -42.92 -43.79
N ILE B 267 -29.21 -42.65 -42.50
CA ILE B 267 -28.03 -41.96 -41.95
C ILE B 267 -26.77 -42.79 -42.22
N GLY B 268 -26.86 -44.11 -42.06
CA GLY B 268 -25.74 -45.02 -42.35
C GLY B 268 -25.22 -44.93 -43.77
N ASP B 269 -26.12 -44.75 -44.74
CA ASP B 269 -25.73 -44.63 -46.15
C ASP B 269 -24.80 -43.44 -46.42
N TYR B 270 -24.95 -42.36 -45.66
CA TYR B 270 -24.08 -41.19 -45.81
C TYR B 270 -22.86 -41.28 -44.89
N VAL B 271 -23.12 -41.59 -43.63
CA VAL B 271 -22.08 -41.61 -42.60
C VAL B 271 -20.91 -42.53 -42.92
N GLN B 272 -21.18 -43.69 -43.53
CA GLN B 272 -20.09 -44.60 -43.95
C GLN B 272 -19.17 -44.04 -45.05
N GLN B 273 -19.58 -42.99 -45.75
CA GLN B 273 -18.83 -42.45 -46.91
C GLN B 273 -17.68 -41.49 -46.54
N HIS B 274 -16.56 -41.62 -47.23
CA HIS B 274 -15.42 -40.72 -47.07
C HIS B 274 -14.53 -40.72 -48.33
N GLY B 275 -13.84 -39.62 -48.57
CA GLY B 275 -12.92 -39.50 -49.70
C GLY B 275 -12.30 -38.13 -49.78
N GLY B 276 -11.91 -37.71 -50.98
CA GLY B 276 -11.35 -36.37 -51.20
C GLY B 276 -12.32 -35.46 -51.92
N VAL B 277 -11.79 -34.49 -52.65
CA VAL B 277 -12.60 -33.50 -53.38
C VAL B 277 -13.68 -34.13 -54.30
N SER B 278 -13.40 -35.30 -54.89
CA SER B 278 -14.37 -35.92 -55.79
C SER B 278 -15.69 -36.26 -55.07
N LEU B 279 -15.61 -36.61 -53.79
CA LEU B 279 -16.79 -36.86 -52.97
C LEU B 279 -17.64 -35.60 -52.78
N VAL B 280 -16.99 -34.45 -52.66
CA VAL B 280 -17.69 -33.19 -52.54
C VAL B 280 -18.50 -32.92 -53.81
N GLU B 281 -17.86 -33.09 -54.96
CA GLU B 281 -18.52 -32.91 -56.25
C GLU B 281 -19.68 -33.90 -56.40
N GLN B 282 -19.44 -35.12 -55.97
CA GLN B 282 -20.47 -36.17 -56.00
C GLN B 282 -21.72 -35.71 -55.23
N LEU B 283 -21.53 -35.30 -53.98
CA LEU B 283 -22.63 -34.89 -53.14
C LEU B 283 -23.33 -33.60 -53.64
N LEU B 284 -22.60 -32.73 -54.34
CA LEU B 284 -23.21 -31.57 -55.00
C LEU B 284 -24.20 -31.99 -56.08
N GLN B 285 -23.88 -33.07 -56.81
CA GLN B 285 -24.79 -33.66 -57.80
C GLN B 285 -25.80 -34.66 -57.21
N ASP B 286 -25.93 -34.69 -55.88
CA ASP B 286 -26.87 -35.60 -55.21
C ASP B 286 -28.26 -35.00 -55.33
N PRO B 287 -29.24 -35.80 -55.79
CA PRO B 287 -30.57 -35.23 -56.03
C PRO B 287 -31.28 -34.75 -54.77
N LYS B 288 -31.20 -35.52 -53.69
CA LYS B 288 -31.92 -35.22 -52.45
C LYS B 288 -31.23 -34.13 -51.63
N LEU B 289 -29.93 -34.30 -51.42
CA LEU B 289 -29.14 -33.40 -50.57
C LEU B 289 -28.96 -32.00 -51.18
N SER B 290 -28.96 -31.90 -52.51
CA SER B 290 -28.84 -30.61 -53.18
C SER B 290 -30.03 -29.69 -52.94
N GLN B 291 -31.16 -30.25 -52.49
CA GLN B 291 -32.36 -29.45 -52.22
C GLN B 291 -32.33 -28.80 -50.84
N ASN B 292 -31.37 -29.18 -50.00
CA ASN B 292 -31.16 -28.57 -48.70
C ASN B 292 -30.17 -27.41 -48.81
N LYS B 293 -30.64 -26.18 -48.59
CA LYS B 293 -29.79 -24.98 -48.76
C LYS B 293 -28.60 -24.97 -47.78
N GLN B 294 -28.86 -25.39 -46.55
CA GLN B 294 -27.84 -25.42 -45.50
C GLN B 294 -26.65 -26.29 -45.92
N ALA B 295 -26.94 -27.54 -46.32
CA ALA B 295 -25.92 -28.48 -46.75
C ALA B 295 -25.21 -28.02 -48.01
N LEU B 296 -25.99 -27.46 -48.94
CA LEU B 296 -25.46 -26.96 -50.21
C LEU B 296 -24.37 -25.90 -50.00
N GLU B 297 -24.58 -25.02 -49.03
CA GLU B 297 -23.58 -23.99 -48.70
C GLU B 297 -22.32 -24.58 -48.10
N GLY B 298 -22.48 -25.54 -47.19
CA GLY B 298 -21.35 -26.22 -46.58
C GLY B 298 -20.50 -26.96 -47.59
N LEU B 299 -21.14 -27.66 -48.52
CA LEU B 299 -20.44 -28.36 -49.60
C LEU B 299 -19.71 -27.37 -50.50
N GLY B 300 -20.36 -26.25 -50.80
CA GLY B 300 -19.75 -25.19 -51.61
C GLY B 300 -18.51 -24.61 -50.95
N ASP B 301 -18.56 -24.45 -49.64
CA ASP B 301 -17.40 -23.98 -48.89
C ASP B 301 -16.29 -25.02 -48.82
N LEU B 302 -16.61 -26.31 -48.73
CA LEU B 302 -15.57 -27.33 -48.76
C LEU B 302 -14.91 -27.41 -50.14
N LYS B 303 -15.70 -27.26 -51.20
CA LYS B 303 -15.14 -27.15 -52.56
C LYS B 303 -14.08 -26.04 -52.61
N LEU B 304 -14.38 -24.91 -52.01
CA LEU B 304 -13.44 -23.78 -51.95
C LEU B 304 -12.25 -24.08 -51.05
N LEU B 305 -12.51 -24.77 -49.95
CA LEU B 305 -11.44 -25.19 -49.05
C LEU B 305 -10.41 -26.04 -49.78
N PHE B 306 -10.86 -27.04 -50.54
CA PHE B 306 -9.94 -27.95 -51.23
C PHE B 306 -9.08 -27.23 -52.26
N GLU B 307 -9.63 -26.19 -52.90
CA GLU B 307 -8.84 -25.34 -53.80
C GLU B 307 -7.66 -24.70 -53.06
N TYR B 308 -7.93 -24.13 -51.88
CA TYR B 308 -6.88 -23.49 -51.10
C TYR B 308 -5.92 -24.52 -50.47
N LEU B 309 -6.43 -25.67 -50.07
CA LEU B 309 -5.59 -26.71 -49.50
C LEU B 309 -4.58 -27.21 -50.54
N THR B 310 -5.02 -27.32 -51.79
CA THR B 310 -4.13 -27.73 -52.87
C THR B 310 -2.99 -26.74 -53.05
N LEU B 311 -3.32 -25.44 -52.99
CA LEU B 311 -2.32 -24.37 -53.13
C LEU B 311 -1.34 -24.37 -51.96
N PHE B 312 -1.81 -24.78 -50.80
CA PHE B 312 -0.94 -24.93 -49.64
C PHE B 312 -0.14 -26.23 -49.67
N GLY B 313 -0.40 -27.07 -50.67
CA GLY B 313 0.33 -28.32 -50.84
C GLY B 313 -0.01 -29.39 -49.81
N ILE B 314 -1.25 -29.42 -49.33
CA ILE B 314 -1.66 -30.42 -48.36
C ILE B 314 -3.00 -31.09 -48.67
N ASP B 315 -3.50 -30.92 -49.88
CA ASP B 315 -4.76 -31.58 -50.26
C ASP B 315 -4.68 -33.10 -50.12
N ASP B 316 -3.49 -33.66 -50.36
CA ASP B 316 -3.25 -35.11 -50.20
C ASP B 316 -3.39 -35.62 -48.76
N LYS B 317 -3.32 -34.74 -47.78
CA LYS B 317 -3.42 -35.12 -46.37
C LYS B 317 -4.84 -35.07 -45.78
N ILE B 318 -5.82 -34.69 -46.59
CA ILE B 318 -7.18 -34.44 -46.10
C ILE B 318 -8.20 -35.46 -46.58
N SER B 319 -9.01 -35.95 -45.64
CA SER B 319 -10.12 -36.84 -45.94
C SER B 319 -11.46 -36.18 -45.59
N PHE B 320 -12.29 -35.94 -46.59
CA PHE B 320 -13.66 -35.50 -46.37
C PHE B 320 -14.44 -36.72 -45.90
N ASP B 321 -14.79 -36.72 -44.60
CA ASP B 321 -15.38 -37.88 -43.94
C ASP B 321 -16.70 -37.47 -43.31
N LEU B 322 -17.78 -38.14 -43.69
CA LEU B 322 -19.11 -37.74 -43.21
C LEU B 322 -19.43 -38.28 -41.81
N SER B 323 -18.63 -39.20 -41.30
CA SER B 323 -18.79 -39.72 -39.94
C SER B 323 -18.24 -38.75 -38.90
N LEU B 324 -17.41 -37.80 -39.34
CA LEU B 324 -16.86 -36.82 -38.43
C LEU B 324 -17.91 -35.81 -37.98
N ALA B 325 -18.20 -35.85 -36.70
CA ALA B 325 -18.93 -34.79 -36.02
C ALA B 325 -18.20 -34.65 -34.72
N ARG B 326 -17.87 -33.43 -34.35
CA ARG B 326 -17.08 -33.24 -33.15
C ARG B 326 -17.94 -33.39 -31.90
N GLY B 327 -17.29 -33.39 -30.75
CA GLY B 327 -17.99 -33.62 -29.48
C GLY B 327 -18.65 -32.40 -28.86
N LEU B 328 -18.43 -31.23 -29.44
CA LEU B 328 -18.86 -29.97 -28.83
C LEU B 328 -19.94 -29.27 -29.65
N ASP B 329 -20.88 -28.66 -28.95
CA ASP B 329 -22.06 -28.08 -29.59
C ASP B 329 -21.79 -26.82 -30.39
N TYR B 330 -20.70 -26.11 -30.11
CA TYR B 330 -20.55 -24.74 -30.66
C TYR B 330 -20.03 -24.60 -32.09
N TYR B 331 -19.72 -25.71 -32.76
CA TYR B 331 -19.25 -25.63 -34.14
C TYR B 331 -20.39 -25.37 -35.12
N THR B 332 -20.12 -24.51 -36.10
CA THR B 332 -21.13 -24.05 -37.06
C THR B 332 -20.74 -24.31 -38.51
N GLY B 333 -19.44 -24.25 -38.83
CA GLY B 333 -18.94 -24.50 -40.19
C GLY B 333 -18.05 -25.73 -40.22
N VAL B 334 -16.82 -25.57 -40.71
CA VAL B 334 -15.93 -26.72 -40.84
C VAL B 334 -15.59 -27.28 -39.50
N ILE B 335 -15.28 -28.57 -39.51
CA ILE B 335 -14.77 -29.27 -38.35
C ILE B 335 -13.73 -30.27 -38.84
N TYR B 336 -12.78 -30.63 -37.98
CA TYR B 336 -11.70 -31.54 -38.35
C TYR B 336 -11.04 -32.19 -37.15
N GLU B 337 -10.59 -33.43 -37.36
CA GLU B 337 -9.72 -34.13 -36.41
C GLU B 337 -8.57 -34.75 -37.19
N ALA B 338 -7.37 -34.65 -36.65
CA ALA B 338 -6.22 -35.38 -37.20
C ALA B 338 -6.06 -36.69 -36.43
N VAL B 339 -5.72 -37.75 -37.14
CA VAL B 339 -5.46 -39.04 -36.53
C VAL B 339 -4.13 -39.55 -37.05
N LEU B 340 -3.37 -40.18 -36.17
CA LEU B 340 -2.14 -40.83 -36.60
C LEU B 340 -2.53 -42.12 -37.28
N LEU B 341 -1.83 -42.48 -38.34
CA LEU B 341 -2.07 -43.74 -39.03
C LEU B 341 -1.07 -44.74 -38.48
N GLN B 342 -1.39 -46.00 -38.62
CA GLN B 342 -0.44 -47.04 -38.26
C GLN B 342 0.47 -47.33 -39.46
N THR B 343 1.79 -47.26 -39.24
CA THR B 343 2.71 -48.07 -40.04
C THR B 343 2.42 -49.50 -39.52
N PRO B 344 2.87 -50.54 -40.23
CA PRO B 344 2.55 -51.93 -39.84
C PRO B 344 2.62 -52.27 -38.32
N ALA B 345 3.76 -52.18 -37.66
CA ALA B 345 3.79 -52.44 -36.20
C ALA B 345 2.87 -51.44 -35.45
N GLN B 346 1.88 -51.97 -34.71
CA GLN B 346 0.73 -51.19 -34.20
C GLN B 346 0.01 -50.44 -35.32
N SER B 356 -7.49 -38.99 -30.93
CA SER B 356 -7.11 -38.08 -32.01
C SER B 356 -6.21 -36.97 -31.50
N VAL B 357 -5.25 -36.60 -32.33
CA VAL B 357 -4.05 -35.95 -31.85
C VAL B 357 -4.14 -34.44 -32.06
N ALA B 358 -5.08 -34.00 -32.88
CA ALA B 358 -5.41 -32.59 -33.05
C ALA B 358 -6.85 -32.44 -33.53
N ALA B 359 -7.49 -31.31 -33.22
CA ALA B 359 -8.90 -31.11 -33.56
C ALA B 359 -9.31 -29.66 -33.47
N GLY B 360 -10.40 -29.31 -34.16
CA GLY B 360 -10.95 -27.95 -34.13
C GLY B 360 -12.06 -27.71 -35.15
N GLY B 361 -12.30 -26.45 -35.49
CA GLY B 361 -13.35 -26.09 -36.44
C GLY B 361 -13.77 -24.64 -36.35
N ARG B 362 -14.81 -24.28 -37.09
CA ARG B 362 -15.33 -22.93 -37.08
C ARG B 362 -16.52 -22.82 -36.12
N TYR B 363 -16.55 -21.74 -35.35
CA TYR B 363 -17.58 -21.52 -34.32
C TYR B 363 -18.05 -20.05 -34.31
N ASP B 364 -19.00 -19.74 -35.20
CA ASP B 364 -19.41 -18.37 -35.48
C ASP B 364 -20.44 -17.81 -34.51
N GLY B 365 -21.00 -18.65 -33.64
CA GLY B 365 -22.02 -18.20 -32.70
C GLY B 365 -21.55 -17.87 -31.29
N LEU B 366 -20.38 -18.35 -30.91
CA LEU B 366 -19.98 -18.39 -29.48
C LEU B 366 -19.76 -17.02 -28.83
N VAL B 367 -19.03 -16.14 -29.49
CA VAL B 367 -18.83 -14.79 -28.98
C VAL B 367 -20.18 -14.06 -28.87
N GLY B 368 -21.11 -14.39 -29.78
CA GLY B 368 -22.45 -13.81 -29.75
C GLY B 368 -23.22 -14.11 -28.48
N MET B 369 -22.99 -15.28 -27.90
CA MET B 369 -23.66 -15.69 -26.66
C MET B 369 -23.19 -14.86 -25.48
N PHE B 370 -21.96 -14.35 -25.56
CA PHE B 370 -21.38 -13.55 -24.50
C PHE B 370 -21.66 -12.06 -24.66
N ASP B 371 -21.67 -11.55 -25.89
CA ASP B 371 -21.89 -10.13 -26.10
C ASP B 371 -23.27 -9.71 -25.59
N PRO B 372 -23.33 -8.62 -24.81
CA PRO B 372 -24.58 -8.06 -24.30
C PRO B 372 -25.63 -7.87 -25.40
N LYS B 373 -25.20 -7.34 -26.55
CA LYS B 373 -26.11 -7.04 -27.65
C LYS B 373 -26.13 -8.12 -28.73
N GLY B 374 -25.60 -9.31 -28.43
CA GLY B 374 -25.65 -10.45 -29.34
C GLY B 374 -24.76 -10.40 -30.56
N ARG B 375 -23.90 -9.38 -30.66
CA ARG B 375 -23.08 -9.20 -31.85
C ARG B 375 -22.13 -10.36 -32.01
N LYS B 376 -22.14 -10.94 -33.22
CA LYS B 376 -21.33 -12.11 -33.52
C LYS B 376 -19.94 -11.76 -34.03
N VAL B 377 -18.99 -12.67 -33.78
CA VAL B 377 -17.63 -12.55 -34.28
C VAL B 377 -17.19 -13.91 -34.78
N PRO B 378 -17.11 -14.08 -36.11
CA PRO B 378 -16.72 -15.38 -36.64
C PRO B 378 -15.36 -15.79 -36.12
N CYS B 379 -15.21 -17.06 -35.76
CA CYS B 379 -13.94 -17.62 -35.28
C CYS B 379 -13.69 -19.00 -35.88
N VAL B 380 -12.44 -19.30 -36.17
CA VAL B 380 -12.04 -20.64 -36.58
C VAL B 380 -10.74 -20.99 -35.89
N GLY B 381 -10.58 -22.27 -35.53
CA GLY B 381 -9.41 -22.66 -34.74
C GLY B 381 -9.07 -24.14 -34.70
N LEU B 382 -8.04 -24.44 -33.94
CA LEU B 382 -7.53 -25.78 -33.79
C LEU B 382 -6.88 -25.91 -32.43
N SER B 383 -6.71 -27.14 -32.01
CA SER B 383 -6.09 -27.46 -30.75
C SER B 383 -5.29 -28.73 -30.97
N ILE B 384 -4.09 -28.78 -30.41
CA ILE B 384 -3.22 -29.95 -30.56
C ILE B 384 -3.10 -30.66 -29.22
N GLY B 385 -3.48 -31.94 -29.20
CA GLY B 385 -3.40 -32.76 -27.99
C GLY B 385 -2.02 -33.34 -27.82
N VAL B 386 -1.26 -32.80 -26.88
CA VAL B 386 0.17 -33.13 -26.81
C VAL B 386 0.49 -34.32 -25.92
N GLU B 387 -0.51 -34.81 -25.19
CA GLU B 387 -0.26 -35.87 -24.21
C GLU B 387 0.14 -37.18 -24.88
N ARG B 388 -0.53 -37.54 -25.98
CA ARG B 388 -0.14 -38.72 -26.73
C ARG B 388 1.23 -38.51 -27.37
N ILE B 389 1.48 -37.28 -27.82
CA ILE B 389 2.73 -36.96 -28.50
C ILE B 389 3.94 -37.09 -27.58
N PHE B 390 3.79 -36.71 -26.30
CA PHE B 390 4.90 -36.83 -25.35
C PHE B 390 5.37 -38.28 -25.24
N SER B 391 4.43 -39.23 -25.26
CA SER B 391 4.78 -40.66 -25.13
C SER B 391 5.61 -41.12 -26.32
N ILE B 392 5.15 -40.70 -27.50
CA ILE B 392 5.77 -41.07 -28.76
C ILE B 392 7.16 -40.47 -28.86
N VAL B 393 7.30 -39.20 -28.52
CA VAL B 393 8.59 -38.53 -28.59
C VAL B 393 9.57 -39.09 -27.55
N GLU B 394 9.08 -39.48 -26.38
CA GLU B 394 9.95 -40.11 -25.39
C GLU B 394 10.45 -41.46 -25.92
N GLN B 395 9.54 -42.24 -26.49
CA GLN B 395 9.90 -43.56 -27.06
C GLN B 395 10.89 -43.46 -28.22
N ARG B 396 10.90 -42.34 -28.93
CA ARG B 396 11.88 -42.11 -29.98
C ARG B 396 13.27 -41.89 -29.39
N LEU B 397 13.33 -41.16 -28.28
CA LEU B 397 14.61 -40.86 -27.63
C LEU B 397 15.18 -42.06 -26.87
N GLU B 398 14.31 -42.87 -26.26
CA GLU B 398 14.73 -44.14 -25.67
C GLU B 398 15.34 -45.08 -26.73
N ALA B 399 14.83 -45.00 -27.96
CA ALA B 399 15.33 -45.80 -29.08
C ALA B 399 16.76 -45.40 -29.49
N LEU B 400 17.06 -44.09 -29.49
CA LEU B 400 18.43 -43.59 -29.69
C LEU B 400 19.10 -43.35 -28.34
N LYS B 403 20.57 -40.44 -24.26
CA LYS B 403 20.78 -40.00 -22.89
C LYS B 403 20.66 -38.48 -22.80
N ILE B 404 19.44 -37.97 -22.61
CA ILE B 404 19.19 -36.52 -22.53
C ILE B 404 19.45 -35.94 -21.14
N ARG B 405 20.10 -34.79 -21.12
CA ARG B 405 20.45 -34.15 -19.87
C ARG B 405 19.23 -33.38 -19.35
N THR B 406 19.22 -33.13 -18.05
CA THR B 406 18.17 -32.34 -17.43
C THR B 406 18.73 -31.08 -16.76
N THR B 407 20.02 -30.84 -16.96
CA THR B 407 20.67 -29.60 -16.58
C THR B 407 21.57 -29.16 -17.73
N GLU B 408 22.01 -27.91 -17.70
CA GLU B 408 22.85 -27.37 -18.75
C GLU B 408 24.22 -26.94 -18.22
N THR B 409 24.55 -27.35 -17.00
CA THR B 409 25.82 -27.04 -16.38
C THR B 409 27.01 -27.39 -17.28
N GLN B 410 27.88 -26.40 -17.49
CA GLN B 410 29.01 -26.58 -18.40
C GLN B 410 30.25 -27.03 -17.64
N VAL B 411 30.30 -26.69 -16.36
CA VAL B 411 31.50 -26.93 -15.58
C VAL B 411 31.18 -27.13 -14.10
N LEU B 412 31.97 -27.99 -13.45
CA LEU B 412 31.95 -28.13 -12.00
C LEU B 412 33.27 -27.62 -11.43
N VAL B 413 33.17 -26.69 -10.49
CA VAL B 413 34.36 -26.19 -9.81
C VAL B 413 34.69 -27.18 -8.73
N ALA B 414 35.95 -27.62 -8.70
CA ALA B 414 36.34 -28.78 -7.89
C ALA B 414 37.72 -28.63 -7.29
N SER B 415 37.99 -29.44 -6.28
CA SER B 415 39.36 -29.56 -5.77
C SER B 415 39.59 -30.89 -5.08
N ALA B 416 40.83 -31.35 -5.16
CA ALA B 416 41.22 -32.60 -4.56
C ALA B 416 41.75 -32.42 -3.15
N GLN B 417 42.38 -31.27 -2.90
CA GLN B 417 42.99 -30.96 -1.61
C GLN B 417 41.96 -30.43 -0.62
N LYS B 418 42.39 -30.20 0.61
CA LYS B 418 41.53 -29.66 1.66
C LYS B 418 41.73 -28.16 1.83
N LYS B 419 40.86 -27.54 2.63
CA LYS B 419 40.92 -26.11 2.97
C LYS B 419 40.73 -25.14 1.78
N LEU B 420 39.98 -25.54 0.76
CA LEU B 420 39.82 -24.73 -0.45
C LEU B 420 38.38 -24.40 -0.82
N LEU B 421 37.45 -24.53 0.12
CA LEU B 421 36.07 -24.19 -0.14
C LEU B 421 35.92 -22.73 -0.50
N GLU B 422 36.64 -21.86 0.22
CA GLU B 422 36.53 -20.41 0.02
C GLU B 422 36.90 -20.04 -1.41
N GLU B 423 38.03 -20.57 -1.87
CA GLU B 423 38.50 -20.32 -3.21
C GLU B 423 37.55 -20.88 -4.28
N ARG B 424 36.92 -22.01 -3.99
CA ARG B 424 35.93 -22.56 -4.91
C ARG B 424 34.68 -21.68 -5.02
N LEU B 425 34.25 -21.11 -3.89
CA LEU B 425 33.10 -20.23 -3.89
C LEU B 425 33.40 -18.96 -4.68
N LYS B 426 34.61 -18.44 -4.52
CA LYS B 426 35.06 -17.31 -5.34
C LYS B 426 34.97 -17.60 -6.83
N LEU B 427 35.47 -18.77 -7.22
CA LEU B 427 35.56 -19.10 -8.63
C LEU B 427 34.19 -19.35 -9.25
N VAL B 428 33.35 -20.13 -8.57
CA VAL B 428 32.03 -20.46 -9.10
C VAL B 428 31.17 -19.18 -9.25
N SER B 429 31.37 -18.22 -8.35
CA SER B 429 30.65 -16.95 -8.38
C SER B 429 31.13 -16.08 -9.52
N GLU B 430 32.44 -16.01 -9.69
CA GLU B 430 33.06 -15.40 -10.85
C GLU B 430 32.47 -15.93 -12.17
N LEU B 431 32.28 -17.24 -12.26
CA LEU B 431 31.72 -17.87 -13.45
C LEU B 431 30.26 -17.51 -13.64
N TRP B 432 29.49 -17.57 -12.56
CA TRP B 432 28.08 -17.16 -12.59
C TRP B 432 27.97 -15.74 -13.14
N ASP B 433 28.85 -14.85 -12.70
CA ASP B 433 28.81 -13.45 -13.13
C ASP B 433 29.18 -13.29 -14.60
N ALA B 434 29.93 -14.25 -15.15
CA ALA B 434 30.28 -14.25 -16.57
C ALA B 434 29.26 -14.97 -17.45
N GLY B 435 28.19 -15.47 -16.83
CA GLY B 435 27.12 -16.13 -17.55
C GLY B 435 27.34 -17.60 -17.78
N ILE B 436 28.38 -18.17 -17.17
CA ILE B 436 28.71 -19.57 -17.34
C ILE B 436 27.87 -20.37 -16.38
N LYS B 437 27.41 -21.53 -16.83
CA LYS B 437 26.56 -22.40 -16.03
C LYS B 437 27.46 -23.33 -15.22
N ALA B 438 27.55 -23.05 -13.91
CA ALA B 438 28.54 -23.68 -13.06
C ALA B 438 27.94 -24.21 -11.79
N GLU B 439 28.53 -25.28 -11.26
CA GLU B 439 28.11 -25.84 -9.97
C GLU B 439 29.33 -26.16 -9.13
N LEU B 440 29.08 -26.43 -7.86
CA LEU B 440 30.07 -27.08 -6.99
C LEU B 440 29.34 -27.99 -6.02
N LEU B 441 30.05 -28.95 -5.47
CA LEU B 441 29.46 -29.81 -4.43
C LEU B 441 29.45 -29.01 -3.13
N TYR B 442 28.37 -29.18 -2.37
CA TYR B 442 28.18 -28.45 -1.12
C TYR B 442 28.93 -29.13 0.01
N LYS B 443 30.25 -29.16 -0.13
CA LYS B 443 31.14 -29.89 0.77
C LYS B 443 32.39 -29.08 1.07
N LYS B 444 32.82 -29.08 2.33
CA LYS B 444 34.08 -28.41 2.69
C LYS B 444 35.25 -29.05 1.95
N ASN B 445 35.40 -30.36 2.06
CA ASN B 445 36.54 -31.08 1.45
C ASN B 445 36.06 -32.31 0.70
N PRO B 446 35.46 -32.11 -0.47
CA PRO B 446 34.97 -33.23 -1.25
C PRO B 446 36.12 -34.06 -1.84
N LYS B 447 35.87 -35.33 -2.07
CA LYS B 447 36.79 -36.20 -2.81
C LYS B 447 36.65 -35.96 -4.31
N LEU B 448 37.76 -35.95 -5.03
CA LEU B 448 37.77 -35.70 -6.46
C LEU B 448 36.99 -36.77 -7.22
N LEU B 449 37.09 -38.01 -6.77
CA LEU B 449 36.39 -39.11 -7.40
C LEU B 449 34.87 -38.88 -7.41
N ASN B 450 34.33 -38.42 -6.29
CA ASN B 450 32.90 -38.12 -6.16
C ASN B 450 32.50 -36.96 -7.05
N GLN B 451 33.38 -35.97 -7.16
CA GLN B 451 33.14 -34.82 -8.03
C GLN B 451 33.09 -35.21 -9.52
N LEU B 452 33.93 -36.15 -9.92
CA LEU B 452 33.89 -36.64 -11.29
C LEU B 452 32.66 -37.51 -11.53
N GLN B 453 32.25 -38.29 -10.52
CA GLN B 453 31.06 -39.11 -10.64
C GLN B 453 29.80 -38.26 -10.75
N TYR B 454 29.74 -37.17 -10.02
CA TYR B 454 28.62 -36.24 -10.15
C TYR B 454 28.50 -35.71 -11.57
N CYS B 455 29.64 -35.46 -12.22
CA CYS B 455 29.64 -34.98 -13.59
C CYS B 455 29.25 -36.06 -14.58
N GLU B 456 29.80 -37.26 -14.42
CA GLU B 456 29.46 -38.37 -15.32
C GLU B 456 27.95 -38.58 -15.39
N GLU B 457 27.29 -38.60 -14.23
CA GLU B 457 25.85 -38.85 -14.15
C GLU B 457 25.01 -37.68 -14.69
N ALA B 458 25.44 -36.44 -14.42
CA ALA B 458 24.71 -35.24 -14.86
C ALA B 458 24.91 -34.91 -16.33
N GLY B 459 26.00 -35.42 -16.91
CA GLY B 459 26.39 -35.07 -18.27
C GLY B 459 27.23 -33.80 -18.35
N ILE B 460 27.85 -33.40 -17.23
CA ILE B 460 28.68 -32.20 -17.20
C ILE B 460 30.02 -32.50 -17.89
N PRO B 461 30.34 -31.74 -18.94
CA PRO B 461 31.53 -32.03 -19.75
C PRO B 461 32.90 -31.60 -19.15
N LEU B 462 32.91 -30.61 -18.26
CA LEU B 462 34.18 -30.08 -17.77
C LEU B 462 34.24 -30.01 -16.25
N VAL B 463 35.47 -30.08 -15.74
CA VAL B 463 35.75 -29.87 -14.33
C VAL B 463 36.93 -28.92 -14.22
N ALA B 464 36.76 -27.85 -13.45
CA ALA B 464 37.82 -26.88 -13.20
C ALA B 464 38.40 -27.15 -11.83
N ILE B 465 39.62 -27.66 -11.78
CA ILE B 465 40.23 -28.09 -10.53
C ILE B 465 41.20 -27.04 -9.97
N ILE B 466 41.01 -26.70 -8.70
CA ILE B 466 41.86 -25.76 -7.98
C ILE B 466 42.78 -26.51 -7.01
N GLY B 467 44.03 -26.05 -6.93
CA GLY B 467 44.99 -26.53 -5.93
C GLY B 467 45.81 -25.35 -5.45
N GLU B 468 46.49 -25.51 -4.30
CA GLU B 468 47.40 -24.46 -3.78
C GLU B 468 48.31 -23.88 -4.85
N GLN B 469 49.00 -24.76 -5.55
CA GLN B 469 50.00 -24.35 -6.52
C GLN B 469 49.37 -23.61 -7.70
N GLU B 470 48.16 -24.01 -8.09
CA GLU B 470 47.46 -23.42 -9.23
C GLU B 470 47.03 -21.99 -8.96
N LEU B 471 46.64 -21.73 -7.71
CA LEU B 471 46.30 -20.37 -7.29
C LEU B 471 47.53 -19.46 -7.29
N LYS B 472 48.63 -19.95 -6.72
CA LYS B 472 49.92 -19.27 -6.80
C LYS B 472 50.27 -18.89 -8.23
N ASP B 473 50.14 -19.84 -9.16
CA ASP B 473 50.51 -19.64 -10.57
C ASP B 473 49.45 -18.89 -11.40
N GLY B 474 48.24 -18.72 -10.88
CA GLY B 474 47.19 -17.98 -11.59
C GLY B 474 46.54 -18.79 -12.69
N VAL B 475 46.52 -20.11 -12.51
CA VAL B 475 45.93 -21.02 -13.49
C VAL B 475 44.87 -21.88 -12.83
N ILE B 476 44.18 -22.68 -13.63
CA ILE B 476 43.34 -23.77 -13.10
C ILE B 476 43.47 -24.98 -14.03
N LYS B 477 43.42 -26.16 -13.42
CA LYS B 477 43.48 -27.41 -14.17
C LYS B 477 42.09 -27.71 -14.70
N LEU B 478 41.95 -27.72 -16.02
CA LEU B 478 40.65 -27.96 -16.66
C LEU B 478 40.66 -29.35 -17.24
N ARG B 479 39.78 -30.21 -16.73
CA ARG B 479 39.75 -31.60 -17.14
C ARG B 479 38.45 -31.95 -17.82
N SER B 480 38.56 -32.66 -18.94
CA SER B 480 37.41 -33.11 -19.69
C SER B 480 36.90 -34.36 -19.02
N VAL B 481 35.61 -34.35 -18.69
CA VAL B 481 35.00 -35.48 -18.01
C VAL B 481 34.95 -36.70 -18.93
N THR B 482 34.75 -36.49 -20.22
CA THR B 482 34.57 -37.62 -21.13
C THR B 482 35.89 -38.24 -21.63
N SER B 483 36.90 -37.40 -21.91
CA SER B 483 38.19 -37.90 -22.37
C SER B 483 39.19 -38.11 -21.24
N ARG B 484 38.96 -37.43 -20.12
CA ARG B 484 39.84 -37.50 -18.94
C ARG B 484 41.19 -36.78 -19.09
N GLU B 485 41.34 -35.99 -20.14
CA GLU B 485 42.57 -35.26 -20.37
C GLU B 485 42.49 -33.91 -19.67
N GLU B 486 43.61 -33.48 -19.15
CA GLU B 486 43.66 -32.30 -18.31
C GLU B 486 44.63 -31.31 -18.92
N VAL B 487 44.23 -30.04 -18.94
CA VAL B 487 45.09 -28.97 -19.45
C VAL B 487 45.10 -27.82 -18.43
N ASP B 488 46.26 -27.20 -18.24
CA ASP B 488 46.37 -25.99 -17.44
C ASP B 488 45.84 -24.82 -18.27
N VAL B 489 45.05 -23.95 -17.63
CA VAL B 489 44.42 -22.82 -18.30
C VAL B 489 44.52 -21.59 -17.41
N ARG B 490 45.00 -20.50 -17.98
CA ARG B 490 45.22 -19.28 -17.24
C ARG B 490 43.86 -18.73 -16.80
N ARG B 491 43.77 -18.28 -15.55
CA ARG B 491 42.46 -17.93 -14.97
C ARG B 491 41.71 -16.83 -15.74
N GLU B 492 42.44 -15.89 -16.33
CA GLU B 492 41.88 -14.87 -17.22
C GLU B 492 41.21 -15.49 -18.46
N ASP B 493 41.77 -16.59 -18.96
CA ASP B 493 41.26 -17.26 -20.17
C ASP B 493 40.12 -18.26 -19.90
N LEU B 494 39.89 -18.59 -18.63
CA LEU B 494 38.98 -19.69 -18.27
C LEU B 494 37.57 -19.57 -18.83
N VAL B 495 36.97 -18.39 -18.72
CA VAL B 495 35.62 -18.19 -19.25
C VAL B 495 35.57 -18.44 -20.76
N GLU B 496 36.48 -17.81 -21.50
CA GLU B 496 36.51 -18.02 -22.95
C GLU B 496 36.75 -19.46 -23.33
N GLU B 497 37.67 -20.12 -22.61
CA GLU B 497 38.01 -21.51 -22.89
C GLU B 497 36.83 -22.44 -22.65
N ILE B 498 36.05 -22.19 -21.60
CA ILE B 498 34.85 -22.97 -21.32
C ILE B 498 33.81 -22.79 -22.43
N LYS B 499 33.60 -21.53 -22.85
CA LYS B 499 32.65 -21.22 -23.93
C LYS B 499 33.04 -21.88 -25.23
N ARG B 500 34.33 -21.84 -25.54
CA ARG B 500 34.85 -22.37 -26.78
C ARG B 500 34.67 -23.88 -26.86
N ARG B 501 34.71 -24.55 -25.72
CA ARG B 501 34.53 -26.00 -25.66
C ARG B 501 33.08 -26.50 -25.59
N THR B 502 32.15 -25.67 -25.12
CA THR B 502 30.79 -26.11 -24.90
C THR B 502 29.80 -25.37 -25.81
N GLY B 503 30.13 -25.28 -27.09
CA GLY B 503 29.17 -24.82 -28.10
C GLY B 503 28.88 -23.32 -28.15
N GLN B 504 29.15 -22.62 -27.06
CA GLN B 504 28.77 -21.20 -26.94
C GLN B 504 29.74 -20.29 -27.69
N LYS C 53 -35.09 25.71 11.14
CA LYS C 53 -34.71 27.02 10.56
C LYS C 53 -33.21 27.18 10.62
N PHE C 54 -32.58 27.44 9.47
CA PHE C 54 -31.13 27.51 9.40
C PHE C 54 -30.64 28.96 9.46
N VAL C 55 -29.65 29.17 10.32
CA VAL C 55 -29.00 30.49 10.41
C VAL C 55 -27.53 30.22 10.67
N LEU C 56 -26.70 31.15 10.22
CA LEU C 56 -25.26 31.01 10.36
C LEU C 56 -24.82 31.30 11.79
N LYS C 57 -24.26 30.30 12.44
CA LYS C 57 -24.08 30.32 13.87
C LYS C 57 -23.19 29.17 14.30
N THR C 58 -22.34 29.42 15.28
CA THR C 58 -21.65 28.32 15.96
C THR C 58 -22.58 27.76 17.04
N PRO C 59 -22.41 26.48 17.42
CA PRO C 59 -23.27 25.92 18.44
C PRO C 59 -23.23 26.71 19.75
N LYS C 60 -24.36 26.76 20.45
CA LYS C 60 -24.50 27.44 21.75
C LYS C 60 -23.28 27.19 22.64
N GLY C 61 -22.72 28.28 23.16
CA GLY C 61 -21.57 28.21 24.06
C GLY C 61 -20.24 27.87 23.41
N THR C 62 -20.15 28.02 22.09
CA THR C 62 -18.89 27.81 21.38
C THR C 62 -18.61 28.97 20.46
N ARG C 63 -17.33 29.26 20.24
CA ARG C 63 -16.94 30.32 19.32
C ARG C 63 -15.76 29.93 18.42
N ASP C 64 -15.69 30.53 17.24
CA ASP C 64 -14.51 30.45 16.37
C ASP C 64 -13.39 31.22 17.06
N TYR C 65 -12.18 31.12 16.51
CA TYR C 65 -11.10 32.04 16.88
C TYR C 65 -10.69 32.78 15.62
N SER C 66 -10.83 34.10 15.63
CA SER C 66 -10.39 34.93 14.53
C SER C 66 -8.87 34.96 14.49
N PRO C 67 -8.29 35.44 13.38
CA PRO C 67 -6.84 35.61 13.36
C PRO C 67 -6.31 36.44 14.54
N ARG C 68 -7.00 37.53 14.85
CA ARG C 68 -6.62 38.38 15.96
C ARG C 68 -6.67 37.61 17.29
N GLN C 69 -7.71 36.81 17.48
CA GLN C 69 -7.84 36.00 18.69
C GLN C 69 -6.82 34.88 18.77
N MET C 70 -6.45 34.34 17.61
CA MET C 70 -5.39 33.33 17.53
C MET C 70 -4.02 33.92 17.90
N ALA C 71 -3.77 35.18 17.51
CA ALA C 71 -2.53 35.83 17.90
C ALA C 71 -2.39 35.88 19.42
N VAL C 72 -3.48 36.25 20.09
CA VAL C 72 -3.53 36.28 21.56
C VAL C 72 -3.40 34.89 22.14
N ARG C 73 -4.10 33.94 21.56
CA ARG C 73 -4.01 32.56 22.00
C ARG C 73 -2.56 32.06 21.97
N GLU C 74 -1.88 32.24 20.84
CA GLU C 74 -0.48 31.83 20.71
C GLU C 74 0.39 32.49 21.78
N LYS C 75 0.14 33.75 22.10
CA LYS C 75 0.93 34.47 23.07
C LYS C 75 0.77 33.90 24.47
N VAL C 76 -0.46 33.54 24.82
CA VAL C 76 -0.75 32.97 26.13
C VAL C 76 -0.21 31.54 26.22
N PHE C 77 -0.54 30.72 25.24
CA PHE C 77 -0.01 29.36 25.19
C PHE C 77 1.52 29.33 25.22
N ASP C 78 2.16 30.32 24.60
CA ASP C 78 3.61 30.36 24.55
C ASP C 78 4.20 30.53 25.94
N VAL C 79 3.60 31.39 26.76
CA VAL C 79 4.03 31.55 28.15
C VAL C 79 3.80 30.26 28.94
N ILE C 80 2.63 29.67 28.78
CA ILE C 80 2.28 28.46 29.50
C ILE C 80 3.20 27.29 29.12
N ILE C 81 3.36 27.05 27.82
CA ILE C 81 4.18 25.93 27.37
C ILE C 81 5.65 26.11 27.77
N ARG C 82 6.17 27.33 27.67
CA ARG C 82 7.54 27.60 28.10
C ARG C 82 7.76 27.16 29.53
N CYS C 83 6.73 27.31 30.38
CA CYS C 83 6.82 26.90 31.77
C CYS C 83 6.71 25.38 31.95
N PHE C 84 5.77 24.74 31.26
CA PHE C 84 5.63 23.30 31.35
C PHE C 84 6.92 22.59 30.93
N LYS C 85 7.55 23.10 29.88
CA LYS C 85 8.81 22.53 29.39
C LYS C 85 9.97 22.75 30.36
N ARG C 86 9.99 23.91 30.98
CA ARG C 86 10.97 24.25 32.00
C ARG C 86 10.98 23.25 33.16
N HIS C 87 9.86 22.57 33.36
CA HIS C 87 9.71 21.59 34.43
C HIS C 87 9.83 20.15 33.93
N GLY C 88 10.33 19.98 32.70
CA GLY C 88 10.67 18.68 32.17
C GLY C 88 9.51 17.77 31.80
N ALA C 89 8.38 18.35 31.40
CA ALA C 89 7.20 17.56 31.03
C ALA C 89 7.22 17.10 29.58
N GLU C 90 6.80 15.85 29.36
CA GLU C 90 6.45 15.35 28.05
C GLU C 90 5.09 15.92 27.66
N VAL C 91 4.73 15.80 26.39
CA VAL C 91 3.44 16.23 25.93
C VAL C 91 2.73 15.04 25.32
N ILE C 92 1.43 14.95 25.51
CA ILE C 92 0.60 13.96 24.79
C ILE C 92 -0.64 14.63 24.22
N ASP C 93 -1.40 13.86 23.47
CA ASP C 93 -2.72 14.28 23.01
C ASP C 93 -3.56 13.02 22.91
N THR C 94 -4.87 13.19 23.10
CA THR C 94 -5.81 12.08 23.10
C THR C 94 -6.96 12.43 22.15
N PRO C 95 -7.81 11.45 21.82
CA PRO C 95 -8.94 11.77 20.95
C PRO C 95 -9.94 12.67 21.67
N VAL C 96 -10.77 13.37 20.89
CA VAL C 96 -11.72 14.34 21.44
C VAL C 96 -12.83 13.61 22.19
N PHE C 97 -13.14 12.39 21.77
CA PHE C 97 -14.10 11.55 22.50
C PHE C 97 -13.45 10.31 23.12
N GLU C 98 -14.10 9.79 24.17
CA GLU C 98 -13.74 8.52 24.77
C GLU C 98 -14.94 7.61 24.63
N LEU C 99 -14.81 6.36 25.04
CA LEU C 99 -15.98 5.49 25.19
C LEU C 99 -16.84 6.08 26.29
N LYS C 100 -18.16 5.97 26.16
CA LYS C 100 -19.08 6.53 27.14
C LYS C 100 -18.77 6.03 28.54
N GLU C 101 -18.50 4.74 28.65
CA GLU C 101 -18.24 4.12 29.94
C GLU C 101 -16.96 4.64 30.61
N THR C 102 -15.98 5.07 29.81
CA THR C 102 -14.73 5.62 30.33
C THR C 102 -14.99 6.80 31.28
N LEU C 103 -15.92 7.67 30.91
CA LEU C 103 -16.16 8.93 31.65
C LEU C 103 -17.23 8.82 32.74
N MET C 104 -18.08 7.80 32.68
CA MET C 104 -19.12 7.62 33.69
C MET C 104 -18.55 7.17 35.01
N GLY C 105 -19.17 7.62 36.10
CA GLY C 105 -18.79 7.22 37.47
C GLY C 105 -17.48 7.78 38.00
N LYS C 106 -17.04 8.91 37.44
CA LYS C 106 -15.75 9.51 37.83
C LYS C 106 -15.91 10.90 38.42
N TYR C 107 -16.72 11.74 37.76
CA TYR C 107 -16.81 13.17 38.09
C TYR C 107 -17.75 13.51 39.25
N GLY C 108 -18.80 12.73 39.43
CA GLY C 108 -19.80 13.01 40.46
C GLY C 108 -21.05 13.56 39.82
N GLU C 109 -21.74 14.46 40.51
CA GLU C 109 -23.00 15.06 40.00
C GLU C 109 -22.82 15.79 38.66
N ASP C 110 -21.61 16.28 38.41
CA ASP C 110 -21.28 16.94 37.14
C ASP C 110 -21.33 16.00 35.91
N SER C 111 -21.35 14.69 36.14
CA SER C 111 -21.54 13.70 35.06
C SER C 111 -22.80 13.95 34.21
N LYS C 112 -23.78 14.68 34.76
CA LYS C 112 -25.02 15.04 34.02
C LYS C 112 -24.79 16.08 32.90
N LEU C 113 -23.58 16.62 32.77
CA LEU C 113 -23.27 17.65 31.78
C LEU C 113 -22.34 17.18 30.65
N ILE C 114 -22.30 15.87 30.41
CA ILE C 114 -21.42 15.30 29.39
C ILE C 114 -22.14 15.25 28.05
N TYR C 115 -21.44 15.57 26.98
CA TYR C 115 -21.96 15.45 25.61
C TYR C 115 -21.83 14.01 25.14
N ASP C 116 -22.95 13.37 24.80
CA ASP C 116 -22.92 12.02 24.23
C ASP C 116 -23.02 12.09 22.72
N LEU C 117 -22.36 11.16 22.04
CA LEU C 117 -22.55 11.02 20.61
C LEU C 117 -23.77 10.15 20.35
N LYS C 118 -24.34 10.29 19.17
CA LYS C 118 -25.51 9.52 18.79
C LYS C 118 -25.14 8.04 18.70
N ASP C 119 -26.06 7.17 19.09
CA ASP C 119 -25.93 5.73 18.88
C ASP C 119 -26.18 5.49 17.40
N GLN C 120 -25.09 5.32 16.64
CA GLN C 120 -25.18 5.13 15.20
C GLN C 120 -24.87 3.68 14.81
N GLY C 121 -25.13 2.74 15.72
CA GLY C 121 -24.93 1.32 15.47
C GLY C 121 -23.67 0.77 16.11
N GLY C 122 -22.67 1.61 16.35
CA GLY C 122 -21.37 1.15 16.86
C GLY C 122 -21.23 1.23 18.36
N GLU C 123 -20.15 1.87 18.80
CA GLU C 123 -19.86 2.06 20.20
C GLU C 123 -20.60 3.29 20.71
N LEU C 124 -20.84 3.34 22.01
CA LEU C 124 -21.38 4.54 22.64
C LEU C 124 -20.23 5.44 23.06
N LEU C 125 -20.19 6.66 22.53
CA LEU C 125 -19.07 7.57 22.76
C LEU C 125 -19.52 8.87 23.42
N SER C 126 -18.57 9.57 24.02
CA SER C 126 -18.82 10.83 24.72
C SER C 126 -17.65 11.79 24.52
N LEU C 127 -17.94 13.08 24.40
CA LEU C 127 -16.87 14.08 24.33
C LEU C 127 -16.21 14.25 25.69
N ARG C 128 -14.89 14.40 25.71
CA ARG C 128 -14.16 14.49 26.96
C ARG C 128 -14.57 15.72 27.79
N TYR C 129 -14.87 15.49 29.06
CA TYR C 129 -15.32 16.54 29.96
C TYR C 129 -14.12 17.25 30.58
N ASP C 130 -13.00 16.55 30.66
CA ASP C 130 -11.75 17.17 31.08
C ASP C 130 -10.58 16.37 30.51
N LEU C 131 -9.37 16.70 30.92
CA LEU C 131 -8.18 16.02 30.39
C LEU C 131 -7.61 14.96 31.33
N THR C 132 -8.01 15.03 32.60
CA THR C 132 -7.48 14.16 33.64
C THR C 132 -7.97 12.71 33.49
N VAL C 133 -9.26 12.51 33.24
CA VAL C 133 -9.79 11.16 33.09
C VAL C 133 -9.17 10.45 31.87
N PRO C 134 -9.13 11.12 30.71
CA PRO C 134 -8.34 10.57 29.62
C PRO C 134 -6.89 10.25 29.99
N PHE C 135 -6.25 11.09 30.80
CA PHE C 135 -4.88 10.82 31.26
C PHE C 135 -4.83 9.52 32.06
N ALA C 136 -5.75 9.33 32.99
CA ALA C 136 -5.80 8.12 33.80
C ALA C 136 -6.03 6.88 32.95
N ARG C 137 -6.82 7.03 31.90
CA ARG C 137 -7.09 5.96 30.93
C ARG C 137 -5.83 5.65 30.13
N TYR C 138 -5.12 6.70 29.70
CA TYR C 138 -3.85 6.54 28.98
C TYR C 138 -2.85 5.74 29.82
N LEU C 139 -2.72 6.11 31.09
CA LEU C 139 -1.82 5.42 31.99
C LEU C 139 -2.16 3.94 32.12
N ALA C 140 -3.41 3.66 32.46
CA ALA C 140 -3.87 2.29 32.75
C ALA C 140 -3.79 1.38 31.52
N MET C 141 -4.24 1.90 30.39
CA MET C 141 -4.17 1.17 29.12
C MET C 141 -2.74 0.82 28.75
N ASN C 142 -1.81 1.74 28.93
CA ASN C 142 -0.42 1.50 28.62
C ASN C 142 0.40 0.92 29.77
N LYS C 143 -0.25 0.69 30.91
CA LYS C 143 0.36 0.08 32.09
C LYS C 143 1.55 0.89 32.63
N LEU C 144 1.42 2.21 32.60
CA LEU C 144 2.48 3.09 33.06
C LEU C 144 2.28 3.45 34.53
N THR C 145 3.39 3.59 35.25
CA THR C 145 3.34 3.99 36.65
C THR C 145 3.99 5.36 36.91
N ASN C 146 4.78 5.84 35.95
CA ASN C 146 5.56 7.05 36.15
C ASN C 146 5.63 7.86 34.87
N ILE C 147 5.02 9.04 34.90
CA ILE C 147 5.04 9.94 33.75
C ILE C 147 4.65 11.34 34.20
N LYS C 148 5.27 12.33 33.56
CA LYS C 148 5.03 13.73 33.84
C LYS C 148 4.74 14.40 32.50
N ARG C 149 3.46 14.73 32.27
CA ARG C 149 3.04 15.21 30.96
C ARG C 149 2.24 16.49 31.04
N TYR C 150 2.28 17.28 29.99
CA TYR C 150 1.35 18.39 29.84
C TYR C 150 0.47 18.13 28.63
N HIS C 151 -0.73 18.71 28.66
CA HIS C 151 -1.73 18.49 27.62
C HIS C 151 -2.57 19.74 27.47
N ILE C 152 -2.60 20.29 26.26
CA ILE C 152 -3.35 21.50 25.99
C ILE C 152 -4.36 21.20 24.91
N ALA C 153 -5.63 21.23 25.28
CA ALA C 153 -6.69 20.81 24.38
C ALA C 153 -8.05 21.31 24.88
N LYS C 154 -9.03 21.25 23.99
CA LYS C 154 -10.39 21.67 24.32
C LYS C 154 -11.14 20.59 25.07
N VAL C 155 -12.04 21.02 25.94
CA VAL C 155 -12.94 20.11 26.68
C VAL C 155 -14.39 20.55 26.54
N TYR C 156 -15.31 19.66 26.89
CA TYR C 156 -16.69 19.77 26.46
C TYR C 156 -17.66 19.53 27.61
N ARG C 157 -18.44 20.56 27.93
CA ARG C 157 -19.36 20.53 29.07
C ARG C 157 -20.66 21.24 28.72
N ARG C 158 -21.79 20.58 28.93
CA ARG C 158 -23.09 21.18 28.68
C ARG C 158 -23.51 22.09 29.83
N ASP C 159 -22.79 23.18 30.04
CA ASP C 159 -23.09 24.11 31.12
C ASP C 159 -24.26 25.02 30.77
N ASN C 160 -24.81 25.69 31.79
CA ASN C 160 -25.84 26.70 31.61
C ASN C 160 -25.66 27.86 32.58
N PRO C 161 -24.54 28.60 32.44
CA PRO C 161 -24.28 29.68 33.38
C PRO C 161 -25.09 30.93 33.06
N ALA C 162 -25.20 31.83 34.05
CA ALA C 162 -25.94 33.09 33.89
C ALA C 162 -25.29 34.00 32.84
N MET C 163 -23.96 34.00 32.78
CA MET C 163 -23.20 34.75 31.76
C MET C 163 -22.99 33.88 30.50
N THR C 164 -23.63 34.26 29.40
CA THR C 164 -23.60 33.50 28.13
C THR C 164 -22.60 34.05 27.10
N ARG C 165 -21.86 35.10 27.46
CA ARG C 165 -20.79 35.62 26.62
C ARG C 165 -19.63 34.62 26.60
N GLY C 166 -19.00 34.46 25.44
CA GLY C 166 -17.78 33.66 25.31
C GLY C 166 -17.97 32.17 25.16
N ARG C 167 -16.89 31.43 25.36
CA ARG C 167 -16.87 30.01 25.14
C ARG C 167 -17.02 29.25 26.45
N TYR C 168 -18.27 28.91 26.80
CA TYR C 168 -18.53 28.25 28.09
C TYR C 168 -18.84 26.74 28.02
N ARG C 169 -19.03 26.23 26.81
CA ARG C 169 -19.25 24.80 26.59
C ARG C 169 -18.09 24.08 25.90
N GLU C 170 -17.33 24.80 25.08
CA GLU C 170 -16.10 24.28 24.50
C GLU C 170 -15.01 25.27 24.81
N PHE C 171 -14.08 24.87 25.67
CA PHE C 171 -13.01 25.74 26.07
C PHE C 171 -11.72 24.97 26.32
N TYR C 172 -10.60 25.65 26.14
CA TYR C 172 -9.30 25.05 26.36
C TYR C 172 -8.97 24.87 27.83
N GLN C 173 -8.30 23.77 28.13
CA GLN C 173 -7.63 23.57 29.39
C GLN C 173 -6.15 23.35 29.09
N CYS C 174 -5.29 23.87 29.95
CA CYS C 174 -3.85 23.62 29.87
C CYS C 174 -3.40 22.85 31.10
N ASP C 175 -3.22 21.54 30.96
CA ASP C 175 -2.98 20.66 32.08
C ASP C 175 -1.54 20.23 32.21
N PHE C 176 -1.12 20.04 33.46
CA PHE C 176 0.18 19.51 33.80
C PHE C 176 -0.06 18.54 34.94
N ASP C 177 0.47 17.33 34.83
CA ASP C 177 0.17 16.28 35.79
C ASP C 177 1.40 15.40 36.03
N ILE C 178 1.66 15.06 37.29
CA ILE C 178 2.78 14.18 37.65
C ILE C 178 2.22 12.88 38.26
N ALA C 179 2.49 11.76 37.60
CA ALA C 179 2.04 10.44 38.07
C ALA C 179 3.23 9.64 38.56
N GLY C 180 3.09 9.00 39.72
CA GLY C 180 4.16 8.18 40.26
C GLY C 180 4.27 8.12 41.76
N ASN C 181 4.94 7.08 42.25
CA ASN C 181 5.19 6.91 43.68
C ASN C 181 6.47 7.62 44.00
N PHE C 182 6.34 8.77 44.66
CA PHE C 182 7.48 9.60 44.99
C PHE C 182 7.42 9.92 46.48
N ASP C 183 8.39 10.67 46.96
CA ASP C 183 8.36 11.08 48.35
C ASP C 183 7.25 12.13 48.55
N PRO C 184 6.77 12.27 49.79
CA PRO C 184 5.59 13.10 50.04
C PRO C 184 5.71 14.58 49.68
N MET C 185 4.69 15.10 49.00
CA MET C 185 4.47 16.54 48.82
C MET C 185 5.43 17.29 47.91
N ILE C 186 6.44 16.64 47.37
CA ILE C 186 7.38 17.35 46.49
C ILE C 186 6.73 17.69 45.16
N PRO C 187 6.12 16.69 44.47
CA PRO C 187 5.45 17.01 43.21
C PRO C 187 4.24 17.91 43.42
N ASP C 188 3.56 17.74 44.56
CA ASP C 188 2.43 18.59 44.91
C ASP C 188 2.87 20.05 44.98
N ALA C 189 4.00 20.30 45.66
CA ALA C 189 4.58 21.64 45.79
C ALA C 189 5.04 22.22 44.44
N GLU C 190 5.52 21.36 43.54
CA GLU C 190 5.95 21.82 42.25
C GLU C 190 4.77 22.30 41.41
N CYS C 191 3.64 21.61 41.50
CA CYS C 191 2.44 22.04 40.79
C CYS C 191 2.04 23.46 41.18
N LEU C 192 2.08 23.75 42.48
CA LEU C 192 1.74 25.09 42.97
C LEU C 192 2.74 26.13 42.48
N LYS C 193 4.01 25.72 42.36
CA LYS C 193 5.06 26.60 41.83
C LYS C 193 4.80 26.91 40.35
N ILE C 194 4.37 25.90 39.60
CA ILE C 194 4.01 26.09 38.20
C ILE C 194 2.83 27.08 38.01
N MET C 195 1.80 26.95 38.84
CA MET C 195 0.66 27.90 38.80
C MET C 195 1.11 29.34 39.03
N CYS C 196 1.97 29.55 40.03
CA CYS C 196 2.43 30.87 40.37
C CYS C 196 3.38 31.43 39.30
N GLU C 197 4.22 30.59 38.70
CA GLU C 197 5.11 31.04 37.65
C GLU C 197 4.27 31.58 36.50
N ILE C 198 3.29 30.78 36.11
CA ILE C 198 2.46 31.10 34.94
C ILE C 198 1.62 32.35 35.14
N LEU C 199 0.88 32.43 36.23
CA LEU C 199 0.01 33.55 36.47
C LEU C 199 0.81 34.86 36.59
N SER C 200 1.96 34.80 37.22
CA SER C 200 2.87 35.94 37.25
C SER C 200 3.34 36.37 35.86
N SER C 201 3.76 35.41 35.05
CA SER C 201 4.34 35.69 33.73
C SER C 201 3.34 36.26 32.75
N LEU C 202 2.09 35.83 32.85
CA LEU C 202 1.04 36.34 31.98
C LEU C 202 0.71 37.81 32.25
N GLN C 203 1.05 38.28 33.45
CA GLN C 203 0.89 39.68 33.83
C GLN C 203 -0.56 40.10 33.68
N ILE C 204 -1.40 39.44 34.48
CA ILE C 204 -2.84 39.65 34.43
C ILE C 204 -3.32 40.14 35.77
N GLY C 205 -2.44 40.86 36.47
CA GLY C 205 -2.76 41.39 37.79
C GLY C 205 -2.49 40.39 38.89
N ASP C 206 -2.72 40.82 40.12
CA ASP C 206 -2.38 40.04 41.30
C ASP C 206 -3.38 38.91 41.51
N PHE C 207 -2.89 37.82 42.11
CA PHE C 207 -3.68 36.61 42.31
C PHE C 207 -3.36 35.96 43.65
N LEU C 208 -4.18 34.97 43.99
CA LEU C 208 -4.07 34.24 45.24
C LEU C 208 -4.42 32.79 44.96
N VAL C 209 -3.75 31.86 45.62
CA VAL C 209 -4.05 30.44 45.46
C VAL C 209 -4.58 29.84 46.76
N LYS C 210 -5.84 29.42 46.73
CA LYS C 210 -6.48 28.77 47.87
C LYS C 210 -6.12 27.28 47.88
N VAL C 211 -5.89 26.73 49.08
CA VAL C 211 -5.39 25.36 49.26
C VAL C 211 -6.12 24.65 50.39
N ASN C 212 -6.38 23.37 50.18
CA ASN C 212 -7.01 22.51 51.19
C ASN C 212 -6.66 21.06 50.89
N ASP C 213 -7.13 20.14 51.72
CA ASP C 213 -6.94 18.73 51.51
C ASP C 213 -8.27 18.03 51.74
N ARG C 214 -8.61 17.08 50.88
CA ARG C 214 -9.90 16.39 50.97
C ARG C 214 -10.03 15.57 52.25
N ARG C 215 -8.90 15.15 52.82
CA ARG C 215 -8.88 14.39 54.07
C ARG C 215 -9.24 15.28 55.24
N ILE C 216 -8.76 16.52 55.20
CA ILE C 216 -9.11 17.52 56.21
C ILE C 216 -10.62 17.81 56.15
N LEU C 217 -11.10 18.04 54.93
CA LEU C 217 -12.48 18.38 54.67
C LEU C 217 -13.43 17.27 55.12
N ASP C 218 -13.11 16.04 54.74
CA ASP C 218 -13.97 14.90 55.07
C ASP C 218 -13.85 14.51 56.55
N GLY C 219 -12.68 14.71 57.14
CA GLY C 219 -12.49 14.49 58.59
C GLY C 219 -13.21 15.53 59.43
N MET C 220 -13.26 16.75 58.89
CA MET C 220 -13.98 17.85 59.51
C MET C 220 -15.49 17.59 59.47
N PHE C 221 -15.98 17.02 58.37
CA PHE C 221 -17.38 16.61 58.27
C PHE C 221 -17.70 15.53 59.32
N ALA C 222 -16.79 14.59 59.55
CA ALA C 222 -17.00 13.51 60.49
C ALA C 222 -17.14 14.02 61.93
N ILE C 223 -16.22 14.89 62.35
CA ILE C 223 -16.30 15.47 63.70
C ILE C 223 -17.56 16.32 63.87
N CYS C 224 -18.01 16.99 62.80
CA CYS C 224 -19.25 17.77 62.83
C CYS C 224 -20.49 16.87 62.86
N GLY C 225 -20.34 15.61 62.43
CA GLY C 225 -21.39 14.59 62.54
C GLY C 225 -22.04 14.20 61.22
N VAL C 226 -21.34 14.39 60.11
CA VAL C 226 -21.85 13.98 58.81
C VAL C 226 -21.43 12.52 58.57
N SER C 227 -22.36 11.69 58.14
CA SER C 227 -22.06 10.28 57.85
C SER C 227 -21.21 10.16 56.59
N ASP C 228 -20.38 9.13 56.53
CA ASP C 228 -19.46 8.90 55.38
C ASP C 228 -20.17 8.88 54.02
N SER C 229 -21.40 8.41 54.00
CA SER C 229 -22.20 8.40 52.77
C SER C 229 -22.50 9.78 52.20
N LYS C 230 -22.50 10.83 53.00
CA LYS C 230 -22.84 12.18 52.53
C LYS C 230 -21.65 13.08 52.25
N PHE C 231 -20.42 12.57 52.44
CA PHE C 231 -19.22 13.38 52.22
C PHE C 231 -19.22 14.04 50.84
N ARG C 232 -19.62 13.32 49.81
CA ARG C 232 -19.61 13.85 48.44
C ARG C 232 -20.66 14.94 48.20
N THR C 233 -21.86 14.74 48.72
CA THR C 233 -22.95 15.69 48.47
C THR C 233 -22.83 16.94 49.34
N ILE C 234 -22.28 16.80 50.55
CA ILE C 234 -22.03 17.94 51.44
C ILE C 234 -20.82 18.73 50.97
N CYS C 235 -19.79 18.02 50.52
CA CYS C 235 -18.62 18.65 49.90
C CYS C 235 -19.02 19.45 48.68
N SER C 236 -20.03 18.96 47.97
CA SER C 236 -20.58 19.65 46.80
C SER C 236 -21.30 20.96 47.14
N SER C 237 -22.01 20.98 48.27
CA SER C 237 -22.67 22.19 48.76
C SER C 237 -21.66 23.24 49.21
N VAL C 238 -20.58 22.80 49.84
CA VAL C 238 -19.53 23.71 50.30
C VAL C 238 -18.76 24.35 49.12
N ASP C 239 -18.69 23.65 47.99
CA ASP C 239 -18.06 24.18 46.76
C ASP C 239 -18.83 25.40 46.19
N LYS C 240 -20.10 25.51 46.52
CA LYS C 240 -20.93 26.66 46.09
C LYS C 240 -20.66 27.96 46.85
N LEU C 241 -19.88 27.91 47.94
CA LEU C 241 -19.63 29.11 48.77
C LEU C 241 -18.89 30.26 48.08
N ASP C 242 -18.26 29.99 46.94
CA ASP C 242 -17.65 31.07 46.14
C ASP C 242 -18.70 31.88 45.36
N LYS C 243 -19.91 31.35 45.19
CA LYS C 243 -20.98 32.05 44.47
C LYS C 243 -22.18 32.43 45.33
N VAL C 244 -22.46 31.69 46.41
CA VAL C 244 -23.66 31.96 47.23
C VAL C 244 -23.32 32.19 48.70
N SER C 245 -24.31 32.71 49.43
CA SER C 245 -24.13 33.01 50.85
C SER C 245 -24.00 31.71 51.67
N TRP C 246 -23.51 31.85 52.90
CA TRP C 246 -23.45 30.72 53.84
C TRP C 246 -24.85 30.27 54.20
N GLU C 247 -25.73 31.24 54.42
CA GLU C 247 -27.11 30.92 54.72
C GLU C 247 -27.81 30.10 53.64
N GLU C 248 -27.54 30.43 52.38
CA GLU C 248 -28.18 29.74 51.25
C GLU C 248 -27.67 28.29 51.16
N VAL C 249 -26.37 28.11 51.39
CA VAL C 249 -25.76 26.78 51.48
C VAL C 249 -26.31 26.00 52.67
N LYS C 250 -26.23 26.60 53.86
CA LYS C 250 -26.78 26.02 55.08
C LYS C 250 -28.24 25.56 54.91
N ASN C 251 -29.04 26.34 54.18
CA ASN C 251 -30.44 25.95 53.88
C ASN C 251 -30.52 24.76 52.96
N GLU C 252 -29.62 24.72 51.98
CA GLU C 252 -29.53 23.59 51.06
C GLU C 252 -29.16 22.30 51.80
N MET C 253 -28.21 22.40 52.75
CA MET C 253 -27.74 21.23 53.49
C MET C 253 -28.83 20.69 54.43
N VAL C 254 -29.57 21.59 55.08
CA VAL C 254 -30.61 21.22 56.05
C VAL C 254 -31.91 20.78 55.38
N GLY C 255 -32.46 21.64 54.52
CA GLY C 255 -33.76 21.42 53.92
C GLY C 255 -33.79 20.40 52.79
N GLU C 256 -32.79 20.45 51.92
CA GLU C 256 -32.78 19.64 50.70
C GLU C 256 -31.94 18.37 50.85
N LYS C 257 -30.77 18.47 51.46
CA LYS C 257 -29.86 17.32 51.62
C LYS C 257 -29.98 16.61 52.98
N GLY C 258 -30.89 17.08 53.82
CA GLY C 258 -31.30 16.34 55.02
C GLY C 258 -30.38 16.36 56.23
N LEU C 259 -29.44 17.31 56.29
CA LEU C 259 -28.63 17.46 57.50
C LEU C 259 -29.42 18.05 58.67
N ALA C 260 -28.92 17.84 59.88
CA ALA C 260 -29.49 18.49 61.07
C ALA C 260 -29.02 19.94 61.12
N PRO C 261 -29.81 20.83 61.76
CA PRO C 261 -29.34 22.22 61.86
C PRO C 261 -28.04 22.35 62.66
N GLU C 262 -27.98 21.65 63.79
CA GLU C 262 -26.85 21.69 64.71
C GLU C 262 -25.49 21.35 64.05
N VAL C 263 -25.48 20.39 63.13
CA VAL C 263 -24.24 19.95 62.50
C VAL C 263 -23.82 20.87 61.36
N ALA C 264 -24.80 21.48 60.70
CA ALA C 264 -24.53 22.49 59.67
C ALA C 264 -23.89 23.73 60.30
N ASP C 265 -24.40 24.12 61.47
CA ASP C 265 -23.78 25.18 62.25
C ASP C 265 -22.31 24.86 62.54
N ARG C 266 -22.03 23.63 62.99
CA ARG C 266 -20.67 23.21 63.31
C ARG C 266 -19.74 23.26 62.10
N ILE C 267 -20.28 22.88 60.94
CA ILE C 267 -19.55 22.98 59.68
C ILE C 267 -19.16 24.44 59.38
N GLY C 268 -20.08 25.37 59.64
CA GLY C 268 -19.82 26.80 59.47
C GLY C 268 -18.63 27.32 60.28
N ASP C 269 -18.47 26.82 61.50
CA ASP C 269 -17.36 27.24 62.36
C ASP C 269 -15.97 26.95 61.75
N TYR C 270 -15.87 25.87 60.97
CA TYR C 270 -14.59 25.52 60.30
C TYR C 270 -14.50 26.15 58.91
N VAL C 271 -15.56 25.99 58.14
CA VAL C 271 -15.62 26.46 56.75
C VAL C 271 -15.31 27.95 56.58
N GLN C 272 -15.77 28.80 57.50
CA GLN C 272 -15.46 30.23 57.45
C GLN C 272 -13.98 30.58 57.65
N GLN C 273 -13.17 29.64 58.16
CA GLN C 273 -11.77 29.92 58.51
C GLN C 273 -10.78 29.82 57.34
N HIS C 274 -9.82 30.74 57.28
CA HIS C 274 -8.74 30.71 56.29
C HIS C 274 -7.51 31.50 56.77
N GLY C 275 -6.33 31.11 56.30
CA GLY C 275 -5.08 31.79 56.65
C GLY C 275 -3.88 31.13 56.00
N GLY C 276 -2.71 31.27 56.63
CA GLY C 276 -1.48 30.63 56.17
C GLY C 276 -1.07 29.49 57.10
N VAL C 277 0.24 29.20 57.13
CA VAL C 277 0.79 28.09 57.92
C VAL C 277 0.37 28.09 59.39
N SER C 278 0.16 29.27 59.98
CA SER C 278 -0.23 29.34 61.37
C SER C 278 -1.58 28.64 61.62
N LEU C 279 -2.48 28.71 60.65
CA LEU C 279 -3.78 28.04 60.76
C LEU C 279 -3.63 26.52 60.78
N VAL C 280 -2.65 26.01 60.04
CA VAL C 280 -2.37 24.58 60.04
C VAL C 280 -1.94 24.14 61.43
N GLU C 281 -1.01 24.88 62.02
CA GLU C 281 -0.52 24.61 63.37
C GLU C 281 -1.65 24.70 64.39
N GLN C 282 -2.50 25.71 64.22
CA GLN C 282 -3.67 25.90 65.07
C GLN C 282 -4.55 24.64 65.06
N LEU C 283 -4.94 24.19 63.87
CA LEU C 283 -5.80 23.02 63.72
C LEU C 283 -5.15 21.70 64.20
N LEU C 284 -3.82 21.61 64.12
CA LEU C 284 -3.10 20.47 64.69
C LEU C 284 -3.27 20.41 66.21
N GLN C 285 -3.30 21.58 66.86
CA GLN C 285 -3.58 21.67 68.30
C GLN C 285 -5.07 21.72 68.65
N ASP C 286 -5.95 21.42 67.68
CA ASP C 286 -7.40 21.42 67.91
C ASP C 286 -7.77 20.13 68.64
N PRO C 287 -8.50 20.25 69.76
CA PRO C 287 -8.77 19.05 70.56
C PRO C 287 -9.64 18.00 69.84
N LYS C 288 -10.66 18.44 69.12
CA LYS C 288 -11.63 17.53 68.47
C LYS C 288 -11.08 16.94 67.18
N LEU C 289 -10.57 17.82 66.32
CA LEU C 289 -10.08 17.44 64.99
C LEU C 289 -8.79 16.60 65.03
N SER C 290 -7.97 16.78 66.05
CA SER C 290 -6.76 15.98 66.20
C SER C 290 -7.03 14.49 66.46
N GLN C 291 -8.25 14.16 66.88
CA GLN C 291 -8.61 12.77 67.15
C GLN C 291 -9.02 12.00 65.88
N ASN C 292 -9.19 12.72 64.78
CA ASN C 292 -9.46 12.12 63.48
C ASN C 292 -8.15 11.85 62.73
N LYS C 293 -7.83 10.58 62.51
CA LYS C 293 -6.56 10.21 61.88
C LYS C 293 -6.44 10.71 60.44
N GLN C 294 -7.54 10.63 59.70
CA GLN C 294 -7.60 11.07 58.31
C GLN C 294 -7.21 12.55 58.19
N ALA C 295 -7.88 13.41 58.96
CA ALA C 295 -7.61 14.83 58.96
C ALA C 295 -6.20 15.15 59.46
N LEU C 296 -5.76 14.45 60.49
CA LEU C 296 -4.43 14.64 61.07
C LEU C 296 -3.32 14.43 60.03
N GLU C 297 -3.48 13.44 59.16
CA GLU C 297 -2.50 13.18 58.09
C GLU C 297 -2.49 14.26 57.05
N GLY C 298 -3.68 14.72 56.66
CA GLY C 298 -3.80 15.83 55.70
C GLY C 298 -3.17 17.11 56.20
N LEU C 299 -3.39 17.44 57.47
CA LEU C 299 -2.79 18.62 58.09
C LEU C 299 -1.27 18.48 58.14
N GLY C 300 -0.80 17.28 58.47
CA GLY C 300 0.63 17.00 58.52
C GLY C 300 1.27 17.18 57.15
N ASP C 301 0.56 16.78 56.10
CA ASP C 301 1.05 16.95 54.74
C ASP C 301 1.05 18.41 54.31
N LEU C 302 0.05 19.18 54.74
CA LEU C 302 0.04 20.62 54.42
C LEU C 302 1.18 21.34 55.15
N LYS C 303 1.46 20.95 56.40
CA LYS C 303 2.62 21.47 57.13
C LYS C 303 3.90 21.28 56.31
N LEU C 304 4.05 20.10 55.73
CA LEU C 304 5.20 19.78 54.87
C LEU C 304 5.16 20.57 53.57
N LEU C 305 3.97 20.73 53.01
CA LEU C 305 3.79 21.52 51.81
C LEU C 305 4.29 22.95 52.00
N PHE C 306 3.89 23.59 53.09
CA PHE C 306 4.29 24.98 53.34
C PHE C 306 5.80 25.14 53.49
N GLU C 307 6.47 24.14 54.03
CA GLU C 307 7.93 24.13 54.10
C GLU C 307 8.55 24.21 52.70
N TYR C 308 8.05 23.37 51.79
CA TYR C 308 8.55 23.36 50.41
C TYR C 308 8.11 24.60 49.62
N LEU C 309 6.91 25.13 49.89
CA LEU C 309 6.44 26.34 49.21
C LEU C 309 7.32 27.53 49.58
N THR C 310 7.73 27.60 50.84
CA THR C 310 8.62 28.66 51.28
C THR C 310 9.96 28.60 50.55
N LEU C 311 10.50 27.39 50.38
CA LEU C 311 11.75 27.20 49.64
C LEU C 311 11.63 27.55 48.16
N PHE C 312 10.44 27.36 47.60
CA PHE C 312 10.16 27.78 46.24
C PHE C 312 9.87 29.28 46.14
N GLY C 313 9.81 29.97 47.27
CA GLY C 313 9.59 31.41 47.31
C GLY C 313 8.18 31.82 46.95
N ILE C 314 7.19 31.01 47.29
CA ILE C 314 5.80 31.34 47.00
C ILE C 314 4.83 31.11 48.16
N ASP C 315 5.36 30.93 49.37
CA ASP C 315 4.49 30.73 50.53
C ASP C 315 3.56 31.93 50.74
N ASP C 316 4.03 33.13 50.38
CA ASP C 316 3.24 34.36 50.49
C ASP C 316 2.00 34.38 49.56
N LYS C 317 1.99 33.55 48.53
CA LYS C 317 0.88 33.51 47.56
C LYS C 317 -0.22 32.49 47.89
N ILE C 318 -0.09 31.77 49.00
CA ILE C 318 -0.99 30.66 49.32
C ILE C 318 -1.88 30.95 50.53
N SER C 319 -3.17 30.66 50.37
CA SER C 319 -4.14 30.73 51.46
C SER C 319 -4.72 29.35 51.78
N PHE C 320 -4.45 28.85 52.99
CA PHE C 320 -5.07 27.63 53.47
C PHE C 320 -6.51 27.99 53.83
N ASP C 321 -7.46 27.53 53.01
CA ASP C 321 -8.87 27.94 53.09
C ASP C 321 -9.73 26.70 53.25
N LEU C 322 -10.51 26.61 54.32
CA LEU C 322 -11.30 25.42 54.60
C LEU C 322 -12.62 25.37 53.81
N SER C 323 -12.99 26.47 53.19
CA SER C 323 -14.19 26.50 52.34
C SER C 323 -13.93 25.90 50.97
N LEU C 324 -12.65 25.76 50.62
CA LEU C 324 -12.29 25.15 49.34
C LEU C 324 -12.55 23.65 49.36
N ALA C 325 -13.49 23.25 48.52
CA ALA C 325 -13.68 21.87 48.13
C ALA C 325 -13.94 21.94 46.66
N ARG C 326 -13.26 21.13 45.87
CA ARG C 326 -13.39 21.24 44.43
C ARG C 326 -14.70 20.59 43.96
N GLY C 327 -15.02 20.77 42.69
CA GLY C 327 -16.27 20.28 42.14
C GLY C 327 -16.28 18.82 41.74
N LEU C 328 -15.14 18.15 41.79
CA LEU C 328 -14.99 16.80 41.24
C LEU C 328 -14.72 15.77 42.34
N ASP C 329 -15.29 14.58 42.17
CA ASP C 329 -15.23 13.54 43.18
C ASP C 329 -13.87 12.88 43.35
N TYR C 330 -13.01 12.94 42.35
CA TYR C 330 -11.81 12.08 42.36
C TYR C 330 -10.59 12.55 43.18
N TYR C 331 -10.67 13.73 43.80
CA TYR C 331 -9.55 14.23 44.59
C TYR C 331 -9.45 13.53 45.93
N THR C 332 -8.23 13.23 46.34
CA THR C 332 -7.96 12.47 47.56
C THR C 332 -7.06 13.19 48.55
N GLY C 333 -6.12 13.98 48.05
CA GLY C 333 -5.19 14.73 48.90
C GLY C 333 -5.38 16.23 48.74
N VAL C 334 -4.31 16.95 48.39
CA VAL C 334 -4.41 18.39 48.26
C VAL C 334 -5.32 18.78 47.14
N ILE C 335 -5.90 19.96 47.27
CA ILE C 335 -6.69 20.57 46.25
C ILE C 335 -6.42 22.07 46.29
N TYR C 336 -6.60 22.75 45.17
CA TYR C 336 -6.32 24.18 45.07
C TYR C 336 -7.04 24.86 43.93
N GLU C 337 -7.39 26.12 44.13
CA GLU C 337 -7.86 27.00 43.06
C GLU C 337 -7.13 28.32 43.17
N ALA C 338 -6.71 28.88 42.04
CA ALA C 338 -6.20 30.23 41.98
C ALA C 338 -7.32 31.18 41.60
N VAL C 339 -7.35 32.34 42.24
CA VAL C 339 -8.30 33.38 41.92
C VAL C 339 -7.56 34.68 41.69
N LEU C 340 -8.01 35.46 40.71
CA LEU C 340 -7.46 36.80 40.51
C LEU C 340 -8.07 37.68 41.58
N LEU C 341 -7.26 38.58 42.13
CA LEU C 341 -7.75 39.54 43.11
C LEU C 341 -8.18 40.76 42.33
N GLN C 342 -9.17 41.44 42.87
CA GLN C 342 -9.87 42.46 42.15
C GLN C 342 -10.28 43.47 43.20
N THR C 343 -9.93 44.73 43.00
CA THR C 343 -10.30 45.79 43.93
C THR C 343 -11.77 46.16 43.65
N PRO C 344 -12.41 46.92 44.55
CA PRO C 344 -13.82 47.32 44.37
C PRO C 344 -14.14 47.93 43.00
N GLY C 355 -15.32 32.98 38.14
CA GLY C 355 -14.97 31.68 38.66
C GLY C 355 -13.56 31.67 39.21
N SER C 356 -12.68 30.89 38.59
CA SER C 356 -11.31 30.71 39.03
C SER C 356 -10.43 30.31 37.86
N VAL C 357 -9.19 30.79 37.88
CA VAL C 357 -8.42 30.95 36.67
C VAL C 357 -7.48 29.76 36.51
N ALA C 358 -7.26 29.03 37.60
CA ALA C 358 -6.52 27.77 37.57
C ALA C 358 -6.95 26.87 38.75
N ALA C 359 -6.82 25.56 38.59
CA ALA C 359 -7.29 24.62 39.61
C ALA C 359 -6.69 23.23 39.43
N GLY C 360 -6.71 22.44 40.50
CA GLY C 360 -6.26 21.03 40.46
C GLY C 360 -6.15 20.39 41.83
N GLY C 361 -5.35 19.32 41.92
CA GLY C 361 -5.18 18.60 43.18
C GLY C 361 -4.60 17.22 42.99
N ARG C 362 -4.55 16.46 44.08
CA ARG C 362 -4.04 15.08 44.05
C ARG C 362 -5.20 14.07 43.95
N TYR C 363 -5.04 13.07 43.08
CA TYR C 363 -6.09 12.10 42.79
C TYR C 363 -5.50 10.69 42.69
N ASP C 364 -5.34 10.05 43.86
CA ASP C 364 -4.60 8.79 43.96
C ASP C 364 -5.43 7.55 43.64
N GLY C 365 -6.74 7.68 43.46
CA GLY C 365 -7.60 6.52 43.21
C GLY C 365 -7.98 6.29 41.76
N LEU C 366 -7.82 7.30 40.91
CA LEU C 366 -8.45 7.29 39.57
C LEU C 366 -7.91 6.24 38.61
N VAL C 367 -6.60 6.13 38.50
CA VAL C 367 -5.98 5.10 37.66
C VAL C 367 -6.39 3.71 38.16
N GLY C 368 -6.57 3.57 39.47
CA GLY C 368 -6.99 2.31 40.07
C GLY C 368 -8.34 1.82 39.59
N MET C 369 -9.24 2.77 39.29
CA MET C 369 -10.57 2.43 38.78
C MET C 369 -10.51 1.83 37.39
N PHE C 370 -9.47 2.20 36.63
CA PHE C 370 -9.31 1.73 35.27
C PHE C 370 -8.51 0.43 35.20
N ASP C 371 -7.50 0.28 36.06
CA ASP C 371 -6.65 -0.92 35.99
C ASP C 371 -7.47 -2.17 36.27
N PRO C 372 -7.32 -3.21 35.42
CA PRO C 372 -8.00 -4.50 35.61
C PRO C 372 -7.84 -5.06 37.01
N LYS C 373 -6.63 -5.01 37.56
CA LYS C 373 -6.33 -5.55 38.88
C LYS C 373 -6.31 -4.50 40.00
N GLY C 374 -6.89 -3.33 39.74
CA GLY C 374 -7.05 -2.30 40.76
C GLY C 374 -5.80 -1.56 41.20
N ARG C 375 -4.67 -1.82 40.54
CA ARG C 375 -3.40 -1.24 40.96
C ARG C 375 -3.44 0.28 40.82
N LYS C 376 -3.08 0.97 41.92
CA LYS C 376 -3.15 2.41 41.98
C LYS C 376 -1.87 3.07 41.51
N VAL C 377 -2.02 4.29 41.00
CA VAL C 377 -0.89 5.12 40.61
C VAL C 377 -1.18 6.54 41.11
N PRO C 378 -0.45 6.97 42.14
CA PRO C 378 -0.67 8.32 42.64
C PRO C 378 -0.44 9.36 41.56
N CYS C 379 -1.30 10.36 41.50
CA CYS C 379 -1.20 11.46 40.54
C CYS C 379 -1.52 12.80 41.21
N VAL C 380 -0.82 13.85 40.81
CA VAL C 380 -1.16 15.21 41.24
C VAL C 380 -1.04 16.14 40.05
N GLY C 381 -1.90 17.16 39.98
CA GLY C 381 -1.95 18.01 38.80
C GLY C 381 -2.64 19.34 38.92
N LEU C 382 -2.67 20.05 37.80
CA LEU C 382 -3.26 21.38 37.72
C LEU C 382 -3.75 21.62 36.31
N SER C 383 -4.65 22.58 36.20
CA SER C 383 -5.23 22.96 34.92
C SER C 383 -5.41 24.46 34.94
N ILE C 384 -5.10 25.12 33.83
CA ILE C 384 -5.20 26.56 33.73
C ILE C 384 -6.32 26.92 32.77
N GLY C 385 -7.29 27.69 33.28
CA GLY C 385 -8.43 28.11 32.47
C GLY C 385 -8.08 29.38 31.70
N VAL C 386 -7.88 29.24 30.40
CA VAL C 386 -7.33 30.34 29.62
C VAL C 386 -8.38 31.26 29.03
N GLU C 387 -9.65 30.90 29.12
CA GLU C 387 -10.68 31.68 28.45
C GLU C 387 -10.84 33.07 29.07
N ARG C 388 -10.78 33.15 30.40
CA ARG C 388 -10.83 34.45 31.08
C ARG C 388 -9.56 35.25 30.76
N ILE C 389 -8.44 34.53 30.67
CA ILE C 389 -7.15 35.16 30.43
C ILE C 389 -7.08 35.80 29.04
N PHE C 390 -7.68 35.16 28.03
CA PHE C 390 -7.70 35.73 26.67
C PHE C 390 -8.36 37.10 26.66
N SER C 391 -9.43 37.29 27.44
CA SER C 391 -10.15 38.58 27.47
C SER C 391 -9.28 39.67 28.06
N ILE C 392 -8.60 39.32 29.15
CA ILE C 392 -7.74 40.23 29.86
C ILE C 392 -6.55 40.61 28.99
N VAL C 393 -5.94 39.63 28.33
CA VAL C 393 -4.78 39.91 27.47
C VAL C 393 -5.17 40.72 26.24
N GLU C 394 -6.35 40.49 25.69
CA GLU C 394 -6.81 41.29 24.56
C GLU C 394 -7.03 42.74 25.01
N GLN C 395 -7.66 42.92 26.17
CA GLN C 395 -7.91 44.26 26.71
C GLN C 395 -6.62 45.03 27.01
N ARG C 396 -5.55 44.31 27.33
CA ARG C 396 -4.25 44.94 27.53
C ARG C 396 -3.70 45.49 26.21
N LEU C 397 -3.87 44.74 25.13
CA LEU C 397 -3.35 45.15 23.82
C LEU C 397 -4.19 46.25 23.18
N GLU C 398 -5.51 46.22 23.39
CA GLU C 398 -6.38 47.33 23.00
C GLU C 398 -5.99 48.63 23.71
N ALA C 399 -5.50 48.53 24.94
CA ALA C 399 -5.04 49.67 25.72
C ALA C 399 -3.75 50.31 25.16
N LEU C 400 -2.79 49.48 24.75
CA LEU C 400 -1.53 49.96 24.17
C LEU C 400 -1.66 50.03 22.63
N LYS C 403 -2.10 47.85 17.14
CA LYS C 403 -2.29 47.10 15.91
C LYS C 403 -1.34 45.91 15.85
N ILE C 404 -1.78 44.75 16.35
CA ILE C 404 -1.07 43.48 16.12
C ILE C 404 -1.40 42.96 14.71
N ARG C 405 -0.36 42.54 13.95
CA ARG C 405 -0.51 41.96 12.60
C ARG C 405 -0.99 40.54 12.73
N THR C 406 -1.60 40.03 11.68
CA THR C 406 -2.07 38.65 11.64
C THR C 406 -1.41 37.87 10.48
N THR C 407 -0.44 38.50 9.82
CA THR C 407 0.44 37.83 8.87
C THR C 407 1.87 38.28 9.13
N GLU C 408 2.83 37.56 8.57
CA GLU C 408 4.23 37.90 8.77
C GLU C 408 4.95 38.26 7.46
N THR C 409 4.18 38.51 6.41
CA THR C 409 4.72 38.88 5.11
C THR C 409 5.70 40.04 5.21
N GLN C 410 6.89 39.86 4.66
CA GLN C 410 7.93 40.86 4.74
C GLN C 410 7.91 41.77 3.51
N VAL C 411 7.40 41.26 2.40
CA VAL C 411 7.48 41.99 1.15
C VAL C 411 6.33 41.62 0.22
N LEU C 412 5.89 42.60 -0.55
CA LEU C 412 4.95 42.37 -1.65
C LEU C 412 5.67 42.63 -2.96
N VAL C 413 5.64 41.64 -3.85
CA VAL C 413 6.19 41.81 -5.18
C VAL C 413 5.13 42.54 -6.01
N ALA C 414 5.54 43.61 -6.66
CA ALA C 414 4.61 44.56 -7.26
C ALA C 414 5.12 45.14 -8.56
N SER C 415 4.20 45.70 -9.34
CA SER C 415 4.53 46.44 -10.53
C SER C 415 3.51 47.47 -10.89
N ALA C 416 3.97 48.57 -11.48
CA ALA C 416 3.10 49.64 -11.92
C ALA C 416 2.72 49.49 -13.39
N GLN C 417 3.61 48.90 -14.20
CA GLN C 417 3.39 48.72 -15.62
C GLN C 417 2.58 47.47 -15.91
N LYS C 418 2.24 47.29 -17.18
CA LYS C 418 1.47 46.11 -17.61
C LYS C 418 2.38 45.03 -18.19
N LYS C 419 1.81 43.86 -18.44
CA LYS C 419 2.51 42.71 -19.04
C LYS C 419 3.67 42.12 -18.22
N LEU C 420 3.59 42.21 -16.88
CA LEU C 420 4.71 41.78 -16.02
C LEU C 420 4.31 40.75 -14.97
N LEU C 421 3.17 40.09 -15.13
CA LEU C 421 2.74 39.06 -14.19
C LEU C 421 3.74 37.91 -14.15
N GLU C 422 4.24 37.51 -15.31
CA GLU C 422 5.17 36.38 -15.41
C GLU C 422 6.43 36.64 -14.61
N GLU C 423 7.00 37.83 -14.79
CA GLU C 423 8.20 38.23 -14.05
C GLU C 423 7.94 38.34 -12.54
N ARG C 424 6.74 38.77 -12.15
CA ARG C 424 6.39 38.82 -10.72
C ARG C 424 6.29 37.43 -10.11
N LEU C 425 5.75 36.48 -10.86
CA LEU C 425 5.64 35.10 -10.38
C LEU C 425 7.03 34.47 -10.23
N LYS C 426 7.93 34.77 -11.16
CA LYS C 426 9.33 34.35 -11.04
C LYS C 426 9.96 34.87 -9.75
N LEU C 427 9.76 36.15 -9.48
CA LEU C 427 10.42 36.78 -8.36
C LEU C 427 9.88 36.31 -7.03
N VAL C 428 8.55 36.25 -6.91
CA VAL C 428 7.93 35.83 -5.65
C VAL C 428 8.31 34.38 -5.31
N SER C 429 8.48 33.56 -6.34
CA SER C 429 8.87 32.16 -6.18
C SER C 429 10.32 32.04 -5.76
N GLU C 430 11.18 32.82 -6.38
CA GLU C 430 12.56 32.98 -5.97
C GLU C 430 12.68 33.34 -4.49
N LEU C 431 11.82 34.25 -4.03
CA LEU C 431 11.82 34.67 -2.62
C LEU C 431 11.33 33.57 -1.70
N TRP C 432 10.25 32.89 -2.10
CA TRP C 432 9.76 31.75 -1.34
C TRP C 432 10.86 30.72 -1.15
N ASP C 433 11.63 30.46 -2.20
CA ASP C 433 12.70 29.46 -2.13
C ASP C 433 13.85 29.90 -1.24
N ALA C 434 14.00 31.20 -1.02
CA ALA C 434 15.01 31.74 -0.12
C ALA C 434 14.50 31.90 1.31
N GLY C 435 13.26 31.50 1.56
CA GLY C 435 12.68 31.53 2.89
C GLY C 435 12.04 32.85 3.27
N ILE C 436 11.94 33.75 2.31
CA ILE C 436 11.36 35.06 2.56
C ILE C 436 9.86 34.95 2.47
N LYS C 437 9.16 35.67 3.34
CA LYS C 437 7.71 35.65 3.38
C LYS C 437 7.19 36.72 2.44
N ALA C 438 6.66 36.27 1.30
CA ALA C 438 6.35 37.16 0.19
C ALA C 438 4.96 36.90 -0.36
N GLU C 439 4.34 37.95 -0.89
CA GLU C 439 3.03 37.85 -1.51
C GLU C 439 3.04 38.63 -2.82
N LEU C 440 2.00 38.40 -3.61
CA LEU C 440 1.65 39.29 -4.72
C LEU C 440 0.14 39.35 -4.87
N LEU C 441 -0.36 40.40 -5.49
CA LEU C 441 -1.78 40.47 -5.77
C LEU C 441 -2.08 39.56 -6.95
N TYR C 442 -3.22 38.88 -6.88
CA TYR C 442 -3.63 37.90 -7.90
C TYR C 442 -4.27 38.62 -9.08
N LYS C 443 -3.47 39.45 -9.74
CA LYS C 443 -3.93 40.33 -10.82
C LYS C 443 -2.92 40.37 -11.95
N LYS C 444 -3.40 40.35 -13.19
CA LYS C 444 -2.52 40.50 -14.35
C LYS C 444 -1.81 41.85 -14.33
N ASN C 445 -2.57 42.94 -14.22
CA ASN C 445 -2.02 44.30 -14.23
C ASN C 445 -2.58 45.16 -13.11
N PRO C 446 -2.12 44.93 -11.88
CA PRO C 446 -2.64 45.65 -10.73
C PRO C 446 -2.15 47.10 -10.72
N LYS C 447 -2.93 47.99 -10.12
CA LYS C 447 -2.55 49.38 -9.93
C LYS C 447 -1.62 49.46 -8.71
N LEU C 448 -0.57 50.29 -8.80
CA LEU C 448 0.42 50.39 -7.73
C LEU C 448 -0.22 50.92 -6.45
N LEU C 449 -1.17 51.84 -6.59
CA LEU C 449 -1.86 52.42 -5.43
C LEU C 449 -2.55 51.35 -4.60
N ASN C 450 -3.22 50.42 -5.28
CA ASN C 450 -3.90 49.31 -4.59
C ASN C 450 -2.90 48.37 -3.91
N GLN C 451 -1.76 48.18 -4.55
CA GLN C 451 -0.71 47.33 -3.98
C GLN C 451 -0.11 47.93 -2.71
N LEU C 452 0.03 49.25 -2.68
CA LEU C 452 0.51 49.91 -1.47
C LEU C 452 -0.57 49.89 -0.37
N GLN C 453 -1.83 50.01 -0.76
CA GLN C 453 -2.92 49.97 0.22
C GLN C 453 -3.05 48.59 0.85
N TYR C 454 -2.84 47.55 0.06
CA TYR C 454 -2.83 46.19 0.60
C TYR C 454 -1.76 46.03 1.68
N CYS C 455 -0.59 46.65 1.46
CA CYS C 455 0.49 46.61 2.43
C CYS C 455 0.20 47.43 3.68
N GLU C 456 -0.31 48.65 3.51
CA GLU C 456 -0.65 49.50 4.65
C GLU C 456 -1.57 48.76 5.62
N GLU C 457 -2.61 48.11 5.10
CA GLU C 457 -3.58 47.41 5.95
C GLU C 457 -3.02 46.18 6.62
N ALA C 458 -2.22 45.43 5.88
CA ALA C 458 -1.64 44.16 6.38
C ALA C 458 -0.46 44.36 7.32
N GLY C 459 0.16 45.53 7.24
CA GLY C 459 1.35 45.82 8.01
C GLY C 459 2.62 45.38 7.30
N ILE C 460 2.54 45.18 5.98
CA ILE C 460 3.71 44.74 5.22
C ILE C 460 4.66 45.91 5.04
N PRO C 461 5.91 45.76 5.50
CA PRO C 461 6.86 46.88 5.51
C PRO C 461 7.53 47.22 4.17
N LEU C 462 7.60 46.28 3.24
CA LEU C 462 8.34 46.51 2.00
C LEU C 462 7.53 46.15 0.75
N VAL C 463 7.88 46.81 -0.34
CA VAL C 463 7.35 46.50 -1.66
C VAL C 463 8.51 46.45 -2.62
N ALA C 464 8.61 45.35 -3.37
CA ALA C 464 9.64 45.19 -4.40
C ALA C 464 9.00 45.44 -5.74
N ILE C 465 9.34 46.54 -6.37
CA ILE C 465 8.71 46.95 -7.63
C ILE C 465 9.55 46.58 -8.86
N ILE C 466 8.92 45.90 -9.82
CA ILE C 466 9.55 45.53 -11.07
C ILE C 466 9.06 46.42 -12.20
N GLY C 467 9.97 46.80 -13.09
CA GLY C 467 9.64 47.51 -14.32
C GLY C 467 10.53 46.98 -15.42
N GLU C 468 10.14 47.23 -16.67
CA GLU C 468 10.96 46.79 -17.78
C GLU C 468 12.43 47.21 -17.69
N GLN C 469 12.69 48.46 -17.35
CA GLN C 469 14.06 48.97 -17.25
C GLN C 469 14.84 48.31 -16.11
N GLU C 470 14.15 47.98 -15.03
CA GLU C 470 14.78 47.36 -13.86
C GLU C 470 15.24 45.93 -14.14
N LEU C 471 14.46 45.20 -14.94
CA LEU C 471 14.85 43.86 -15.37
C LEU C 471 16.07 43.91 -16.27
N LYS C 472 16.05 44.81 -17.26
CA LYS C 472 17.21 45.08 -18.09
C LYS C 472 18.48 45.31 -17.25
N ASP C 473 18.37 46.18 -16.24
CA ASP C 473 19.51 46.57 -15.40
C ASP C 473 19.87 45.56 -14.31
N GLY C 474 19.00 44.59 -14.06
CA GLY C 474 19.27 43.56 -13.05
C GLY C 474 19.04 44.05 -11.63
N VAL C 475 18.14 45.01 -11.46
CA VAL C 475 17.83 45.59 -10.15
C VAL C 475 16.34 45.47 -9.86
N ILE C 476 15.94 45.86 -8.65
CA ILE C 476 14.52 46.06 -8.35
C ILE C 476 14.39 47.27 -7.44
N LYS C 477 13.31 48.01 -7.63
CA LYS C 477 13.01 49.18 -6.81
C LYS C 477 12.38 48.70 -5.52
N LEU C 478 13.05 48.94 -4.40
CA LEU C 478 12.56 48.50 -3.10
C LEU C 478 12.06 49.71 -2.35
N ARG C 479 10.75 49.73 -2.05
CA ARG C 479 10.14 50.87 -1.40
C ARG C 479 9.61 50.50 -0.03
N SER C 480 9.89 51.37 0.93
CA SER C 480 9.42 51.21 2.29
C SER C 480 7.99 51.71 2.34
N VAL C 481 7.10 50.85 2.84
CA VAL C 481 5.70 51.20 2.89
C VAL C 481 5.45 52.31 3.91
N THR C 482 6.21 52.32 5.00
CA THR C 482 5.94 53.30 6.05
C THR C 482 6.58 54.68 5.79
N SER C 483 7.80 54.71 5.25
CA SER C 483 8.48 55.99 4.96
C SER C 483 8.23 56.47 3.54
N ARG C 484 7.88 55.55 2.64
CA ARG C 484 7.66 55.86 1.22
C ARG C 484 8.92 56.17 0.40
N GLU C 485 10.09 55.90 0.96
CA GLU C 485 11.35 56.13 0.27
C GLU C 485 11.73 54.88 -0.51
N GLU C 486 12.30 55.09 -1.68
CA GLU C 486 12.55 54.01 -2.63
C GLU C 486 14.04 53.97 -2.94
N VAL C 487 14.60 52.76 -2.98
CA VAL C 487 16.02 52.56 -3.28
C VAL C 487 16.13 51.45 -4.32
N ASP C 488 17.04 51.63 -5.28
CA ASP C 488 17.37 50.57 -6.23
C ASP C 488 18.25 49.54 -5.52
N VAL C 489 17.97 48.27 -5.75
CA VAL C 489 18.70 47.17 -5.11
C VAL C 489 18.97 46.09 -6.13
N ARG C 490 20.23 45.66 -6.20
CA ARG C 490 20.64 44.67 -7.18
C ARG C 490 19.96 43.35 -6.86
N ARG C 491 19.46 42.66 -7.87
CA ARG C 491 18.62 41.47 -7.66
C ARG C 491 19.30 40.34 -6.85
N GLU C 492 20.61 40.20 -7.01
CA GLU C 492 21.43 39.29 -6.20
C GLU C 492 21.38 39.65 -4.70
N ASP C 493 21.33 40.96 -4.39
CA ASP C 493 21.35 41.45 -3.02
C ASP C 493 19.96 41.50 -2.35
N LEU C 494 18.91 41.34 -3.14
CA LEU C 494 17.53 41.53 -2.67
C LEU C 494 17.15 40.72 -1.42
N VAL C 495 17.46 39.43 -1.41
CA VAL C 495 17.12 38.57 -0.26
C VAL C 495 17.81 39.11 0.99
N GLU C 496 19.12 39.33 0.92
CA GLU C 496 19.86 39.81 2.09
C GLU C 496 19.35 41.17 2.56
N GLU C 497 19.05 42.04 1.61
CA GLU C 497 18.56 43.38 1.94
C GLU C 497 17.21 43.32 2.63
N ILE C 498 16.34 42.43 2.20
CA ILE C 498 15.04 42.25 2.86
C ILE C 498 15.22 41.75 4.29
N LYS C 499 16.10 40.77 4.47
CA LYS C 499 16.39 40.19 5.80
C LYS C 499 16.96 41.22 6.74
N ARG C 500 17.86 42.04 6.21
CA ARG C 500 18.55 43.04 7.00
C ARG C 500 17.58 44.11 7.50
N ARG C 501 16.54 44.40 6.72
CA ARG C 501 15.52 45.38 7.09
C ARG C 501 14.36 44.89 7.97
N THR C 502 14.09 43.59 7.95
CA THR C 502 12.93 43.05 8.69
C THR C 502 13.36 42.10 9.82
N GLY C 503 14.33 42.52 10.62
CA GLY C 503 14.65 41.83 11.87
C GLY C 503 15.45 40.53 11.74
N GLN C 504 15.43 39.94 10.55
CA GLN C 504 16.09 38.66 10.27
C GLN C 504 17.55 38.90 9.90
N LYS D 53 -15.71 -4.13 35.91
CA LYS D 53 -15.50 -4.51 34.48
C LYS D 53 -15.07 -3.28 33.70
N PHE D 54 -13.98 -3.38 32.95
CA PHE D 54 -13.52 -2.25 32.12
C PHE D 54 -12.63 -2.57 30.91
N VAL D 55 -13.12 -2.29 29.72
CA VAL D 55 -12.31 -2.47 28.49
C VAL D 55 -11.50 -1.22 28.10
N LEU D 56 -10.20 -1.25 28.39
CA LEU D 56 -9.34 -0.08 28.21
C LEU D 56 -8.91 0.08 26.77
N LYS D 57 -9.37 1.15 26.14
CA LYS D 57 -9.33 1.26 24.70
C LYS D 57 -9.71 2.67 24.26
N THR D 58 -9.06 3.18 23.22
CA THR D 58 -9.52 4.40 22.55
C THR D 58 -10.62 3.97 21.57
N PRO D 59 -11.54 4.89 21.25
CA PRO D 59 -12.61 4.55 20.31
C PRO D 59 -12.07 4.06 18.96
N LYS D 60 -12.80 3.14 18.34
CA LYS D 60 -12.44 2.55 17.05
C LYS D 60 -11.96 3.62 16.08
N GLY D 61 -10.79 3.36 15.47
CA GLY D 61 -10.21 4.28 14.49
C GLY D 61 -9.63 5.57 15.04
N THR D 62 -9.33 5.60 16.34
CA THR D 62 -8.67 6.76 16.94
C THR D 62 -7.49 6.28 17.76
N ARG D 63 -6.44 7.11 17.84
CA ARG D 63 -5.29 6.82 18.68
C ARG D 63 -4.87 8.05 19.51
N ASP D 64 -4.26 7.77 20.66
CA ASP D 64 -3.55 8.79 21.43
C ASP D 64 -2.33 9.21 20.61
N TYR D 65 -1.63 10.23 21.06
CA TYR D 65 -0.28 10.53 20.56
C TYR D 65 0.66 10.45 21.74
N SER D 66 1.62 9.54 21.67
CA SER D 66 2.63 9.42 22.70
C SER D 66 3.59 10.61 22.61
N PRO D 67 4.40 10.82 23.65
CA PRO D 67 5.39 11.87 23.54
C PRO D 67 6.27 11.76 22.30
N ARG D 68 6.69 10.54 21.99
CA ARG D 68 7.51 10.28 20.82
C ARG D 68 6.77 10.66 19.55
N GLN D 69 5.48 10.33 19.47
CA GLN D 69 4.65 10.68 18.31
C GLN D 69 4.38 12.17 18.21
N MET D 70 4.29 12.84 19.35
CA MET D 70 4.14 14.28 19.40
C MET D 70 5.39 14.99 18.92
N ALA D 71 6.56 14.45 19.24
CA ALA D 71 7.80 15.02 18.71
C ALA D 71 7.80 15.05 17.18
N VAL D 72 7.39 13.93 16.59
CA VAL D 72 7.29 13.80 15.15
C VAL D 72 6.22 14.77 14.61
N ARG D 73 5.08 14.83 15.30
CA ARG D 73 4.01 15.73 14.89
C ARG D 73 4.47 17.18 14.82
N GLU D 74 5.11 17.66 15.89
CA GLU D 74 5.67 19.01 15.92
C GLU D 74 6.64 19.25 14.75
N LYS D 75 7.46 18.27 14.42
CA LYS D 75 8.44 18.41 13.35
C LYS D 75 7.77 18.58 12.00
N VAL D 76 6.71 17.81 11.76
CA VAL D 76 6.00 17.86 10.49
C VAL D 76 5.19 19.16 10.39
N PHE D 77 4.43 19.47 11.44
CA PHE D 77 3.66 20.71 11.48
C PHE D 77 4.56 21.95 11.33
N ASP D 78 5.76 21.88 11.87
CA ASP D 78 6.68 23.01 11.78
C ASP D 78 7.06 23.30 10.31
N VAL D 79 7.34 22.26 9.53
CA VAL D 79 7.64 22.43 8.11
C VAL D 79 6.42 23.00 7.40
N ILE D 80 5.25 22.44 7.70
CA ILE D 80 4.02 22.85 7.03
C ILE D 80 3.67 24.31 7.35
N ILE D 81 3.68 24.66 8.62
CA ILE D 81 3.32 26.02 9.04
C ILE D 81 4.29 27.05 8.51
N ARG D 82 5.59 26.73 8.53
CA ARG D 82 6.59 27.65 7.96
C ARG D 82 6.27 28.02 6.51
N CYS D 83 5.72 27.06 5.76
CA CYS D 83 5.32 27.29 4.37
C CYS D 83 4.04 28.12 4.26
N PHE D 84 3.03 27.79 5.06
CA PHE D 84 1.77 28.53 5.01
C PHE D 84 2.00 30.00 5.32
N LYS D 85 2.86 30.28 6.29
CA LYS D 85 3.21 31.66 6.67
C LYS D 85 4.00 32.39 5.61
N ARG D 86 4.89 31.65 4.95
CA ARG D 86 5.67 32.16 3.83
C ARG D 86 4.78 32.72 2.71
N HIS D 87 3.55 32.21 2.62
CA HIS D 87 2.61 32.60 1.58
C HIS D 87 1.56 33.59 2.12
N GLY D 88 1.82 34.16 3.29
CA GLY D 88 1.04 35.26 3.83
C GLY D 88 -0.36 34.92 4.33
N ALA D 89 -0.54 33.70 4.82
CA ALA D 89 -1.83 33.28 5.31
C ALA D 89 -2.08 33.66 6.75
N GLU D 90 -3.31 34.08 7.04
CA GLU D 90 -3.81 34.17 8.40
C GLU D 90 -4.16 32.77 8.92
N VAL D 91 -4.35 32.65 10.22
CA VAL D 91 -4.75 31.37 10.80
C VAL D 91 -6.07 31.55 11.51
N ILE D 92 -6.93 30.55 11.45
CA ILE D 92 -8.16 30.54 12.25
C ILE D 92 -8.32 29.17 12.92
N ASP D 93 -9.32 29.08 13.78
CA ASP D 93 -9.74 27.81 14.34
C ASP D 93 -11.24 27.90 14.57
N THR D 94 -11.91 26.75 14.48
CA THR D 94 -13.36 26.66 14.59
C THR D 94 -13.67 25.60 15.63
N PRO D 95 -14.93 25.56 16.10
CA PRO D 95 -15.29 24.50 17.05
C PRO D 95 -15.21 23.12 16.39
N VAL D 96 -15.11 22.08 17.23
CA VAL D 96 -15.00 20.70 16.74
C VAL D 96 -16.31 20.20 16.13
N PHE D 97 -17.44 20.73 16.61
CA PHE D 97 -18.73 20.45 15.98
C PHE D 97 -19.35 21.70 15.32
N GLU D 98 -20.24 21.45 14.36
CA GLU D 98 -21.08 22.47 13.75
C GLU D 98 -22.52 22.08 14.03
N LEU D 99 -23.46 22.93 13.64
CA LEU D 99 -24.86 22.53 13.62
C LEU D 99 -25.01 21.42 12.59
N LYS D 100 -25.88 20.47 12.85
CA LYS D 100 -26.07 19.35 11.94
C LYS D 100 -26.39 19.81 10.54
N GLU D 101 -27.26 20.81 10.44
CA GLU D 101 -27.72 21.32 9.14
C GLU D 101 -26.58 21.97 8.34
N THR D 102 -25.58 22.53 9.04
CA THR D 102 -24.43 23.15 8.39
C THR D 102 -23.72 22.17 7.45
N LEU D 103 -23.58 20.92 7.86
CA LEU D 103 -22.79 19.92 7.12
C LEU D 103 -23.60 19.08 6.12
N MET D 104 -24.92 19.04 6.29
CA MET D 104 -25.76 18.27 5.39
C MET D 104 -25.88 18.92 4.02
N GLY D 105 -25.98 18.10 2.99
CA GLY D 105 -26.20 18.55 1.62
C GLY D 105 -24.99 19.21 0.95
N LYS D 106 -23.78 18.91 1.44
CA LYS D 106 -22.57 19.52 0.90
C LYS D 106 -21.59 18.52 0.30
N TYR D 107 -21.36 17.42 1.00
CA TYR D 107 -20.32 16.45 0.64
C TYR D 107 -20.71 15.44 -0.43
N GLY D 108 -21.98 15.07 -0.50
CA GLY D 108 -22.45 14.04 -1.44
C GLY D 108 -22.74 12.75 -0.70
N GLU D 109 -22.49 11.60 -1.35
CA GLU D 109 -22.73 10.29 -0.74
C GLU D 109 -21.94 10.06 0.55
N ASP D 110 -20.80 10.74 0.68
CA ASP D 110 -19.99 10.69 1.90
C ASP D 110 -20.67 11.27 3.14
N SER D 111 -21.73 12.05 2.95
CA SER D 111 -22.54 12.56 4.07
C SER D 111 -23.03 11.47 5.02
N LYS D 112 -23.09 10.23 4.56
CA LYS D 112 -23.50 9.09 5.39
C LYS D 112 -22.47 8.69 6.46
N LEU D 113 -21.30 9.33 6.45
CA LEU D 113 -20.22 9.00 7.37
C LEU D 113 -19.94 10.08 8.42
N ILE D 114 -20.93 10.92 8.70
CA ILE D 114 -20.77 12.02 9.65
C ILE D 114 -21.15 11.55 11.06
N TYR D 115 -20.38 11.97 12.06
CA TYR D 115 -20.68 11.71 13.47
C TYR D 115 -21.71 12.72 13.97
N ASP D 116 -22.87 12.25 14.42
CA ASP D 116 -23.86 13.12 15.03
C ASP D 116 -23.75 13.08 16.54
N LEU D 117 -24.04 14.21 17.18
CA LEU D 117 -24.15 14.23 18.64
C LEU D 117 -25.55 13.82 19.02
N LYS D 118 -25.69 13.34 20.25
CA LYS D 118 -26.98 12.90 20.74
C LYS D 118 -27.92 14.09 20.84
N ASP D 119 -29.20 13.88 20.55
CA ASP D 119 -30.24 14.86 20.80
C ASP D 119 -30.46 14.87 22.31
N GLN D 120 -29.89 15.88 22.97
CA GLN D 120 -29.98 16.00 24.41
C GLN D 120 -30.89 17.17 24.82
N GLY D 121 -31.87 17.49 23.97
CA GLY D 121 -32.83 18.56 24.25
C GLY D 121 -32.54 19.87 23.54
N GLY D 122 -31.29 20.11 23.18
CA GLY D 122 -30.89 21.37 22.58
C GLY D 122 -30.86 21.36 21.06
N GLU D 123 -29.73 21.80 20.51
CA GLU D 123 -29.53 21.84 19.06
C GLU D 123 -29.05 20.49 18.57
N LEU D 124 -29.26 20.20 17.30
CA LEU D 124 -28.70 19.00 16.69
C LEU D 124 -27.32 19.35 16.14
N LEU D 125 -26.30 18.66 16.63
CA LEU D 125 -24.90 18.96 16.27
C LEU D 125 -24.21 17.78 15.62
N SER D 126 -23.12 18.06 14.92
CA SER D 126 -22.34 17.05 14.19
C SER D 126 -20.86 17.40 14.25
N LEU D 127 -20.00 16.40 14.36
CA LEU D 127 -18.55 16.62 14.31
C LEU D 127 -18.13 16.95 12.89
N ARG D 128 -17.21 17.91 12.75
CA ARG D 128 -16.79 18.36 11.43
C ARG D 128 -16.15 17.25 10.62
N TYR D 129 -16.61 17.09 9.39
CA TYR D 129 -16.12 16.05 8.50
C TYR D 129 -14.88 16.52 7.76
N ASP D 130 -14.74 17.83 7.59
CA ASP D 130 -13.53 18.42 7.05
C ASP D 130 -13.40 19.85 7.54
N LEU D 131 -12.43 20.60 7.02
CA LEU D 131 -12.22 21.98 7.44
C LEU D 131 -12.79 23.01 6.47
N THR D 132 -13.10 22.57 5.24
CA THR D 132 -13.57 23.45 4.17
C THR D 132 -15.00 23.96 4.38
N VAL D 133 -15.90 23.08 4.76
CA VAL D 133 -17.27 23.51 5.02
C VAL D 133 -17.36 24.48 6.20
N PRO D 134 -16.71 24.17 7.34
CA PRO D 134 -16.59 25.21 8.37
C PRO D 134 -15.99 26.54 7.87
N PHE D 135 -15.01 26.49 6.96
CA PHE D 135 -14.43 27.70 6.38
C PHE D 135 -15.48 28.49 5.63
N ALA D 136 -16.24 27.82 4.79
CA ALA D 136 -17.32 28.47 4.03
C ALA D 136 -18.36 29.11 4.95
N ARG D 137 -18.64 28.45 6.07
CA ARG D 137 -19.58 28.94 7.06
C ARG D 137 -19.00 30.18 7.77
N TYR D 138 -17.71 30.12 8.11
CA TYR D 138 -17.01 31.26 8.71
C TYR D 138 -17.08 32.49 7.80
N LEU D 139 -16.82 32.29 6.51
CA LEU D 139 -16.91 33.38 5.54
C LEU D 139 -18.29 34.02 5.50
N ALA D 140 -19.30 33.17 5.28
CA ALA D 140 -20.67 33.64 5.07
C ALA D 140 -21.21 34.32 6.30
N MET D 141 -20.98 33.71 7.46
CA MET D 141 -21.43 34.27 8.75
C MET D 141 -20.84 35.64 9.02
N ASN D 142 -19.56 35.82 8.71
CA ASN D 142 -18.88 37.09 8.91
C ASN D 142 -18.93 38.02 7.71
N LYS D 143 -19.61 37.59 6.64
CA LYS D 143 -19.80 38.39 5.42
C LYS D 143 -18.50 38.77 4.74
N LEU D 144 -17.54 37.86 4.72
CA LEU D 144 -16.25 38.12 4.13
C LEU D 144 -16.19 37.64 2.69
N THR D 145 -15.44 38.37 1.87
CA THR D 145 -15.29 38.06 0.46
C THR D 145 -13.87 37.70 0.08
N ASN D 146 -12.93 38.09 0.93
CA ASN D 146 -11.53 37.96 0.61
C ASN D 146 -10.76 37.60 1.87
N ILE D 147 -10.19 36.39 1.88
CA ILE D 147 -9.37 35.94 2.99
C ILE D 147 -8.53 34.76 2.55
N LYS D 148 -7.33 34.69 3.10
CA LYS D 148 -6.39 33.63 2.79
C LYS D 148 -5.92 33.08 4.14
N ARG D 149 -6.39 31.89 4.49
CA ARG D 149 -6.17 31.35 5.83
C ARG D 149 -5.63 29.94 5.78
N TYR D 150 -4.91 29.55 6.82
CA TYR D 150 -4.58 28.15 7.02
C TYR D 150 -5.22 27.68 8.32
N HIS D 151 -5.47 26.38 8.39
CA HIS D 151 -6.16 25.78 9.52
C HIS D 151 -5.65 24.36 9.71
N ILE D 152 -5.16 24.06 10.91
CA ILE D 152 -4.63 22.75 11.22
C ILE D 152 -5.38 22.20 12.39
N ALA D 153 -6.15 21.14 12.14
CA ALA D 153 -7.07 20.58 13.13
C ALA D 153 -7.54 19.18 12.75
N LYS D 154 -8.12 18.48 13.73
CA LYS D 154 -8.62 17.12 13.52
C LYS D 154 -10.00 17.14 12.88
N VAL D 155 -10.28 16.12 12.08
CA VAL D 155 -11.59 15.93 11.45
C VAL D 155 -12.12 14.53 11.72
N TYR D 156 -13.41 14.32 11.48
CA TYR D 156 -14.14 13.18 12.01
C TYR D 156 -15.00 12.50 10.96
N ARG D 157 -14.69 11.24 10.68
CA ARG D 157 -15.36 10.47 9.64
C ARG D 157 -15.56 9.03 10.09
N ARG D 158 -16.79 8.54 9.99
CA ARG D 158 -17.09 7.15 10.33
C ARG D 158 -16.72 6.20 9.19
N ASP D 159 -15.43 6.10 8.90
CA ASP D 159 -14.98 5.24 7.80
C ASP D 159 -14.95 3.78 8.21
N ASN D 160 -14.83 2.91 7.22
CA ASN D 160 -14.66 1.48 7.45
C ASN D 160 -13.71 0.89 6.41
N PRO D 161 -12.43 1.33 6.41
CA PRO D 161 -11.51 0.83 5.41
C PRO D 161 -11.00 -0.58 5.76
N ALA D 162 -10.45 -1.26 4.74
CA ALA D 162 -9.88 -2.61 4.91
C ALA D 162 -8.67 -2.59 5.84
N MET D 163 -7.87 -1.52 5.78
CA MET D 163 -6.74 -1.29 6.70
C MET D 163 -7.19 -0.55 7.95
N THR D 164 -7.14 -1.24 9.09
CA THR D 164 -7.58 -0.70 10.39
C THR D 164 -6.44 -0.20 11.28
N ARG D 165 -5.19 -0.24 10.78
CA ARG D 165 -4.06 0.34 11.48
C ARG D 165 -4.19 1.86 11.45
N GLY D 166 -3.80 2.49 12.55
CA GLY D 166 -3.69 3.94 12.60
C GLY D 166 -4.99 4.69 12.88
N ARG D 167 -4.93 5.99 12.63
CA ARG D 167 -6.02 6.90 12.93
C ARG D 167 -6.85 7.16 11.68
N TYR D 168 -7.90 6.37 11.45
CA TYR D 168 -8.69 6.50 10.22
C TYR D 168 -10.06 7.17 10.40
N ARG D 169 -10.47 7.40 11.64
CA ARG D 169 -11.73 8.10 11.93
C ARG D 169 -11.53 9.48 12.54
N GLU D 170 -10.42 9.66 13.25
CA GLU D 170 -10.03 10.98 13.73
C GLU D 170 -8.61 11.22 13.28
N PHE D 171 -8.44 12.16 12.38
CA PHE D 171 -7.11 12.48 11.85
C PHE D 171 -6.96 13.97 11.53
N TYR D 172 -5.72 14.44 11.58
CA TYR D 172 -5.42 15.83 11.29
C TYR D 172 -5.48 16.13 9.80
N GLN D 173 -5.96 17.33 9.48
CA GLN D 173 -5.82 17.92 8.16
C GLN D 173 -5.08 19.24 8.35
N CYS D 174 -4.23 19.58 7.38
CA CYS D 174 -3.56 20.87 7.34
C CYS D 174 -3.99 21.61 6.10
N ASP D 175 -4.92 22.54 6.27
CA ASP D 175 -5.55 23.21 5.14
C ASP D 175 -5.01 24.60 4.87
N PHE D 176 -5.02 24.96 3.60
CA PHE D 176 -4.69 26.32 3.14
C PHE D 176 -5.70 26.65 2.06
N ASP D 177 -6.34 27.80 2.16
CA ASP D 177 -7.44 28.15 1.27
C ASP D 177 -7.43 29.64 0.93
N ILE D 178 -7.65 29.97 -0.34
CA ILE D 178 -7.71 31.35 -0.81
C ILE D 178 -9.11 31.66 -1.32
N ALA D 179 -9.79 32.61 -0.68
CA ALA D 179 -11.14 33.00 -1.07
C ALA D 179 -11.12 34.41 -1.63
N GLY D 180 -11.81 34.62 -2.75
CA GLY D 180 -11.86 35.94 -3.38
C GLY D 180 -11.98 35.95 -4.89
N ASN D 181 -12.45 37.09 -5.42
CA ASN D 181 -12.55 37.31 -6.85
C ASN D 181 -11.25 37.87 -7.37
N PHE D 182 -10.49 37.01 -8.02
CA PHE D 182 -9.16 37.35 -8.52
C PHE D 182 -9.07 36.99 -9.98
N ASP D 183 -7.93 37.28 -10.59
CA ASP D 183 -7.74 36.91 -11.99
C ASP D 183 -7.57 35.39 -12.09
N PRO D 184 -7.82 34.83 -13.28
CA PRO D 184 -7.90 33.39 -13.42
C PRO D 184 -6.60 32.65 -13.11
N MET D 185 -6.74 31.57 -12.35
CA MET D 185 -5.71 30.54 -12.17
C MET D 185 -4.47 30.91 -11.38
N ILE D 186 -4.36 32.14 -10.91
CA ILE D 186 -3.15 32.52 -10.17
C ILE D 186 -3.16 31.88 -8.77
N PRO D 187 -4.25 32.06 -8.00
CA PRO D 187 -4.29 31.42 -6.69
C PRO D 187 -4.31 29.89 -6.80
N ASP D 188 -4.93 29.38 -7.87
CA ASP D 188 -4.96 27.94 -8.13
C ASP D 188 -3.55 27.43 -8.27
N ALA D 189 -2.74 28.13 -9.04
CA ALA D 189 -1.33 27.77 -9.26
C ALA D 189 -0.49 27.88 -7.98
N GLU D 190 -0.80 28.84 -7.13
CA GLU D 190 -0.06 29.00 -5.88
C GLU D 190 -0.32 27.82 -4.94
N CYS D 191 -1.56 27.32 -4.90
CA CYS D 191 -1.89 26.15 -4.08
C CYS D 191 -1.04 24.95 -4.47
N LEU D 192 -0.90 24.71 -5.78
CA LEU D 192 -0.06 23.61 -6.27
C LEU D 192 1.41 23.82 -5.92
N LYS D 193 1.87 25.08 -5.90
CA LYS D 193 3.23 25.43 -5.49
C LYS D 193 3.46 25.13 -4.01
N ILE D 194 2.47 25.46 -3.19
CA ILE D 194 2.51 25.14 -1.76
C ILE D 194 2.59 23.62 -1.49
N MET D 195 1.80 22.82 -2.21
CA MET D 195 1.87 21.35 -2.10
C MET D 195 3.27 20.81 -2.41
N CYS D 196 3.85 21.29 -3.49
CA CYS D 196 5.17 20.85 -3.92
C CYS D 196 6.29 21.35 -2.97
N GLU D 197 6.17 22.56 -2.42
CA GLU D 197 7.14 23.06 -1.46
C GLU D 197 7.16 22.14 -0.24
N ILE D 198 5.97 21.87 0.27
CA ILE D 198 5.82 21.08 1.48
C ILE D 198 6.29 19.66 1.33
N LEU D 199 5.81 18.97 0.29
CA LEU D 199 6.15 17.57 0.11
C LEU D 199 7.65 17.38 -0.14
N SER D 200 8.26 18.31 -0.87
CA SER D 200 9.71 18.32 -1.01
C SER D 200 10.44 18.53 0.31
N SER D 201 9.99 19.49 1.12
CA SER D 201 10.67 19.83 2.37
C SER D 201 10.60 18.74 3.42
N LEU D 202 9.50 18.00 3.43
CA LEU D 202 9.32 16.91 4.39
C LEU D 202 10.24 15.73 4.10
N GLN D 203 10.73 15.65 2.86
CA GLN D 203 11.73 14.65 2.46
C GLN D 203 11.20 13.27 2.73
N ILE D 204 10.12 12.95 2.03
CA ILE D 204 9.41 11.70 2.21
C ILE D 204 9.41 10.93 0.90
N GLY D 205 10.46 11.13 0.11
CA GLY D 205 10.58 10.48 -1.17
C GLY D 205 9.85 11.23 -2.27
N ASP D 206 9.97 10.72 -3.49
CA ASP D 206 9.48 11.42 -4.66
C ASP D 206 7.97 11.30 -4.75
N PHE D 207 7.35 12.31 -5.36
CA PHE D 207 5.90 12.40 -5.44
C PHE D 207 5.48 12.95 -6.79
N LEU D 208 4.18 12.87 -7.03
CA LEU D 208 3.55 13.34 -8.26
C LEU D 208 2.20 13.93 -7.91
N VAL D 209 1.82 15.00 -8.60
CA VAL D 209 0.52 15.64 -8.35
C VAL D 209 -0.39 15.52 -9.57
N LYS D 210 -1.49 14.77 -9.41
CA LYS D 210 -2.47 14.55 -10.46
C LYS D 210 -3.45 15.73 -10.48
N VAL D 211 -3.82 16.17 -11.68
CA VAL D 211 -4.63 17.37 -11.86
C VAL D 211 -5.73 17.12 -12.89
N ASN D 212 -6.89 17.70 -12.63
CA ASN D 212 -8.02 17.65 -13.56
C ASN D 212 -8.95 18.83 -13.25
N ASP D 213 -10.02 18.96 -14.02
CA ASP D 213 -11.01 19.98 -13.80
C ASP D 213 -12.38 19.33 -13.89
N ARG D 214 -13.28 19.70 -12.99
CA ARG D 214 -14.62 19.10 -12.94
C ARG D 214 -15.46 19.40 -14.18
N ARG D 215 -15.16 20.50 -14.85
CA ARG D 215 -15.83 20.87 -16.08
C ARG D 215 -15.42 19.96 -17.23
N ILE D 216 -14.14 19.59 -17.28
CA ILE D 216 -13.61 18.65 -18.26
C ILE D 216 -14.29 17.29 -18.06
N LEU D 217 -14.30 16.86 -16.80
CA LEU D 217 -14.84 15.57 -16.41
C LEU D 217 -16.33 15.45 -16.73
N ASP D 218 -17.11 16.47 -16.37
CA ASP D 218 -18.55 16.45 -16.61
C ASP D 218 -18.89 16.68 -18.10
N GLY D 219 -18.07 17.44 -18.80
CA GLY D 219 -18.24 17.62 -20.24
C GLY D 219 -17.89 16.36 -21.02
N MET D 220 -16.93 15.62 -20.50
CA MET D 220 -16.51 14.34 -21.08
C MET D 220 -17.61 13.31 -20.88
N PHE D 221 -18.28 13.35 -19.74
CA PHE D 221 -19.44 12.50 -19.50
C PHE D 221 -20.57 12.81 -20.50
N ALA D 222 -20.79 14.07 -20.80
CA ALA D 222 -21.84 14.49 -21.72
C ALA D 222 -21.60 13.97 -23.13
N ILE D 223 -20.37 14.14 -23.63
CA ILE D 223 -19.94 13.62 -24.93
C ILE D 223 -20.10 12.11 -25.03
N CYS D 224 -19.80 11.42 -23.93
CA CYS D 224 -19.94 9.95 -23.86
C CYS D 224 -21.40 9.52 -23.76
N GLY D 225 -22.28 10.43 -23.33
CA GLY D 225 -23.72 10.21 -23.33
C GLY D 225 -24.35 10.01 -21.96
N VAL D 226 -23.70 10.53 -20.92
CA VAL D 226 -24.25 10.45 -19.57
C VAL D 226 -25.15 11.67 -19.38
N SER D 227 -26.35 11.45 -18.86
CA SER D 227 -27.28 12.56 -18.60
C SER D 227 -26.78 13.41 -17.41
N ASP D 228 -27.10 14.70 -17.44
CA ASP D 228 -26.66 15.65 -16.40
C ASP D 228 -27.00 15.18 -14.98
N SER D 229 -28.11 14.47 -14.83
CA SER D 229 -28.53 13.96 -13.53
C SER D 229 -27.59 12.94 -12.91
N LYS D 230 -26.78 12.25 -13.72
CA LYS D 230 -25.87 11.22 -13.21
C LYS D 230 -24.41 11.66 -13.05
N PHE D 231 -24.11 12.92 -13.35
CA PHE D 231 -22.72 13.40 -13.26
C PHE D 231 -22.10 13.11 -11.90
N ARG D 232 -22.85 13.28 -10.81
CA ARG D 232 -22.30 13.08 -9.46
C ARG D 232 -22.03 11.61 -9.14
N THR D 233 -22.95 10.73 -9.53
CA THR D 233 -22.82 9.32 -9.19
C THR D 233 -21.82 8.60 -10.09
N ILE D 234 -21.69 9.04 -11.34
CA ILE D 234 -20.69 8.48 -12.26
C ILE D 234 -19.30 9.01 -11.93
N CYS D 235 -19.22 10.28 -11.56
CA CYS D 235 -17.98 10.88 -11.09
C CYS D 235 -17.48 10.17 -9.83
N SER D 236 -18.42 9.71 -9.01
CA SER D 236 -18.12 8.94 -7.80
C SER D 236 -17.53 7.56 -8.10
N SER D 237 -18.03 6.90 -9.15
CA SER D 237 -17.47 5.61 -9.60
C SER D 237 -16.07 5.75 -10.18
N VAL D 238 -15.82 6.83 -10.90
CA VAL D 238 -14.49 7.08 -11.46
C VAL D 238 -13.43 7.38 -10.39
N ASP D 239 -13.86 7.94 -9.26
CA ASP D 239 -12.97 8.21 -8.11
C ASP D 239 -12.41 6.90 -7.51
N LYS D 240 -13.11 5.79 -7.70
CA LYS D 240 -12.68 4.49 -7.20
C LYS D 240 -11.52 3.85 -8.00
N LEU D 241 -11.16 4.42 -9.15
CA LEU D 241 -10.13 3.83 -10.02
C LEU D 241 -8.73 3.78 -9.43
N ASP D 242 -8.49 4.52 -8.36
CA ASP D 242 -7.22 4.40 -7.65
C ASP D 242 -7.13 3.14 -6.77
N LYS D 243 -8.26 2.52 -6.48
CA LYS D 243 -8.29 1.30 -5.66
C LYS D 243 -8.79 0.05 -6.39
N VAL D 244 -9.62 0.20 -7.42
CA VAL D 244 -10.18 -0.96 -8.13
C VAL D 244 -9.91 -0.95 -9.63
N SER D 245 -10.15 -2.10 -10.27
CA SER D 245 -9.98 -2.24 -11.72
C SER D 245 -10.89 -1.34 -12.49
N TRP D 246 -10.57 -1.13 -13.77
CA TRP D 246 -11.51 -0.51 -14.71
C TRP D 246 -12.72 -1.39 -14.91
N GLU D 247 -12.50 -2.70 -15.04
CA GLU D 247 -13.57 -3.66 -15.18
C GLU D 247 -14.59 -3.60 -14.05
N GLU D 248 -14.09 -3.48 -12.83
CA GLU D 248 -14.94 -3.50 -11.64
C GLU D 248 -15.78 -2.22 -11.58
N VAL D 249 -15.16 -1.09 -11.94
CA VAL D 249 -15.86 0.19 -12.06
C VAL D 249 -16.89 0.14 -13.18
N LYS D 250 -16.45 -0.25 -14.38
CA LYS D 250 -17.33 -0.41 -15.53
C LYS D 250 -18.56 -1.27 -15.21
N ASN D 251 -18.37 -2.32 -14.42
CA ASN D 251 -19.47 -3.18 -14.02
C ASN D 251 -20.40 -2.51 -13.03
N GLU D 252 -19.83 -1.70 -12.14
CA GLU D 252 -20.62 -0.88 -11.23
C GLU D 252 -21.49 0.14 -11.99
N MET D 253 -20.92 0.79 -13.02
CA MET D 253 -21.63 1.81 -13.79
C MET D 253 -22.78 1.20 -14.59
N VAL D 254 -22.55 0.02 -15.17
CA VAL D 254 -23.54 -0.64 -16.03
C VAL D 254 -24.61 -1.35 -15.20
N GLY D 255 -24.18 -2.23 -14.32
CA GLY D 255 -25.09 -3.10 -13.58
C GLY D 255 -25.85 -2.42 -12.46
N GLU D 256 -25.13 -1.60 -11.68
CA GLU D 256 -25.70 -1.03 -10.46
C GLU D 256 -26.22 0.40 -10.66
N LYS D 257 -25.48 1.22 -11.40
CA LYS D 257 -25.89 2.62 -11.63
C LYS D 257 -26.64 2.84 -12.96
N GLY D 258 -26.85 1.76 -13.71
CA GLY D 258 -27.76 1.81 -14.86
C GLY D 258 -27.28 2.44 -16.15
N LEU D 259 -25.97 2.60 -16.32
CA LEU D 259 -25.43 3.08 -17.62
C LEU D 259 -25.54 2.02 -18.71
N ALA D 260 -25.48 2.46 -19.96
CA ALA D 260 -25.40 1.55 -21.11
C ALA D 260 -23.96 1.05 -21.24
N PRO D 261 -23.77 -0.16 -21.81
CA PRO D 261 -22.40 -0.64 -21.96
C PRO D 261 -21.58 0.26 -22.88
N GLU D 262 -22.18 0.64 -24.00
CA GLU D 262 -21.52 1.43 -25.04
C GLU D 262 -20.94 2.76 -24.51
N VAL D 263 -21.63 3.42 -23.58
CA VAL D 263 -21.18 4.72 -23.06
C VAL D 263 -20.12 4.57 -21.99
N ALA D 264 -20.19 3.48 -21.24
CA ALA D 264 -19.15 3.16 -20.26
C ALA D 264 -17.82 2.86 -20.97
N ASP D 265 -17.90 2.15 -22.09
CA ASP D 265 -16.74 1.93 -22.94
C ASP D 265 -16.12 3.27 -23.38
N ARG D 266 -16.97 4.20 -23.83
CA ARG D 266 -16.51 5.53 -24.28
C ARG D 266 -15.82 6.31 -23.16
N ILE D 267 -16.36 6.19 -21.95
CA ILE D 267 -15.75 6.81 -20.77
C ILE D 267 -14.34 6.26 -20.53
N GLY D 268 -14.17 4.95 -20.72
CA GLY D 268 -12.87 4.30 -20.60
C GLY D 268 -11.79 4.86 -21.52
N ASP D 269 -12.17 5.21 -22.74
CA ASP D 269 -11.22 5.77 -23.71
C ASP D 269 -10.60 7.10 -23.24
N TYR D 270 -11.33 7.90 -22.47
CA TYR D 270 -10.81 9.16 -21.93
C TYR D 270 -10.15 8.95 -20.57
N VAL D 271 -10.86 8.26 -19.70
CA VAL D 271 -10.43 8.04 -18.31
C VAL D 271 -9.03 7.40 -18.18
N GLN D 272 -8.71 6.45 -19.05
CA GLN D 272 -7.36 5.82 -19.06
C GLN D 272 -6.21 6.79 -19.41
N GLN D 273 -6.51 7.95 -20.00
CA GLN D 273 -5.47 8.87 -20.49
C GLN D 273 -4.88 9.80 -19.43
N HIS D 274 -3.57 10.00 -19.48
CA HIS D 274 -2.87 10.96 -18.61
C HIS D 274 -1.54 11.44 -19.23
N GLY D 275 -1.11 12.65 -18.88
CA GLY D 275 0.16 13.20 -19.36
C GLY D 275 0.39 14.60 -18.83
N GLY D 276 1.16 15.39 -19.58
CA GLY D 276 1.42 16.80 -19.23
C GLY D 276 0.70 17.75 -20.15
N VAL D 277 1.23 18.97 -20.29
CA VAL D 277 0.62 20.01 -21.11
C VAL D 277 0.26 19.57 -22.54
N SER D 278 1.03 18.65 -23.12
CA SER D 278 0.75 18.21 -24.48
C SER D 278 -0.62 17.52 -24.60
N LEU D 279 -1.03 16.83 -23.54
CA LEU D 279 -2.36 16.22 -23.51
C LEU D 279 -3.47 17.26 -23.52
N VAL D 280 -3.25 18.39 -22.85
CA VAL D 280 -4.22 19.46 -22.84
C VAL D 280 -4.42 19.99 -24.26
N GLU D 281 -3.31 20.24 -24.95
CA GLU D 281 -3.34 20.71 -26.34
C GLU D 281 -4.01 19.68 -27.24
N GLN D 282 -3.71 18.41 -27.01
CA GLN D 282 -4.33 17.32 -27.75
C GLN D 282 -5.85 17.38 -27.63
N LEU D 283 -6.36 17.43 -26.40
CA LEU D 283 -7.80 17.46 -26.15
C LEU D 283 -8.49 18.74 -26.66
N LEU D 284 -7.76 19.85 -26.71
CA LEU D 284 -8.27 21.07 -27.34
C LEU D 284 -8.53 20.86 -28.84
N GLN D 285 -7.66 20.10 -29.51
CA GLN D 285 -7.86 19.72 -30.92
C GLN D 285 -8.72 18.47 -31.10
N ASP D 286 -9.42 18.03 -30.05
CA ASP D 286 -10.31 16.87 -30.14
C ASP D 286 -11.62 17.30 -30.83
N PRO D 287 -12.05 16.57 -31.87
CA PRO D 287 -13.23 17.02 -32.61
C PRO D 287 -14.52 17.01 -31.80
N LYS D 288 -14.73 15.97 -30.98
CA LYS D 288 -15.97 15.82 -30.22
C LYS D 288 -16.04 16.69 -28.98
N LEU D 289 -14.97 16.61 -28.19
CA LEU D 289 -14.89 17.31 -26.91
C LEU D 289 -14.81 18.84 -27.06
N SER D 290 -14.25 19.32 -28.16
CA SER D 290 -14.15 20.76 -28.42
C SER D 290 -15.53 21.43 -28.62
N GLN D 291 -16.55 20.63 -28.91
CA GLN D 291 -17.90 21.15 -29.12
C GLN D 291 -18.65 21.38 -27.81
N ASN D 292 -18.09 20.89 -26.71
CA ASN D 292 -18.66 21.12 -25.38
C ASN D 292 -18.03 22.38 -24.76
N LYS D 293 -18.85 23.41 -24.55
CA LYS D 293 -18.34 24.70 -24.04
C LYS D 293 -17.75 24.58 -22.64
N GLN D 294 -18.42 23.80 -21.79
CA GLN D 294 -18.00 23.57 -20.40
C GLN D 294 -16.58 23.00 -20.34
N ALA D 295 -16.35 21.91 -21.06
CA ALA D 295 -15.05 21.26 -21.11
C ALA D 295 -13.99 22.16 -21.74
N LEU D 296 -14.37 22.85 -22.81
CA LEU D 296 -13.47 23.77 -23.51
C LEU D 296 -12.89 24.84 -22.58
N GLU D 297 -13.72 25.38 -21.69
CA GLU D 297 -13.26 26.38 -20.73
C GLU D 297 -12.29 25.79 -19.70
N GLY D 298 -12.61 24.60 -19.21
CA GLY D 298 -11.76 23.90 -18.25
C GLY D 298 -10.38 23.59 -18.82
N LEU D 299 -10.35 23.12 -20.06
CA LEU D 299 -9.09 22.87 -20.77
C LEU D 299 -8.30 24.16 -20.96
N GLY D 300 -8.99 25.24 -21.31
CA GLY D 300 -8.36 26.54 -21.48
C GLY D 300 -7.73 27.03 -20.20
N ASP D 301 -8.40 26.78 -19.07
CA ASP D 301 -7.87 27.17 -17.78
C ASP D 301 -6.68 26.30 -17.36
N LEU D 302 -6.69 25.02 -17.71
CA LEU D 302 -5.52 24.18 -17.44
C LEU D 302 -4.33 24.60 -18.28
N LYS D 303 -4.56 24.97 -19.54
CA LYS D 303 -3.50 25.52 -20.38
C LYS D 303 -2.84 26.71 -19.68
N LEU D 304 -3.65 27.59 -19.10
CA LEU D 304 -3.15 28.75 -18.36
C LEU D 304 -2.44 28.34 -17.07
N LEU D 305 -2.98 27.34 -16.40
CA LEU D 305 -2.37 26.80 -15.19
C LEU D 305 -0.94 26.33 -15.48
N PHE D 306 -0.75 25.56 -16.54
CA PHE D 306 0.58 25.01 -16.86
C PHE D 306 1.60 26.11 -17.17
N GLU D 307 1.16 27.22 -17.76
CA GLU D 307 2.03 28.37 -17.95
C GLU D 307 2.56 28.91 -16.62
N TYR D 308 1.67 29.07 -15.65
CA TYR D 308 2.05 29.57 -14.32
C TYR D 308 2.85 28.53 -13.51
N LEU D 309 2.52 27.25 -13.68
CA LEU D 309 3.25 26.20 -12.98
C LEU D 309 4.71 26.15 -13.47
N THR D 310 4.91 26.36 -14.76
CA THR D 310 6.26 26.40 -15.32
C THR D 310 7.07 27.53 -14.69
N LEU D 311 6.44 28.70 -14.55
CA LEU D 311 7.11 29.86 -13.95
C LEU D 311 7.44 29.63 -12.48
N PHE D 312 6.62 28.84 -11.80
CA PHE D 312 6.90 28.45 -10.42
C PHE D 312 7.93 27.32 -10.33
N GLY D 313 8.34 26.79 -11.49
CA GLY D 313 9.35 25.73 -11.53
C GLY D 313 8.86 24.37 -11.05
N ILE D 314 7.59 24.07 -11.27
CA ILE D 314 7.03 22.79 -10.84
C ILE D 314 6.17 22.10 -11.90
N ASP D 315 6.24 22.56 -13.15
CA ASP D 315 5.48 21.91 -14.23
C ASP D 315 5.87 20.44 -14.38
N ASP D 316 7.14 20.11 -14.10
CA ASP D 316 7.62 18.73 -14.16
C ASP D 316 6.96 17.79 -13.12
N LYS D 317 6.38 18.35 -12.07
CA LYS D 317 5.77 17.55 -11.01
C LYS D 317 4.27 17.26 -11.20
N ILE D 318 3.69 17.73 -12.30
CA ILE D 318 2.24 17.68 -12.50
C ILE D 318 1.84 16.72 -13.60
N SER D 319 0.84 15.88 -13.31
CA SER D 319 0.23 14.99 -14.31
C SER D 319 -1.24 15.34 -14.52
N PHE D 320 -1.56 15.76 -15.74
CA PHE D 320 -2.94 15.95 -16.12
C PHE D 320 -3.54 14.57 -16.35
N ASP D 321 -4.41 14.15 -15.44
CA ASP D 321 -4.93 12.79 -15.39
C ASP D 321 -6.46 12.82 -15.42
N LEU D 322 -7.06 12.18 -16.42
CA LEU D 322 -8.52 12.25 -16.60
C LEU D 322 -9.29 11.30 -15.68
N SER D 323 -8.59 10.37 -15.04
CA SER D 323 -9.22 9.47 -14.07
C SER D 323 -9.43 10.15 -12.71
N LEU D 324 -8.76 11.28 -12.49
CA LEU D 324 -8.94 12.00 -11.25
C LEU D 324 -10.29 12.71 -11.21
N ALA D 325 -11.11 12.26 -10.27
CA ALA D 325 -12.29 12.98 -9.85
C ALA D 325 -12.29 12.83 -8.36
N ARG D 326 -12.45 13.91 -7.63
CA ARG D 326 -12.33 13.82 -6.18
C ARG D 326 -13.59 13.22 -5.58
N GLY D 327 -13.56 12.94 -4.29
CA GLY D 327 -14.67 12.28 -3.61
C GLY D 327 -15.82 13.18 -3.17
N LEU D 328 -15.65 14.49 -3.33
CA LEU D 328 -16.59 15.47 -2.76
C LEU D 328 -17.33 16.23 -3.85
N ASP D 329 -18.60 16.51 -3.60
CA ASP D 329 -19.49 17.12 -4.61
C ASP D 329 -19.20 18.59 -4.88
N TYR D 330 -18.56 19.31 -3.96
CA TYR D 330 -18.52 20.77 -4.06
C TYR D 330 -17.47 21.39 -5.01
N TYR D 331 -16.65 20.56 -5.65
CA TYR D 331 -15.63 21.10 -6.55
C TYR D 331 -16.22 21.52 -7.88
N THR D 332 -15.77 22.66 -8.39
CA THR D 332 -16.30 23.26 -9.61
C THR D 332 -15.26 23.45 -10.72
N GLY D 333 -14.02 23.74 -10.33
CA GLY D 333 -12.95 23.98 -11.29
C GLY D 333 -11.87 22.93 -11.12
N VAL D 334 -10.65 23.38 -10.91
CA VAL D 334 -9.52 22.48 -10.84
C VAL D 334 -9.61 21.59 -9.60
N ILE D 335 -9.05 20.38 -9.72
CA ILE D 335 -8.98 19.42 -8.63
C ILE D 335 -7.63 18.73 -8.74
N TYR D 336 -7.11 18.25 -7.61
CA TYR D 336 -5.80 17.63 -7.58
C TYR D 336 -5.60 16.72 -6.37
N GLU D 337 -4.81 15.67 -6.57
CA GLU D 337 -4.32 14.82 -5.50
C GLU D 337 -2.83 14.60 -5.73
N ALA D 338 -2.05 14.69 -4.66
CA ALA D 338 -0.65 14.28 -4.70
C ALA D 338 -0.54 12.85 -4.24
N VAL D 339 0.32 12.08 -4.90
CA VAL D 339 0.60 10.71 -4.52
C VAL D 339 2.09 10.52 -4.42
N LEU D 340 2.52 9.75 -3.43
CA LEU D 340 3.92 9.38 -3.33
C LEU D 340 4.16 8.32 -4.38
N LEU D 341 5.29 8.39 -5.07
CA LEU D 341 5.50 7.45 -6.17
C LEU D 341 5.70 6.03 -5.67
N GLN D 342 6.88 5.77 -5.18
CA GLN D 342 7.13 4.54 -4.48
C GLN D 342 6.79 4.85 -3.01
N THR D 343 5.75 4.19 -2.48
CA THR D 343 5.25 4.43 -1.12
C THR D 343 6.00 3.61 -0.13
N PRO D 344 6.63 4.26 0.87
CA PRO D 344 7.26 3.53 1.99
C PRO D 344 6.29 2.52 2.59
N ALA D 345 6.78 1.33 2.94
CA ALA D 345 5.96 0.35 3.65
C ALA D 345 5.79 0.78 5.10
N SER D 356 -2.74 8.48 -1.66
CA SER D 356 -2.52 9.90 -1.75
C SER D 356 -2.19 10.53 -0.39
N VAL D 357 -1.53 11.67 -0.44
CA VAL D 357 -0.99 12.36 0.73
C VAL D 357 -1.36 13.87 0.84
N ALA D 358 -1.90 14.45 -0.24
CA ALA D 358 -2.46 15.80 -0.22
C ALA D 358 -3.52 15.91 -1.31
N ALA D 359 -4.48 16.82 -1.12
CA ALA D 359 -5.59 16.95 -2.06
C ALA D 359 -6.34 18.26 -1.90
N GLY D 360 -7.08 18.65 -2.94
CA GLY D 360 -7.91 19.87 -2.90
C GLY D 360 -8.47 20.26 -4.25
N GLY D 361 -8.84 21.52 -4.39
CA GLY D 361 -9.41 22.01 -5.64
C GLY D 361 -10.16 23.31 -5.48
N ARG D 362 -10.82 23.75 -6.55
CA ARG D 362 -11.60 24.98 -6.53
C ARG D 362 -13.06 24.67 -6.29
N TYR D 363 -13.70 25.46 -5.43
CA TYR D 363 -15.08 25.24 -5.02
C TYR D 363 -15.86 26.57 -4.95
N ASP D 364 -16.36 27.01 -6.10
CA ASP D 364 -16.90 28.37 -6.24
C ASP D 364 -18.37 28.50 -5.78
N GLY D 365 -19.03 27.39 -5.51
CA GLY D 365 -20.44 27.43 -5.12
C GLY D 365 -20.74 27.36 -3.64
N LEU D 366 -19.78 26.93 -2.84
CA LEU D 366 -20.04 26.54 -1.45
C LEU D 366 -20.47 27.68 -0.52
N VAL D 367 -19.76 28.79 -0.54
CA VAL D 367 -20.14 29.94 0.28
C VAL D 367 -21.54 30.45 -0.14
N GLY D 368 -21.87 30.31 -1.42
CA GLY D 368 -23.16 30.70 -1.94
C GLY D 368 -24.33 29.94 -1.33
N MET D 369 -24.10 28.68 -0.97
CA MET D 369 -25.13 27.87 -0.31
C MET D 369 -25.45 28.37 1.10
N PHE D 370 -24.46 29.01 1.73
CA PHE D 370 -24.61 29.52 3.09
C PHE D 370 -25.15 30.94 3.14
N ASP D 371 -24.73 31.79 2.19
CA ASP D 371 -25.16 33.18 2.19
C ASP D 371 -26.68 33.25 2.05
N PRO D 372 -27.33 34.05 2.92
CA PRO D 372 -28.78 34.28 2.84
C PRO D 372 -29.26 34.64 1.43
N LYS D 373 -28.54 35.54 0.76
CA LYS D 373 -28.92 36.03 -0.56
C LYS D 373 -28.20 35.34 -1.72
N GLY D 374 -27.58 34.20 -1.44
CA GLY D 374 -26.92 33.38 -2.46
C GLY D 374 -25.62 33.91 -3.05
N ARG D 375 -25.08 35.00 -2.49
CA ARG D 375 -23.90 35.64 -3.06
C ARG D 375 -22.70 34.71 -2.98
N LYS D 376 -22.04 34.51 -4.12
CA LYS D 376 -20.93 33.56 -4.23
C LYS D 376 -19.59 34.20 -3.91
N VAL D 377 -18.68 33.36 -3.41
CA VAL D 377 -17.31 33.77 -3.14
C VAL D 377 -16.40 32.66 -3.66
N PRO D 378 -15.71 32.90 -4.78
CA PRO D 378 -14.80 31.87 -5.29
C PRO D 378 -13.74 31.48 -4.26
N CYS D 379 -13.47 30.18 -4.15
CA CYS D 379 -12.46 29.65 -3.22
C CYS D 379 -11.66 28.55 -3.87
N VAL D 380 -10.37 28.50 -3.58
CA VAL D 380 -9.53 27.39 -4.01
C VAL D 380 -8.62 26.99 -2.86
N GLY D 381 -8.32 25.70 -2.73
CA GLY D 381 -7.58 25.23 -1.58
C GLY D 381 -6.95 23.86 -1.67
N LEU D 382 -6.32 23.47 -0.57
CA LEU D 382 -5.60 22.22 -0.46
C LEU D 382 -5.60 21.77 0.97
N SER D 383 -5.36 20.49 1.15
CA SER D 383 -5.30 19.89 2.46
C SER D 383 -4.20 18.84 2.40
N ILE D 384 -3.41 18.76 3.46
CA ILE D 384 -2.30 17.82 3.51
C ILE D 384 -2.61 16.75 4.55
N GLY D 385 -2.63 15.50 4.11
CA GLY D 385 -2.94 14.38 4.98
C GLY D 385 -1.68 13.97 5.68
N VAL D 386 -1.57 14.30 6.97
CA VAL D 386 -0.31 14.09 7.67
C VAL D 386 -0.17 12.72 8.32
N GLU D 387 -1.24 11.93 8.36
CA GLU D 387 -1.21 10.68 9.09
C GLU D 387 -0.29 9.66 8.43
N ARG D 388 -0.28 9.61 7.11
CA ARG D 388 0.66 8.75 6.39
C ARG D 388 2.10 9.27 6.55
N ILE D 389 2.24 10.60 6.56
CA ILE D 389 3.53 11.24 6.69
C ILE D 389 4.18 10.97 8.04
N PHE D 390 3.40 10.94 9.12
CA PHE D 390 3.94 10.64 10.44
C PHE D 390 4.61 9.27 10.46
N SER D 391 4.03 8.28 9.77
CA SER D 391 4.58 6.91 9.77
C SER D 391 5.93 6.91 9.07
N ILE D 392 5.98 7.62 7.95
CA ILE D 392 7.18 7.70 7.13
C ILE D 392 8.29 8.43 7.87
N VAL D 393 7.95 9.55 8.50
CA VAL D 393 8.95 10.33 9.23
C VAL D 393 9.44 9.55 10.44
N GLU D 394 8.57 8.79 11.09
CA GLU D 394 9.00 7.99 12.22
C GLU D 394 9.94 6.88 11.74
N GLN D 395 9.57 6.25 10.61
CA GLN D 395 10.34 5.19 9.95
C GLN D 395 11.73 5.68 9.54
N ARG D 396 11.86 6.96 9.19
CA ARG D 396 13.16 7.56 8.87
C ARG D 396 14.04 7.65 10.12
N LEU D 397 13.44 8.05 11.24
CA LEU D 397 14.19 8.25 12.49
C LEU D 397 14.57 6.91 13.14
N GLU D 398 13.70 5.89 13.02
CA GLU D 398 14.04 4.52 13.42
C GLU D 398 15.20 3.95 12.60
N ALA D 399 15.31 4.36 11.34
CA ALA D 399 16.39 3.92 10.44
C ALA D 399 17.75 4.46 10.85
N LEU D 400 17.79 5.72 11.28
CA LEU D 400 19.01 6.21 11.91
C LEU D 400 19.12 5.63 13.30
N GLU D 401 18.21 4.71 13.66
CA GLU D 401 18.07 4.15 15.00
C GLU D 401 18.24 5.20 16.07
N GLU D 402 17.81 6.43 15.80
CA GLU D 402 18.19 7.54 16.66
C GLU D 402 17.19 7.79 17.79
N LYS D 403 17.73 8.31 18.89
CA LYS D 403 17.03 8.51 20.15
C LYS D 403 16.65 9.98 20.23
N ILE D 404 15.43 10.29 19.79
CA ILE D 404 14.87 11.65 19.94
C ILE D 404 14.32 11.91 21.34
N ARG D 405 14.55 13.13 21.85
CA ARG D 405 14.14 13.46 23.20
C ARG D 405 12.67 13.81 23.21
N THR D 406 12.05 13.68 24.38
CA THR D 406 10.66 14.07 24.56
C THR D 406 10.51 15.15 25.65
N THR D 407 11.64 15.66 26.15
CA THR D 407 11.69 16.80 27.07
C THR D 407 12.84 17.71 26.67
N GLU D 408 12.87 18.91 27.23
CA GLU D 408 13.92 19.88 26.91
C GLU D 408 14.77 20.26 28.13
N THR D 409 14.65 19.49 29.19
CA THR D 409 15.40 19.72 30.42
C THR D 409 16.89 19.86 30.13
N GLN D 410 17.48 20.95 30.62
CA GLN D 410 18.88 21.24 30.38
C GLN D 410 19.76 20.70 31.49
N VAL D 411 19.20 20.56 32.69
CA VAL D 411 19.99 20.20 33.83
C VAL D 411 19.16 19.44 34.87
N LEU D 412 19.81 18.51 35.56
CA LEU D 412 19.22 17.86 36.74
C LEU D 412 20.00 18.28 37.99
N VAL D 413 19.30 18.81 38.97
CA VAL D 413 19.92 19.16 40.23
C VAL D 413 20.01 17.88 41.04
N ALA D 414 21.21 17.60 41.56
CA ALA D 414 21.53 16.29 42.11
C ALA D 414 22.44 16.37 43.31
N SER D 415 22.48 15.30 44.09
CA SER D 415 23.48 15.17 45.15
C SER D 415 23.74 13.72 45.52
N ALA D 416 24.98 13.46 45.93
CA ALA D 416 25.41 12.12 46.27
C ALA D 416 25.23 11.86 47.75
N GLN D 417 25.33 12.92 48.56
CA GLN D 417 25.22 12.81 50.03
C GLN D 417 23.78 12.85 50.50
N LYS D 418 23.59 12.67 51.80
CA LYS D 418 22.26 12.72 52.42
C LYS D 418 21.96 14.07 53.06
N LYS D 419 20.71 14.26 53.46
CA LYS D 419 20.24 15.49 54.12
C LYS D 419 20.31 16.78 53.28
N LEU D 420 20.17 16.69 51.96
CA LEU D 420 20.36 17.85 51.08
C LEU D 420 19.16 18.13 50.17
N LEU D 421 18.01 17.57 50.48
CA LEU D 421 16.82 17.81 49.67
C LEU D 421 16.44 19.29 49.69
N GLU D 422 16.53 19.92 50.84
CA GLU D 422 16.14 21.32 50.99
C GLU D 422 16.98 22.21 50.08
N GLU D 423 18.29 22.00 50.09
CA GLU D 423 19.21 22.78 49.26
C GLU D 423 18.98 22.52 47.78
N ARG D 424 18.61 21.29 47.42
CA ARG D 424 18.28 20.99 46.02
C ARG D 424 17.00 21.69 45.56
N LEU D 425 16.00 21.78 46.44
CA LEU D 425 14.76 22.48 46.12
C LEU D 425 15.02 23.98 45.95
N LYS D 426 15.88 24.56 46.79
CA LYS D 426 16.32 25.94 46.63
C LYS D 426 16.92 26.16 45.25
N LEU D 427 17.84 25.28 44.87
CA LEU D 427 18.61 25.49 43.65
C LEU D 427 17.75 25.32 42.41
N VAL D 428 16.94 24.26 42.37
CA VAL D 428 16.09 24.00 41.20
C VAL D 428 15.09 25.14 40.99
N SER D 429 14.63 25.75 42.10
CA SER D 429 13.70 26.87 42.05
C SER D 429 14.40 28.15 41.56
N GLU D 430 15.61 28.40 42.07
CA GLU D 430 16.51 29.46 41.53
C GLU D 430 16.62 29.36 40.01
N LEU D 431 16.84 28.14 39.52
CA LEU D 431 16.99 27.90 38.09
C LEU D 431 15.70 28.15 37.33
N TRP D 432 14.59 27.64 37.86
CA TRP D 432 13.29 27.89 37.25
C TRP D 432 13.06 29.38 37.11
N ASP D 433 13.42 30.15 38.12
CA ASP D 433 13.21 31.60 38.11
C ASP D 433 14.10 32.31 37.10
N ALA D 434 15.20 31.67 36.74
CA ALA D 434 16.11 32.21 35.73
C ALA D 434 15.78 31.70 34.31
N GLY D 435 14.72 30.91 34.19
CA GLY D 435 14.24 30.44 32.89
C GLY D 435 14.90 29.17 32.42
N ILE D 436 15.71 28.56 33.29
CA ILE D 436 16.42 27.35 32.95
C ILE D 436 15.49 26.16 33.14
N LYS D 437 15.58 25.18 32.24
CA LYS D 437 14.72 24.02 32.27
C LYS D 437 15.38 22.95 33.14
N ALA D 438 14.85 22.76 34.35
CA ALA D 438 15.54 22.01 35.38
C ALA D 438 14.62 21.02 36.05
N GLU D 439 15.19 19.91 36.50
CA GLU D 439 14.44 18.89 37.22
C GLU D 439 15.24 18.43 38.42
N LEU D 440 14.56 17.68 39.29
CA LEU D 440 15.23 16.88 40.32
C LEU D 440 14.44 15.60 40.54
N LEU D 441 15.09 14.59 41.08
CA LEU D 441 14.38 13.37 41.46
C LEU D 441 13.61 13.66 42.74
N TYR D 442 12.40 13.13 42.82
CA TYR D 442 11.51 13.34 43.97
C TYR D 442 11.86 12.39 45.11
N LYS D 443 13.08 12.54 45.62
CA LYS D 443 13.67 11.64 46.61
C LYS D 443 14.43 12.42 47.66
N LYS D 444 14.28 12.02 48.92
CA LYS D 444 15.03 12.66 50.01
C LYS D 444 16.54 12.46 49.79
N ASN D 445 16.98 11.22 49.61
CA ASN D 445 18.42 10.89 49.45
C ASN D 445 18.66 9.95 48.28
N PRO D 446 18.59 10.48 47.05
CA PRO D 446 18.76 9.66 45.87
C PRO D 446 20.22 9.24 45.68
N LYS D 447 20.44 8.10 45.04
CA LYS D 447 21.80 7.66 44.65
C LYS D 447 22.23 8.39 43.37
N LEU D 448 23.50 8.78 43.31
CA LEU D 448 24.03 9.53 42.17
C LEU D 448 23.95 8.71 40.89
N LEU D 449 24.19 7.41 40.99
CA LEU D 449 24.13 6.54 39.83
C LEU D 449 22.75 6.58 39.16
N ASN D 450 21.68 6.54 39.98
CA ASN D 450 20.32 6.60 39.46
C ASN D 450 20.02 7.97 38.83
N GLN D 451 20.58 9.02 39.42
CA GLN D 451 20.41 10.37 38.90
C GLN D 451 21.08 10.54 37.53
N LEU D 452 22.23 9.90 37.33
CA LEU D 452 22.89 9.92 36.03
C LEU D 452 22.13 9.06 35.02
N GLN D 453 21.57 7.94 35.47
CA GLN D 453 20.79 7.07 34.58
C GLN D 453 19.51 7.75 34.11
N TYR D 454 18.86 8.50 35.00
CA TYR D 454 17.68 9.28 34.61
C TYR D 454 18.03 10.24 33.48
N CYS D 455 19.20 10.85 33.56
CA CYS D 455 19.65 11.79 32.54
C CYS D 455 20.01 11.11 31.24
N GLU D 456 20.73 9.99 31.30
CA GLU D 456 21.09 9.24 30.10
C GLU D 456 19.85 8.90 29.28
N GLU D 457 18.83 8.38 29.94
CA GLU D 457 17.60 7.98 29.27
C GLU D 457 16.77 9.14 28.73
N ALA D 458 16.72 10.24 29.48
CA ALA D 458 15.96 11.44 29.09
C ALA D 458 16.68 12.31 28.04
N GLY D 459 18.00 12.15 27.95
CA GLY D 459 18.82 12.98 27.09
C GLY D 459 19.24 14.28 27.74
N ILE D 460 19.20 14.33 29.07
CA ILE D 460 19.58 15.55 29.79
C ILE D 460 21.10 15.68 29.77
N PRO D 461 21.60 16.80 29.23
CA PRO D 461 23.05 16.95 29.03
C PRO D 461 23.87 17.30 30.26
N LEU D 462 23.26 17.90 31.29
CA LEU D 462 24.02 18.36 32.45
C LEU D 462 23.44 17.90 33.79
N VAL D 463 24.32 17.79 34.78
CA VAL D 463 23.94 17.50 36.15
C VAL D 463 24.69 18.45 37.06
N ALA D 464 23.95 19.15 37.90
CA ALA D 464 24.52 20.08 38.86
C ALA D 464 24.52 19.42 40.22
N ILE D 465 25.71 19.07 40.71
CA ILE D 465 25.83 18.29 41.93
C ILE D 465 26.16 19.19 43.14
N ILE D 466 25.37 19.03 44.21
CA ILE D 466 25.58 19.75 45.46
C ILE D 466 26.15 18.81 46.52
N GLY D 467 27.08 19.35 47.32
CA GLY D 467 27.61 18.66 48.50
C GLY D 467 27.80 19.68 49.60
N GLU D 468 27.93 19.22 50.85
CA GLU D 468 28.16 20.12 51.97
C GLU D 468 29.32 21.09 51.74
N GLN D 469 30.44 20.58 51.26
CA GLN D 469 31.62 21.43 51.02
C GLN D 469 31.39 22.45 49.91
N GLU D 470 30.63 22.08 48.89
CA GLU D 470 30.38 22.95 47.73
C GLU D 470 29.50 24.14 48.12
N LEU D 471 28.55 23.92 49.04
CA LEU D 471 27.72 25.01 49.57
C LEU D 471 28.56 25.98 50.39
N LYS D 472 29.38 25.45 51.28
CA LYS D 472 30.35 26.26 52.02
C LYS D 472 31.17 27.14 51.08
N ASP D 473 31.71 26.55 50.01
CA ASP D 473 32.59 27.26 49.07
C ASP D 473 31.85 28.14 48.06
N GLY D 474 30.54 27.97 47.94
CA GLY D 474 29.75 28.79 47.03
C GLY D 474 29.86 28.35 45.58
N VAL D 475 30.11 27.05 45.38
CA VAL D 475 30.27 26.48 44.04
C VAL D 475 29.30 25.32 43.84
N ILE D 476 29.27 24.81 42.61
CA ILE D 476 28.48 23.67 42.23
C ILE D 476 29.31 22.79 41.32
N LYS D 477 29.31 21.48 41.53
CA LYS D 477 29.99 20.57 40.61
C LYS D 477 29.07 20.34 39.42
N LEU D 478 29.50 20.76 38.24
CA LEU D 478 28.70 20.62 37.03
C LEU D 478 29.30 19.53 36.16
N ARG D 479 28.53 18.46 35.94
CA ARG D 479 29.03 17.33 35.18
C ARG D 479 28.23 17.12 33.91
N SER D 480 28.96 16.90 32.81
CA SER D 480 28.37 16.62 31.52
C SER D 480 27.99 15.16 31.48
N VAL D 481 26.74 14.90 31.17
CA VAL D 481 26.22 13.54 31.16
C VAL D 481 26.83 12.74 30.01
N THR D 482 27.10 13.39 28.88
CA THR D 482 27.59 12.67 27.70
C THR D 482 29.11 12.47 27.71
N SER D 483 29.88 13.47 28.16
CA SER D 483 31.33 13.35 28.23
C SER D 483 31.86 12.87 29.59
N ARG D 484 31.03 13.03 30.63
CA ARG D 484 31.38 12.62 32.00
C ARG D 484 32.43 13.50 32.68
N GLU D 485 32.77 14.64 32.07
CA GLU D 485 33.75 15.55 32.64
C GLU D 485 33.04 16.46 33.64
N GLU D 486 33.71 16.76 34.75
CA GLU D 486 33.11 17.51 35.85
C GLU D 486 33.96 18.74 36.09
N VAL D 487 33.31 19.88 36.25
CA VAL D 487 34.00 21.13 36.51
C VAL D 487 33.29 21.84 37.67
N ASP D 488 34.08 22.46 38.54
CA ASP D 488 33.54 23.32 39.60
C ASP D 488 33.10 24.64 38.96
N VAL D 489 31.93 25.11 39.34
CA VAL D 489 31.37 26.35 38.79
C VAL D 489 30.77 27.18 39.92
N ARG D 490 31.15 28.45 39.96
CA ARG D 490 30.73 29.36 41.01
C ARG D 490 29.22 29.55 40.87
N ARG D 491 28.50 29.51 42.00
CA ARG D 491 27.03 29.51 41.96
C ARG D 491 26.41 30.72 41.23
N GLU D 492 27.07 31.88 41.32
CA GLU D 492 26.69 33.10 40.56
C GLU D 492 26.76 32.87 39.05
N ASP D 493 27.74 32.09 38.61
CA ASP D 493 27.98 31.84 37.19
C ASP D 493 27.14 30.68 36.61
N LEU D 494 26.51 29.90 37.48
CA LEU D 494 25.82 28.67 37.06
C LEU D 494 24.78 28.85 35.94
N VAL D 495 23.92 29.85 36.04
CA VAL D 495 22.90 30.07 35.03
C VAL D 495 23.56 30.37 33.67
N GLU D 496 24.48 31.32 33.64
CA GLU D 496 25.17 31.68 32.38
C GLU D 496 25.91 30.46 31.81
N GLU D 497 26.57 29.70 32.66
CA GLU D 497 27.33 28.53 32.22
C GLU D 497 26.43 27.46 31.62
N ILE D 498 25.25 27.24 32.20
CA ILE D 498 24.29 26.29 31.65
C ILE D 498 23.80 26.74 30.28
N LYS D 499 23.48 28.02 30.14
CA LYS D 499 23.01 28.58 28.88
C LYS D 499 24.05 28.48 27.80
N ARG D 500 25.30 28.75 28.18
CA ARG D 500 26.40 28.76 27.23
C ARG D 500 26.66 27.35 26.68
N ARG D 501 26.39 26.33 27.48
CA ARG D 501 26.58 24.94 27.06
C ARG D 501 25.41 24.30 26.31
N THR D 502 24.20 24.81 26.48
CA THR D 502 23.01 24.20 25.88
C THR D 502 22.34 25.15 24.87
N GLY D 503 23.14 25.79 24.02
CA GLY D 503 22.69 26.69 22.95
C GLY D 503 22.82 28.17 23.31
N GLN D 504 21.72 28.95 23.26
CA GLN D 504 21.75 30.40 23.49
C GLN D 504 21.40 30.72 24.95
N HIS E . 6.65 -21.01 -0.55
CA HIS E . 7.06 -19.72 0.05
C HIS E . 6.02 -18.64 -0.19
O HIS E . 5.18 -18.72 -1.09
CB HIS E . 8.38 -19.25 -0.51
CG HIS E . 9.46 -20.28 -0.45
ND1 HIS E . 10.06 -20.66 0.74
CD2 HIS E . 10.06 -21.02 -1.42
CE1 HIS E . 10.96 -21.58 0.49
NE2 HIS E . 10.99 -21.82 -0.81
OXT HIS E . 6.00 -17.64 0.51
C1 GOL F . 21.72 -35.10 -10.09
O1 GOL F . 20.30 -35.15 -9.95
C2 GOL F . 22.34 -35.26 -8.72
O2 GOL F . 22.02 -34.12 -7.92
C3 GOL F . 21.81 -36.51 -8.07
O3 GOL F . 20.68 -36.14 -7.26
N HIS G . -11.61 -26.23 -27.90
CA HIS G . -11.78 -27.43 -28.77
C HIS G . -11.46 -28.66 -27.96
O HIS G . -11.45 -29.78 -28.49
CB HIS G . -10.83 -27.35 -29.95
CG HIS G . -10.84 -26.04 -30.67
ND1 HIS G . -11.86 -25.66 -31.50
CD2 HIS G . -9.95 -25.02 -30.67
CE1 HIS G . -11.59 -24.47 -32.00
NE2 HIS G . -10.45 -24.06 -31.50
OXT HIS G . -11.17 -28.55 -26.77
C1 GOL H . -4.76 -7.86 -36.34
O1 GOL H . -3.47 -7.23 -36.19
C2 GOL H . -5.75 -6.93 -35.68
O2 GOL H . -5.31 -5.61 -35.95
C3 GOL H . -5.67 -7.13 -34.18
O3 GOL H . -4.27 -7.22 -33.86
N HIS I . -9.17 18.03 35.38
CA HIS I . -9.59 18.94 36.49
C HIS I . -10.67 19.88 36.01
O HIS I . -11.11 19.83 34.86
CB HIS I . -8.40 19.73 37.00
CG HIS I . -7.19 18.90 37.28
ND1 HIS I . -7.10 18.05 38.35
CD2 HIS I . -6.02 18.78 36.61
CE1 HIS I . -5.92 17.45 38.34
NE2 HIS I . -5.25 17.88 37.29
OXT HIS I . -11.13 20.71 36.78
C1 GOL J . 10.91 7.69 33.81
O1 GOL J . 11.62 8.59 34.65
C2 GOL J . 9.71 8.46 33.26
O2 GOL J . 8.63 7.56 33.03
C3 GOL J . 10.14 9.17 31.99
O3 GOL J . 11.23 10.01 32.37
C1 GOL K . -6.53 40.45 3.98
O1 GOL K . -7.27 39.93 5.09
C2 GOL K . -7.51 40.83 2.91
O2 GOL K . -6.82 40.87 1.68
C3 GOL K . -8.08 42.21 3.15
O3 GOL K . -8.14 42.45 4.55
N HIS L . -11.66 19.53 2.55
CA HIS L . -11.03 18.71 1.47
C HIS L . -10.92 17.27 1.92
O HIS L . -10.64 16.37 1.13
CB HIS L . -9.67 19.27 1.11
CG HIS L . -9.73 20.67 0.60
ND1 HIS L . -10.33 21.00 -0.59
CD2 HIS L . -9.30 21.84 1.14
CE1 HIS L . -10.25 22.31 -0.78
NE2 HIS L . -9.62 22.84 0.26
OXT HIS L . -11.14 16.99 3.11
#